data_5WWW
# 
_entry.id   5WWW 
# 
_audit_conform.dict_name       mmcif_pdbx.dic 
_audit_conform.dict_version    5.380 
_audit_conform.dict_location   http://mmcif.pdb.org/dictionaries/ascii/mmcif_pdbx.dic 
# 
loop_
_database_2.database_id 
_database_2.database_code 
_database_2.pdbx_database_accession 
_database_2.pdbx_DOI 
PDB   5WWW         pdb_00005www 10.2210/pdb5www/pdb 
WWPDB D_1300002529 ?            ?                   
# 
loop_
_pdbx_database_related.db_name 
_pdbx_database_related.details 
_pdbx_database_related.db_id 
_pdbx_database_related.content_type 
PDB . 5WWX unspecified 
PDB . 5WWZ unspecified 
# 
_pdbx_database_status.status_code                     REL 
_pdbx_database_status.status_code_sf                  REL 
_pdbx_database_status.status_code_mr                  ? 
_pdbx_database_status.entry_id                        5WWW 
_pdbx_database_status.recvd_initial_deposition_date   2017-01-05 
_pdbx_database_status.SG_entry                        N 
_pdbx_database_status.deposit_site                    PDBJ 
_pdbx_database_status.process_site                    PDBJ 
_pdbx_database_status.status_code_cs                  ? 
_pdbx_database_status.methods_development_category    ? 
_pdbx_database_status.pdb_format_compatible           Y 
_pdbx_database_status.status_code_nmr_data            ? 
# 
loop_
_audit_author.name 
_audit_author.pdbx_ordinal 
_audit_author.identifier_ORCID 
'Yang, L.' 1 ? 
'Wang, C.' 2 ? 
'Li, F.'   3 ? 
'Gong, Q.' 4 ? 
# 
_citation.abstract                  ? 
_citation.abstract_id_CAS           ? 
_citation.book_id_ISBN              ? 
_citation.book_publisher            ? 
_citation.book_publisher_city       ? 
_citation.book_title                ? 
_citation.coordinate_linkage        ? 
_citation.country                   US 
_citation.database_id_Medline       ? 
_citation.details                   ? 
_citation.id                        primary 
_citation.journal_abbrev            'J. Biol. Chem.' 
_citation.journal_id_ASTM           JBCHA3 
_citation.journal_id_CSD            0071 
_citation.journal_id_ISSN           1083-351X 
_citation.journal_full              ? 
_citation.journal_issue             ? 
_citation.journal_volume            292 
_citation.language                  ? 
_citation.page_first                16221 
_citation.page_last                 16234 
_citation.title                     
'The human RNA-binding protein and E3 ligase MEX-3C binds the MEX-3-recognition element (MRE) motif with high affinity' 
_citation.year                      2017 
_citation.database_id_CSD           ? 
_citation.pdbx_database_id_DOI      10.1074/jbc.M117.797746 
_citation.pdbx_database_id_PubMed   28808060 
_citation.unpublished_flag          ? 
# 
loop_
_citation_author.citation_id 
_citation_author.name 
_citation_author.ordinal 
_citation_author.identifier_ORCID 
primary 'Yang, L.'  1 ? 
primary 'Wang, C.'  2 ? 
primary 'Li, F.'    3 ? 
primary 'Zhang, J.' 4 ? 
primary 'Nayab, A.' 5 ? 
primary 'Wu, J.'    6 ? 
primary 'Shi, Y.'   7 ? 
primary 'Gong, Q.'  8 ? 
# 
_cell.length_a           76.366 
_cell.length_b           76.366 
_cell.length_c           36.392 
_cell.angle_alpha        90.000 
_cell.angle_beta         90.000 
_cell.angle_gamma        120.000 
_cell.entry_id           5WWW 
_cell.Z_PDB              6 
_cell.pdbx_unique_axis   ? 
# 
_symmetry.space_group_name_H-M             'P 62' 
_symmetry.entry_id                         5WWW 
_symmetry.Int_Tables_number                171 
_symmetry.pdbx_full_space_group_name_H-M   ? 
_symmetry.cell_setting                     ? 
# 
loop_
_entity.id 
_entity.type 
_entity.src_method 
_entity.pdbx_description 
_entity.formula_weight 
_entity.pdbx_number_of_molecules 
_entity.pdbx_ec 
_entity.pdbx_mutation 
_entity.pdbx_fragment 
_entity.details 
1 polymer man 'RNA-binding E3 ubiquitin-protein ligase MEX3C' 10512.194 1  2.3.2.27 ? 'KH1 domain, UNP residues 221-306' ? 
2 polymer syn 
;RNA (5'-R(*GP*UP*UP*UP*AP*G)-3')
;
1893.157  1  ?        ? ?                                  ? 
3 water   nat water                                           18.015    93 ?        ? ?                                  ? 
# 
_entity_name_com.entity_id   1 
_entity_name_com.name        
'RING finger and KH domain-containing protein 2,RING finger protein 194,RING-type E3 ubiquitin transferase MEX3C' 
# 
loop_
_entity_poly.entity_id 
_entity_poly.type 
_entity_poly.nstd_linkage 
_entity_poly.nstd_monomer 
_entity_poly.pdbx_seq_one_letter_code 
_entity_poly.pdbx_seq_one_letter_code_can 
_entity_poly.pdbx_strand_id 
_entity_poly.pdbx_target_identifier 
1 'polypeptide(L)'   no no 
;GHHHHHHMQAALLRRKSVNTTECVPVPSSEHVAEIVGRQGCKIKALRAKTNTYIKTPVRGEEPIFVVTGRKEDVAMAKRE
ILSAAEHFSMIRAS
;
;GHHHHHHMQAALLRRKSVNTTECVPVPSSEHVAEIVGRQGCKIKALRAKTNTYIKTPVRGEEPIFVVTGRKEDVAMAKRE
ILSAAEHFSMIRAS
;
A ? 
2 polyribonucleotide no no GUUUAG                                                                                            
GUUUAG                                                                                            B ? 
# 
loop_
_entity_poly_seq.entity_id 
_entity_poly_seq.num 
_entity_poly_seq.mon_id 
_entity_poly_seq.hetero 
1 1  GLY n 
1 2  HIS n 
1 3  HIS n 
1 4  HIS n 
1 5  HIS n 
1 6  HIS n 
1 7  HIS n 
1 8  MET n 
1 9  GLN n 
1 10 ALA n 
1 11 ALA n 
1 12 LEU n 
1 13 LEU n 
1 14 ARG n 
1 15 ARG n 
1 16 LYS n 
1 17 SER n 
1 18 VAL n 
1 19 ASN n 
1 20 THR n 
1 21 THR n 
1 22 GLU n 
1 23 CYS n 
1 24 VAL n 
1 25 PRO n 
1 26 VAL n 
1 27 PRO n 
1 28 SER n 
1 29 SER n 
1 30 GLU n 
1 31 HIS n 
1 32 VAL n 
1 33 ALA n 
1 34 GLU n 
1 35 ILE n 
1 36 VAL n 
1 37 GLY n 
1 38 ARG n 
1 39 GLN n 
1 40 GLY n 
1 41 CYS n 
1 42 LYS n 
1 43 ILE n 
1 44 LYS n 
1 45 ALA n 
1 46 LEU n 
1 47 ARG n 
1 48 ALA n 
1 49 LYS n 
1 50 THR n 
1 51 ASN n 
1 52 THR n 
1 53 TYR n 
1 54 ILE n 
1 55 LYS n 
1 56 THR n 
1 57 PRO n 
1 58 VAL n 
1 59 ARG n 
1 60 GLY n 
1 61 GLU n 
1 62 GLU n 
1 63 PRO n 
1 64 ILE n 
1 65 PHE n 
1 66 VAL n 
1 67 VAL n 
1 68 THR n 
1 69 GLY n 
1 70 ARG n 
1 71 LYS n 
1 72 GLU n 
1 73 ASP n 
1 74 VAL n 
1 75 ALA n 
1 76 MET n 
1 77 ALA n 
1 78 LYS n 
1 79 ARG n 
1 80 GLU n 
1 81 ILE n 
1 82 LEU n 
1 83 SER n 
1 84 ALA n 
1 85 ALA n 
1 86 GLU n 
1 87 HIS n 
1 88 PHE n 
1 89 SER n 
1 90 MET n 
1 91 ILE n 
1 92 ARG n 
1 93 ALA n 
1 94 SER n 
2 1  G   n 
2 2  U   n 
2 3  U   n 
2 4  U   n 
2 5  A   n 
2 6  G   n 
# 
_entity_src_gen.entity_id                          1 
_entity_src_gen.pdbx_src_id                        1 
_entity_src_gen.pdbx_alt_source_flag               sample 
_entity_src_gen.pdbx_seq_type                      'Biological sequence' 
_entity_src_gen.pdbx_beg_seq_num                   1 
_entity_src_gen.pdbx_end_seq_num                   94 
_entity_src_gen.gene_src_common_name               Human 
_entity_src_gen.gene_src_genus                     ? 
_entity_src_gen.pdbx_gene_src_gene                 'MEX3C, RKHD2, RNF194, BM-013' 
_entity_src_gen.gene_src_species                   ? 
_entity_src_gen.gene_src_strain                    ? 
_entity_src_gen.gene_src_tissue                    ? 
_entity_src_gen.gene_src_tissue_fraction           ? 
_entity_src_gen.gene_src_details                   ? 
_entity_src_gen.pdbx_gene_src_fragment             ? 
_entity_src_gen.pdbx_gene_src_scientific_name      'Homo sapiens' 
_entity_src_gen.pdbx_gene_src_ncbi_taxonomy_id     9606 
_entity_src_gen.pdbx_gene_src_variant              ? 
_entity_src_gen.pdbx_gene_src_cell_line            ? 
_entity_src_gen.pdbx_gene_src_atcc                 ? 
_entity_src_gen.pdbx_gene_src_organ                ? 
_entity_src_gen.pdbx_gene_src_organelle            ? 
_entity_src_gen.pdbx_gene_src_cell                 ? 
_entity_src_gen.pdbx_gene_src_cellular_location    ? 
_entity_src_gen.host_org_common_name               ? 
_entity_src_gen.pdbx_host_org_scientific_name      'Escherichia coli' 
_entity_src_gen.pdbx_host_org_ncbi_taxonomy_id     562 
_entity_src_gen.host_org_genus                     ? 
_entity_src_gen.pdbx_host_org_gene                 ? 
_entity_src_gen.pdbx_host_org_organ                ? 
_entity_src_gen.host_org_species                   ? 
_entity_src_gen.pdbx_host_org_tissue               ? 
_entity_src_gen.pdbx_host_org_tissue_fraction      ? 
_entity_src_gen.pdbx_host_org_strain               ? 
_entity_src_gen.pdbx_host_org_variant              ? 
_entity_src_gen.pdbx_host_org_cell_line            ? 
_entity_src_gen.pdbx_host_org_atcc                 ? 
_entity_src_gen.pdbx_host_org_culture_collection   ? 
_entity_src_gen.pdbx_host_org_cell                 ? 
_entity_src_gen.pdbx_host_org_organelle            ? 
_entity_src_gen.pdbx_host_org_cellular_location    ? 
_entity_src_gen.pdbx_host_org_vector_type          plasmid 
_entity_src_gen.pdbx_host_org_vector               ? 
_entity_src_gen.host_org_details                   ? 
_entity_src_gen.expression_system_id               ? 
_entity_src_gen.plasmid_name                       ? 
_entity_src_gen.plasmid_details                    ? 
_entity_src_gen.pdbx_description                   ? 
# 
_pdbx_entity_src_syn.entity_id              2 
_pdbx_entity_src_syn.pdbx_src_id            1 
_pdbx_entity_src_syn.pdbx_alt_source_flag   sample 
_pdbx_entity_src_syn.pdbx_beg_seq_num       1 
_pdbx_entity_src_syn.pdbx_end_seq_num       6 
_pdbx_entity_src_syn.organism_scientific    'synthetic construct' 
_pdbx_entity_src_syn.organism_common_name   ? 
_pdbx_entity_src_syn.ncbi_taxonomy_id       32630 
_pdbx_entity_src_syn.details                ? 
# 
loop_
_struct_ref.id 
_struct_ref.db_name 
_struct_ref.db_code 
_struct_ref.pdbx_db_accession 
_struct_ref.pdbx_db_isoform 
_struct_ref.entity_id 
_struct_ref.pdbx_seq_one_letter_code 
_struct_ref.pdbx_align_begin 
1 UNP MEX3C_HUMAN Q5U5Q3 ? 1 
;QAALLRRKSVNTTECVPVPSSEHVAEIVGRQGCKIKALRAKTNTYIKTPVRGEEPIFVVTGRKEDVAMAKREILSAAEHF
SMIRAS
;
221 
2 PDB 5WWW        5WWW   ? 2 ?                                                                                         1   
# 
loop_
_struct_ref_seq.align_id 
_struct_ref_seq.ref_id 
_struct_ref_seq.pdbx_PDB_id_code 
_struct_ref_seq.pdbx_strand_id 
_struct_ref_seq.seq_align_beg 
_struct_ref_seq.pdbx_seq_align_beg_ins_code 
_struct_ref_seq.seq_align_end 
_struct_ref_seq.pdbx_seq_align_end_ins_code 
_struct_ref_seq.pdbx_db_accession 
_struct_ref_seq.db_align_beg 
_struct_ref_seq.pdbx_db_align_beg_ins_code 
_struct_ref_seq.db_align_end 
_struct_ref_seq.pdbx_db_align_end_ins_code 
_struct_ref_seq.pdbx_auth_seq_align_beg 
_struct_ref_seq.pdbx_auth_seq_align_end 
1 1 5WWW A 9 ? 94 ? Q5U5Q3 221 ? 306 ? 221 306 
2 2 5WWW B 1 ? 6  ? 5WWW   4   ? 9   ? 4   9   
# 
loop_
_struct_ref_seq_dif.align_id 
_struct_ref_seq_dif.pdbx_pdb_id_code 
_struct_ref_seq_dif.mon_id 
_struct_ref_seq_dif.pdbx_pdb_strand_id 
_struct_ref_seq_dif.seq_num 
_struct_ref_seq_dif.pdbx_pdb_ins_code 
_struct_ref_seq_dif.pdbx_seq_db_name 
_struct_ref_seq_dif.pdbx_seq_db_accession_code 
_struct_ref_seq_dif.db_mon_id 
_struct_ref_seq_dif.pdbx_seq_db_seq_num 
_struct_ref_seq_dif.details 
_struct_ref_seq_dif.pdbx_auth_seq_num 
_struct_ref_seq_dif.pdbx_ordinal 
1 5WWW GLY A 1 ? UNP Q5U5Q3 ? ? 'expression tag' 213 1 
1 5WWW HIS A 2 ? UNP Q5U5Q3 ? ? 'expression tag' 214 2 
1 5WWW HIS A 3 ? UNP Q5U5Q3 ? ? 'expression tag' 215 3 
1 5WWW HIS A 4 ? UNP Q5U5Q3 ? ? 'expression tag' 216 4 
1 5WWW HIS A 5 ? UNP Q5U5Q3 ? ? 'expression tag' 217 5 
1 5WWW HIS A 6 ? UNP Q5U5Q3 ? ? 'expression tag' 218 6 
1 5WWW HIS A 7 ? UNP Q5U5Q3 ? ? 'expression tag' 219 7 
1 5WWW MET A 8 ? UNP Q5U5Q3 ? ? 'expression tag' 220 8 
# 
loop_
_chem_comp.id 
_chem_comp.type 
_chem_comp.mon_nstd_flag 
_chem_comp.name 
_chem_comp.pdbx_synonyms 
_chem_comp.formula 
_chem_comp.formula_weight 
A   'RNA linking'       y "ADENOSINE-5'-MONOPHOSPHATE" ? 'C10 H14 N5 O7 P' 347.221 
ALA 'L-peptide linking' y ALANINE                      ? 'C3 H7 N O2'      89.093  
ARG 'L-peptide linking' y ARGININE                     ? 'C6 H15 N4 O2 1'  175.209 
ASN 'L-peptide linking' y ASPARAGINE                   ? 'C4 H8 N2 O3'     132.118 
ASP 'L-peptide linking' y 'ASPARTIC ACID'              ? 'C4 H7 N O4'      133.103 
CYS 'L-peptide linking' y CYSTEINE                     ? 'C3 H7 N O2 S'    121.158 
G   'RNA linking'       y "GUANOSINE-5'-MONOPHOSPHATE" ? 'C10 H14 N5 O8 P' 363.221 
GLN 'L-peptide linking' y GLUTAMINE                    ? 'C5 H10 N2 O3'    146.144 
GLU 'L-peptide linking' y 'GLUTAMIC ACID'              ? 'C5 H9 N O4'      147.129 
GLY 'peptide linking'   y GLYCINE                      ? 'C2 H5 N O2'      75.067  
HIS 'L-peptide linking' y HISTIDINE                    ? 'C6 H10 N3 O2 1'  156.162 
HOH non-polymer         . WATER                        ? 'H2 O'            18.015  
ILE 'L-peptide linking' y ISOLEUCINE                   ? 'C6 H13 N O2'     131.173 
LEU 'L-peptide linking' y LEUCINE                      ? 'C6 H13 N O2'     131.173 
LYS 'L-peptide linking' y LYSINE                       ? 'C6 H15 N2 O2 1'  147.195 
MET 'L-peptide linking' y METHIONINE                   ? 'C5 H11 N O2 S'   149.211 
PHE 'L-peptide linking' y PHENYLALANINE                ? 'C9 H11 N O2'     165.189 
PRO 'L-peptide linking' y PROLINE                      ? 'C5 H9 N O2'      115.130 
SER 'L-peptide linking' y SERINE                       ? 'C3 H7 N O3'      105.093 
THR 'L-peptide linking' y THREONINE                    ? 'C4 H9 N O3'      119.119 
TYR 'L-peptide linking' y TYROSINE                     ? 'C9 H11 N O3'     181.189 
U   'RNA linking'       y "URIDINE-5'-MONOPHOSPHATE"   ? 'C9 H13 N2 O9 P'  324.181 
VAL 'L-peptide linking' y VALINE                       ? 'C5 H11 N O2'     117.146 
# 
_exptl.absorpt_coefficient_mu     ? 
_exptl.absorpt_correction_T_max   ? 
_exptl.absorpt_correction_T_min   ? 
_exptl.absorpt_correction_type    ? 
_exptl.absorpt_process_details    ? 
_exptl.entry_id                   5WWW 
_exptl.crystals_number            1 
_exptl.details                    ? 
_exptl.method                     'X-RAY DIFFRACTION' 
_exptl.method_details             ? 
# 
_exptl_crystal.colour                      ? 
_exptl_crystal.density_diffrn              ? 
_exptl_crystal.density_Matthews            2.47 
_exptl_crystal.density_method              ? 
_exptl_crystal.density_percent_sol         50.19 
_exptl_crystal.description                 ? 
_exptl_crystal.F_000                       ? 
_exptl_crystal.id                          1 
_exptl_crystal.preparation                 ? 
_exptl_crystal.size_max                    ? 
_exptl_crystal.size_mid                    ? 
_exptl_crystal.size_min                    ? 
_exptl_crystal.size_rad                    ? 
_exptl_crystal.colour_lustre               ? 
_exptl_crystal.colour_modifier             ? 
_exptl_crystal.colour_primary              ? 
_exptl_crystal.density_meas                ? 
_exptl_crystal.density_meas_esd            ? 
_exptl_crystal.density_meas_gt             ? 
_exptl_crystal.density_meas_lt             ? 
_exptl_crystal.density_meas_temp           ? 
_exptl_crystal.density_meas_temp_esd       ? 
_exptl_crystal.density_meas_temp_gt        ? 
_exptl_crystal.density_meas_temp_lt        ? 
_exptl_crystal.pdbx_crystal_image_url      ? 
_exptl_crystal.pdbx_crystal_image_format   ? 
_exptl_crystal.pdbx_mosaicity              ? 
_exptl_crystal.pdbx_mosaicity_esd          ? 
# 
_exptl_crystal_grow.apparatus       ? 
_exptl_crystal_grow.atmosphere      ? 
_exptl_crystal_grow.crystal_id      1 
_exptl_crystal_grow.details         ? 
_exptl_crystal_grow.method          'VAPOR DIFFUSION, HANGING DROP' 
_exptl_crystal_grow.method_ref      ? 
_exptl_crystal_grow.pH              ? 
_exptl_crystal_grow.pressure        ? 
_exptl_crystal_grow.pressure_esd    ? 
_exptl_crystal_grow.seeding         ? 
_exptl_crystal_grow.seeding_ref     ? 
_exptl_crystal_grow.temp            293 
_exptl_crystal_grow.temp_details    ? 
_exptl_crystal_grow.temp_esd        ? 
_exptl_crystal_grow.time            ? 
_exptl_crystal_grow.pdbx_details    '5% v/v Tacsimate pH 7.0, 0.1M HEPES pH 7.0, 10% w/v polyethylene glycol monomethyl ether 2000' 
_exptl_crystal_grow.pdbx_pH_range   ? 
# 
_diffrn.ambient_environment    ? 
_diffrn.ambient_temp           100 
_diffrn.ambient_temp_details   ? 
_diffrn.ambient_temp_esd       ? 
_diffrn.crystal_id             1 
_diffrn.crystal_support        ? 
_diffrn.crystal_treatment      ? 
_diffrn.details                ? 
_diffrn.id                     1 
_diffrn.ambient_pressure       ? 
_diffrn.ambient_pressure_esd   ? 
_diffrn.ambient_pressure_gt    ? 
_diffrn.ambient_pressure_lt    ? 
_diffrn.ambient_temp_gt        ? 
_diffrn.ambient_temp_lt        ? 
# 
_diffrn_detector.details                      ? 
_diffrn_detector.detector                     CCD 
_diffrn_detector.diffrn_id                    1 
_diffrn_detector.type                         'ADSC QUANTUM 315r' 
_diffrn_detector.area_resol_mean              ? 
_diffrn_detector.dtime                        ? 
_diffrn_detector.pdbx_frames_total            ? 
_diffrn_detector.pdbx_collection_time_total   ? 
_diffrn_detector.pdbx_collection_date         2015-12-12 
# 
_diffrn_radiation.collimation                      ? 
_diffrn_radiation.diffrn_id                        1 
_diffrn_radiation.filter_edge                      ? 
_diffrn_radiation.inhomogeneity                    ? 
_diffrn_radiation.monochromator                    ? 
_diffrn_radiation.polarisn_norm                    ? 
_diffrn_radiation.polarisn_ratio                   ? 
_diffrn_radiation.probe                            ? 
_diffrn_radiation.type                             ? 
_diffrn_radiation.xray_symbol                      ? 
_diffrn_radiation.wavelength_id                    1 
_diffrn_radiation.pdbx_monochromatic_or_laue_m_l   M 
_diffrn_radiation.pdbx_wavelength_list             ? 
_diffrn_radiation.pdbx_wavelength                  ? 
_diffrn_radiation.pdbx_diffrn_protocol             'SINGLE WAVELENGTH' 
_diffrn_radiation.pdbx_analyzer                    ? 
_diffrn_radiation.pdbx_scattering_type             x-ray 
# 
_diffrn_radiation_wavelength.id           1 
_diffrn_radiation_wavelength.wavelength   0.979 
_diffrn_radiation_wavelength.wt           1.0 
# 
_diffrn_source.current                     ? 
_diffrn_source.details                     ? 
_diffrn_source.diffrn_id                   1 
_diffrn_source.power                       ? 
_diffrn_source.size                        ? 
_diffrn_source.source                      SYNCHROTRON 
_diffrn_source.target                      ? 
_diffrn_source.type                        'SSRF BEAMLINE BL18U1' 
_diffrn_source.voltage                     ? 
_diffrn_source.take-off_angle              ? 
_diffrn_source.pdbx_wavelength_list        0.979 
_diffrn_source.pdbx_wavelength             ? 
_diffrn_source.pdbx_synchrotron_beamline   BL18U1 
_diffrn_source.pdbx_synchrotron_site       SSRF 
# 
_reflns.entry_id                     5WWW 
_reflns.pdbx_diffrn_id               1 
_reflns.pdbx_ordinal                 1 
_reflns.observed_criterion_sigma_I   ? 
_reflns.observed_criterion_sigma_F   ? 
_reflns.d_resolution_low             40.000 
_reflns.d_resolution_high            1.800 
_reflns.number_obs                   11406 
_reflns.number_all                   ? 
_reflns.percent_possible_obs         99.600 
_reflns.pdbx_Rmerge_I_obs            0.159 
_reflns.pdbx_Rsym_value              ? 
_reflns.pdbx_netI_over_sigmaI        3.600 
_reflns.B_iso_Wilson_estimate        22.960 
_reflns.pdbx_redundancy              10.100 
_reflns.pdbx_Rrim_I_all              0.168 
_reflns.pdbx_Rpim_I_all              0.053 
_reflns.pdbx_CC_half                 ? 
_reflns.pdbx_netI_over_av_sigmaI     ? 
_reflns.pdbx_number_measured_all     115295 
_reflns.pdbx_scaling_rejects         ? 
_reflns.pdbx_chi_squared             1.051 
_reflns.Rmerge_F_all                 ? 
_reflns.Rmerge_F_obs                 ? 
_reflns.observed_criterion_F_max     ? 
_reflns.observed_criterion_F_min     ? 
_reflns.observed_criterion_I_max     ? 
_reflns.observed_criterion_I_min     ? 
_reflns.pdbx_d_res_high_opt          ? 
_reflns.pdbx_d_res_low_opt           ? 
_reflns.details                      ? 
# 
loop_
_reflns_shell.pdbx_diffrn_id 
_reflns_shell.pdbx_ordinal 
_reflns_shell.d_res_high 
_reflns_shell.d_res_low 
_reflns_shell.number_measured_obs 
_reflns_shell.number_measured_all 
_reflns_shell.number_unique_obs 
_reflns_shell.pdbx_rejects 
_reflns_shell.Rmerge_I_obs 
_reflns_shell.meanI_over_sigI_obs 
_reflns_shell.pdbx_Rsym_value 
_reflns_shell.pdbx_chi_squared 
_reflns_shell.pdbx_redundancy 
_reflns_shell.percent_possible_obs 
_reflns_shell.pdbx_netI_over_sigmaI_obs 
_reflns_shell.number_possible 
_reflns_shell.number_unique_all 
_reflns_shell.Rmerge_F_all 
_reflns_shell.Rmerge_F_obs 
_reflns_shell.Rmerge_I_all 
_reflns_shell.meanI_over_sigI_all 
_reflns_shell.percent_possible_all 
_reflns_shell.pdbx_Rrim_I_all 
_reflns_shell.pdbx_Rpim_I_all 
_reflns_shell.pdbx_CC_half 
1 1  1.800 1.860  ? ? ? ? 0.705 ? ? 0.493 10.300 ? ? ? 1130 ? ? ? ? 98.900  0.742 0.229 0.865 
1 2  1.860 1.940  ? ? ? ? 0.527 ? ? 0.520 9.800  ? ? ? 1108 ? ? ? ? 99.200  0.556 0.177 0.901 
1 3  1.940 2.030  ? ? ? ? 0.388 ? ? 0.572 9.500  ? ? ? 1136 ? ? ? ? 99.500  0.410 0.132 0.945 
1 4  2.030 2.130  ? ? ? ? 0.313 ? ? 0.674 10.600 ? ? ? 1127 ? ? ? ? 100.000 0.329 0.100 0.966 
1 5  2.130 2.270  ? ? ? ? 0.247 ? ? 0.798 10.700 ? ? ? 1134 ? ? ? ? 99.600  0.259 0.078 0.973 
1 6  2.270 2.440  ? ? ? ? 0.214 ? ? 0.906 10.500 ? ? ? 1140 ? ? ? ? 99.600  0.225 0.069 0.977 
1 7  2.440 2.690  ? ? ? ? 0.190 ? ? 1.012 10.000 ? ? ? 1137 ? ? ? ? 99.800  0.200 0.063 0.978 
1 8  2.690 3.080  ? ? ? ? 0.157 ? ? 1.365 9.500  ? ? ? 1150 ? ? ? ? 99.800  0.166 0.054 0.982 
1 9  3.080 3.880  ? ? ? ? 0.135 ? ? 1.974 10.600 ? ? ? 1149 ? ? ? ? 99.900  0.142 0.044 0.989 
1 10 3.880 40.000 ? ? ? ? 0.121 ? ? 2.145 9.600  ? ? ? 1195 ? ? ? ? 99.400  0.128 0.042 0.989 
# 
_refine.entry_id                                 5WWW 
_refine.pdbx_refine_id                           'X-RAY DIFFRACTION' 
_refine.ls_d_res_high                            1.7980 
_refine.ls_d_res_low                             38.1830 
_refine.pdbx_ls_sigma_F                          1.410 
_refine.pdbx_data_cutoff_high_absF               ? 
_refine.pdbx_data_cutoff_low_absF                ? 
_refine.ls_percent_reflns_obs                    99.4900 
_refine.ls_number_reflns_obs                     11402 
_refine.ls_number_reflns_all                     ? 
_refine.pdbx_ls_cross_valid_method               'FREE R-VALUE' 
_refine.ls_matrix_type                           ? 
_refine.pdbx_R_Free_selection_details            ? 
_refine.details                                  ? 
_refine.ls_R_factor_all                          ? 
_refine.ls_R_factor_obs                          0.1738 
_refine.ls_R_factor_R_work                       0.1720 
_refine.ls_wR_factor_R_work                      ? 
_refine.ls_R_factor_R_free                       0.2091 
_refine.ls_wR_factor_R_free                      ? 
_refine.ls_percent_reflns_R_free                 4.9500 
_refine.ls_number_reflns_R_free                  564 
_refine.ls_number_reflns_R_work                  10838 
_refine.ls_R_factor_R_free_error                 ? 
_refine.B_iso_mean                               26.3348 
_refine.solvent_model_param_bsol                 ? 
_refine.solvent_model_param_ksol                 ? 
_refine.pdbx_isotropic_thermal_model             ? 
_refine.aniso_B[1][1]                            ? 
_refine.aniso_B[2][2]                            ? 
_refine.aniso_B[3][3]                            ? 
_refine.aniso_B[1][2]                            ? 
_refine.aniso_B[1][3]                            ? 
_refine.aniso_B[2][3]                            ? 
_refine.correlation_coeff_Fo_to_Fc               ? 
_refine.correlation_coeff_Fo_to_Fc_free          ? 
_refine.overall_SU_R_Cruickshank_DPI             ? 
_refine.pdbx_overall_SU_R_free_Cruickshank_DPI   ? 
_refine.pdbx_overall_SU_R_Blow_DPI               ? 
_refine.pdbx_overall_SU_R_free_Blow_DPI          ? 
_refine.overall_SU_R_free                        ? 
_refine.pdbx_overall_ESU_R                       ? 
_refine.pdbx_overall_ESU_R_Free                  ? 
_refine.overall_SU_ML                            0.2000 
_refine.overall_SU_B                             ? 
_refine.solvent_model_details                    'FLAT BULK SOLVENT MODEL' 
_refine.pdbx_solvent_vdw_probe_radii             1.1100 
_refine.pdbx_solvent_ion_probe_radii             ? 
_refine.pdbx_solvent_shrinkage_radii             0.9000 
_refine.ls_number_parameters                     ? 
_refine.ls_number_restraints                     ? 
_refine.pdbx_starting_model                      2DGR 
_refine.pdbx_method_to_determine_struct          'MOLECULAR REPLACEMENT' 
_refine.pdbx_stereochemistry_target_values       ML 
_refine.pdbx_stereochem_target_val_spec_case     ? 
_refine.overall_FOM_work_R_set                   ? 
_refine.B_iso_max                                71.340 
_refine.B_iso_min                                11.630 
_refine.pdbx_overall_phase_error                 22.3700 
_refine.occupancy_max                            ? 
_refine.occupancy_min                            ? 
_refine.pdbx_diffrn_id                           1 
_refine.pdbx_TLS_residual_ADP_flag               ? 
_refine.pdbx_ls_sigma_I                          ? 
_refine.pdbx_data_cutoff_high_rms_absF           ? 
_refine.ls_R_factor_R_free_error_details         ? 
# 
_refine_hist.cycle_id                         final 
_refine_hist.pdbx_refine_id                   'X-RAY DIFFRACTION' 
_refine_hist.d_res_high                       1.7980 
_refine_hist.d_res_low                        38.1830 
_refine_hist.pdbx_number_atoms_ligand         0 
_refine_hist.number_atoms_solvent             93 
_refine_hist.number_atoms_total               953 
_refine_hist.pdbx_number_residues_total       100 
_refine_hist.pdbx_B_iso_mean_solvent          36.16 
_refine_hist.pdbx_number_atoms_protein        735 
_refine_hist.pdbx_number_atoms_nucleic_acid   125 
# 
loop_
_refine_ls_restr.pdbx_refine_id 
_refine_ls_restr.type 
_refine_ls_restr.number 
_refine_ls_restr.dev_ideal 
_refine_ls_restr.dev_ideal_target 
_refine_ls_restr.weight 
_refine_ls_restr.pdbx_restraint_function 
'X-RAY DIFFRACTION' f_bond_d           917  0.006  ? ? ? 
'X-RAY DIFFRACTION' f_angle_d          1270 0.778  ? ? ? 
'X-RAY DIFFRACTION' f_chiral_restr     148  0.049  ? ? ? 
'X-RAY DIFFRACTION' f_plane_restr      144  0.007  ? ? ? 
'X-RAY DIFFRACTION' f_dihedral_angle_d 562  15.672 ? ? ? 
# 
loop_
_refine_ls_shell.d_res_high 
_refine_ls_shell.d_res_low 
_refine_ls_shell.pdbx_total_number_of_bins_used 
_refine_ls_shell.percent_reflns_obs 
_refine_ls_shell.number_reflns_R_work 
_refine_ls_shell.R_factor_all 
_refine_ls_shell.R_factor_R_work 
_refine_ls_shell.R_factor_R_free 
_refine_ls_shell.percent_reflns_R_free 
_refine_ls_shell.number_reflns_R_free 
_refine_ls_shell.R_factor_R_free_error 
_refine_ls_shell.number_reflns_all 
_refine_ls_shell.number_reflns_obs 
_refine_ls_shell.pdbx_refine_id 
_refine_ls_shell.R_factor_obs 
1.7979 1.9789  4 99.0000  2661 . 0.1935 0.2392 . 134 0.0000 2795 . 'X-RAY DIFFRACTION' . 
1.9789 2.2652  4 100.0000 2687 . 0.1737 0.2359 . 149 0.0000 2836 . 'X-RAY DIFFRACTION' . 
2.2652 2.8538  4 100.0000 2714 . 0.1815 0.2161 . 138 0.0000 2852 . 'X-RAY DIFFRACTION' . 
2.8538 38.1916 4 100.0000 2776 . 0.1634 0.1925 . 143 0.0000 2919 . 'X-RAY DIFFRACTION' . 
# 
_struct.entry_id                     5WWW 
_struct.title                        
'Crystal structure of the KH1 domain of human RNA-binding E3 ubiquitin-protein ligase MEX-3C complex with RNA' 
_struct.pdbx_model_details           ? 
_struct.pdbx_formula_weight          ? 
_struct.pdbx_formula_weight_method   ? 
_struct.pdbx_model_type_details      ? 
_struct.pdbx_CASP_flag               N 
# 
_struct_keywords.entry_id        5WWW 
_struct_keywords.text            'KH1, MEX-3C, RNA, RNA BINDING PROTEIN-RNA complex' 
_struct_keywords.pdbx_keywords   'RNA BINDING PROTEIN/RNA' 
# 
loop_
_struct_asym.id 
_struct_asym.pdbx_blank_PDB_chainid_flag 
_struct_asym.pdbx_modified 
_struct_asym.entity_id 
_struct_asym.details 
A N N 1 ? 
B N N 2 ? 
C N N 3 ? 
D N N 3 ? 
# 
loop_
_struct_conf.conf_type_id 
_struct_conf.id 
_struct_conf.pdbx_PDB_helix_id 
_struct_conf.beg_label_comp_id 
_struct_conf.beg_label_asym_id 
_struct_conf.beg_label_seq_id 
_struct_conf.pdbx_beg_PDB_ins_code 
_struct_conf.end_label_comp_id 
_struct_conf.end_label_asym_id 
_struct_conf.end_label_seq_id 
_struct_conf.pdbx_end_PDB_ins_code 
_struct_conf.beg_auth_comp_id 
_struct_conf.beg_auth_asym_id 
_struct_conf.beg_auth_seq_id 
_struct_conf.end_auth_comp_id 
_struct_conf.end_auth_asym_id 
_struct_conf.end_auth_seq_id 
_struct_conf.pdbx_PDB_helix_class 
_struct_conf.details 
_struct_conf.pdbx_PDB_helix_length 
HELX_P HELX_P1 AA1 GLY A 1  ? ARG A 15 ? GLY A 213 ARG A 227 1 ? 15 
HELX_P HELX_P2 AA2 SER A 28 ? GLY A 37 ? SER A 240 GLY A 249 1 ? 10 
HELX_P HELX_P3 AA3 GLY A 40 ? ASN A 51 ? GLY A 252 ASN A 263 1 ? 12 
HELX_P HELX_P4 AA4 ARG A 70 ? ALA A 93 ? ARG A 282 ALA A 305 1 ? 24 
# 
_struct_conf_type.id          HELX_P 
_struct_conf_type.criteria    ? 
_struct_conf_type.reference   ? 
# 
_struct_sheet.id               AA1 
_struct_sheet.type             ? 
_struct_sheet.number_strands   3 
_struct_sheet.details          ? 
# 
loop_
_struct_sheet_order.sheet_id 
_struct_sheet_order.range_id_1 
_struct_sheet_order.range_id_2 
_struct_sheet_order.offset 
_struct_sheet_order.sense 
AA1 1 2 ? anti-parallel 
AA1 2 3 ? anti-parallel 
# 
loop_
_struct_sheet_range.sheet_id 
_struct_sheet_range.id 
_struct_sheet_range.beg_label_comp_id 
_struct_sheet_range.beg_label_asym_id 
_struct_sheet_range.beg_label_seq_id 
_struct_sheet_range.pdbx_beg_PDB_ins_code 
_struct_sheet_range.end_label_comp_id 
_struct_sheet_range.end_label_asym_id 
_struct_sheet_range.end_label_seq_id 
_struct_sheet_range.pdbx_end_PDB_ins_code 
_struct_sheet_range.beg_auth_comp_id 
_struct_sheet_range.beg_auth_asym_id 
_struct_sheet_range.beg_auth_seq_id 
_struct_sheet_range.end_auth_comp_id 
_struct_sheet_range.end_auth_asym_id 
_struct_sheet_range.end_auth_seq_id 
AA1 1 THR A 20 ? PRO A 25 ? THR A 232 PRO A 237 
AA1 2 ILE A 64 ? GLY A 69 ? ILE A 276 GLY A 281 
AA1 3 TYR A 53 ? LYS A 55 ? TYR A 265 LYS A 267 
# 
loop_
_pdbx_struct_sheet_hbond.sheet_id 
_pdbx_struct_sheet_hbond.range_id_1 
_pdbx_struct_sheet_hbond.range_id_2 
_pdbx_struct_sheet_hbond.range_1_label_atom_id 
_pdbx_struct_sheet_hbond.range_1_label_comp_id 
_pdbx_struct_sheet_hbond.range_1_label_asym_id 
_pdbx_struct_sheet_hbond.range_1_label_seq_id 
_pdbx_struct_sheet_hbond.range_1_PDB_ins_code 
_pdbx_struct_sheet_hbond.range_1_auth_atom_id 
_pdbx_struct_sheet_hbond.range_1_auth_comp_id 
_pdbx_struct_sheet_hbond.range_1_auth_asym_id 
_pdbx_struct_sheet_hbond.range_1_auth_seq_id 
_pdbx_struct_sheet_hbond.range_2_label_atom_id 
_pdbx_struct_sheet_hbond.range_2_label_comp_id 
_pdbx_struct_sheet_hbond.range_2_label_asym_id 
_pdbx_struct_sheet_hbond.range_2_label_seq_id 
_pdbx_struct_sheet_hbond.range_2_PDB_ins_code 
_pdbx_struct_sheet_hbond.range_2_auth_atom_id 
_pdbx_struct_sheet_hbond.range_2_auth_comp_id 
_pdbx_struct_sheet_hbond.range_2_auth_asym_id 
_pdbx_struct_sheet_hbond.range_2_auth_seq_id 
AA1 1 2 N VAL A 24 ? N VAL A 236 O PHE A 65 ? O PHE A 277 
AA1 2 3 O VAL A 66 ? O VAL A 278 N LYS A 55 ? N LYS A 267 
# 
_atom_sites.entry_id                    5WWW 
_atom_sites.fract_transf_matrix[1][1]   0.00156034 
_atom_sites.fract_transf_matrix[1][2]   -0.01212208 
_atom_sites.fract_transf_matrix[1][3]   0.00890242 
_atom_sites.fract_transf_matrix[2][1]   -0.01209760 
_atom_sites.fract_transf_matrix[2][2]   -0.00597389 
_atom_sites.fract_transf_matrix[2][3]   0.00682681 
_atom_sites.fract_transf_matrix[3][1]   -0.00410404 
_atom_sites.fract_transf_matrix[3][2]   -0.01642416 
_atom_sites.fract_transf_matrix[3][3]   -0.02164484 
_atom_sites.fract_transf_vector[1]      0.580159 
_atom_sites.fract_transf_vector[2]      -0.113629 
_atom_sites.fract_transf_vector[3]      0.326137 
# 
loop_
_atom_type.symbol 
C 
N 
O 
P 
S 
# 
loop_
_atom_site.group_PDB 
_atom_site.id 
_atom_site.type_symbol 
_atom_site.label_atom_id 
_atom_site.label_alt_id 
_atom_site.label_comp_id 
_atom_site.label_asym_id 
_atom_site.label_entity_id 
_atom_site.label_seq_id 
_atom_site.pdbx_PDB_ins_code 
_atom_site.Cartn_x 
_atom_site.Cartn_y 
_atom_site.Cartn_z 
_atom_site.occupancy 
_atom_site.B_iso_or_equiv 
_atom_site.pdbx_formal_charge 
_atom_site.auth_seq_id 
_atom_site.auth_comp_id 
_atom_site.auth_asym_id 
_atom_site.auth_atom_id 
_atom_site.pdbx_PDB_model_num 
ATOM   1   N N     . GLY A 1 1  ? -17.089 -5.061  3.446   1.00 35.52 ? 213 GLY A N     1 
ATOM   2   C CA    . GLY A 1 1  ? -18.377 -4.497  3.075   1.00 31.58 ? 213 GLY A CA    1 
ATOM   3   C C     . GLY A 1 1  ? -18.475 -3.013  3.370   1.00 30.10 ? 213 GLY A C     1 
ATOM   4   O O     . GLY A 1 1  ? -17.479 -2.374  3.734   1.00 29.03 ? 213 GLY A O     1 
ATOM   5   N N     . HIS A 1 2  ? -19.679 -2.451  3.218   1.00 24.28 ? 214 HIS A N     1 
ATOM   6   C CA    . HIS A 1 2  ? -19.842 -1.024  3.453   1.00 19.66 ? 214 HIS A CA    1 
ATOM   7   C C     . HIS A 1 2  ? -19.581 -0.667  4.913   1.00 19.82 ? 214 HIS A C     1 
ATOM   8   O O     . HIS A 1 2  ? -19.190 0.463   5.205   1.00 20.99 ? 214 HIS A O     1 
ATOM   9   C CB    . HIS A 1 2  ? -21.248 -0.577  3.044   1.00 19.37 ? 214 HIS A CB    1 
ATOM   10  C CG    . HIS A 1 2  ? -22.301 -0.902  4.058   1.00 23.06 ? 214 HIS A CG    1 
ATOM   11  N ND1   . HIS A 1 2  ? -22.935 -2.125  4.106   1.00 22.69 ? 214 HIS A ND1   1 
ATOM   12  C CD2   . HIS A 1 2  ? -22.837 -0.162  5.054   1.00 25.49 ? 214 HIS A CD2   1 
ATOM   13  C CE1   . HIS A 1 2  ? -23.804 -2.128  5.099   1.00 26.38 ? 214 HIS A CE1   1 
ATOM   14  N NE2   . HIS A 1 2  ? -23.767 -0.948  5.689   1.00 25.66 ? 214 HIS A NE2   1 
ATOM   15  N N     . HIS A 1 3  ? -19.814 -1.601  5.846   1.00 18.90 ? 215 HIS A N     1 
ATOM   16  C CA    . HIS A 1 3  ? -19.529 -1.311  7.250   1.00 17.95 ? 215 HIS A CA    1 
ATOM   17  C C     . HIS A 1 3  ? -18.056 -1.007  7.450   1.00 16.72 ? 215 HIS A C     1 
ATOM   18  O O     . HIS A 1 3  ? -17.692 -0.114  8.228   1.00 15.38 ? 215 HIS A O     1 
ATOM   19  C CB    . HIS A 1 3  ? -19.915 -2.491  8.140   1.00 21.56 ? 215 HIS A CB    1 
ATOM   20  C CG    . HIS A 1 3  ? -21.378 -2.791  8.154   1.00 23.15 ? 215 HIS A CG    1 
ATOM   21  N ND1   . HIS A 1 3  ? -22.301 -1.964  8.756   1.00 30.49 ? 215 HIS A ND1   1 
ATOM   22  C CD2   . HIS A 1 3  ? -22.076 -3.841  7.660   1.00 27.51 ? 215 HIS A CD2   1 
ATOM   23  C CE1   . HIS A 1 3  ? -23.506 -2.490  8.631   1.00 28.73 ? 215 HIS A CE1   1 
ATOM   24  N NE2   . HIS A 1 3  ? -23.398 -3.629  7.970   1.00 30.52 ? 215 HIS A NE2   1 
ATOM   25  N N     . HIS A 1 4  ? -17.191 -1.765  6.773   1.00 18.12 ? 216 HIS A N     1 
ATOM   26  C CA    . HIS A 1 4  ? -15.755 -1.552  6.922   1.00 15.98 ? 216 HIS A CA    1 
ATOM   27  C C     . HIS A 1 4  ? -15.342 -0.209  6.341   1.00 17.70 ? 216 HIS A C     1 
ATOM   28  O O     . HIS A 1 4  ? -14.566 0.529   6.957   1.00 15.55 ? 216 HIS A O     1 
ATOM   29  C CB    . HIS A 1 4  ? -14.987 -2.688  6.258   1.00 17.01 ? 216 HIS A CB    1 
ATOM   30  C CG    . HIS A 1 4  ? -15.325 -4.031  6.813   1.00 19.64 ? 216 HIS A CG    1 
ATOM   31  N ND1   . HIS A 1 4  ? -14.486 -4.720  7.662   1.00 20.90 ? 216 HIS A ND1   1 
ATOM   32  C CD2   . HIS A 1 4  ? -16.426 -4.804  6.658   1.00 18.65 ? 216 HIS A CD2   1 
ATOM   33  C CE1   . HIS A 1 4  ? -15.051 -5.869  7.996   1.00 18.43 ? 216 HIS A CE1   1 
ATOM   34  N NE2   . HIS A 1 4  ? -16.227 -5.944  7.401   1.00 27.07 ? 216 HIS A NE2   1 
ATOM   35  N N     . HIS A 1 5  ? -15.875 0.135   5.170   1.00 16.48 ? 217 HIS A N     1 
ATOM   36  C CA    . HIS A 1 5  ? -15.558 1.425   4.568   1.00 16.84 ? 217 HIS A CA    1 
ATOM   37  C C     . HIS A 1 5  ? -16.024 2.568   5.458   1.00 17.32 ? 217 HIS A C     1 
ATOM   38  O O     . HIS A 1 5  ? -15.263 3.502   5.752   1.00 15.49 ? 217 HIS A O     1 
ATOM   39  C CB    . HIS A 1 5  ? -16.198 1.509   3.180   1.00 17.60 ? 217 HIS A CB    1 
ATOM   40  C CG    . HIS A 1 5  ? -16.056 2.846   2.522   1.00 25.40 ? 217 HIS A CG    1 
ATOM   41  N ND1   . HIS A 1 5  ? -15.015 3.150   1.673   1.00 38.28 ? 217 HIS A ND1   1 
ATOM   42  C CD2   . HIS A 1 5  ? -16.836 3.953   2.574   1.00 35.91 ? 217 HIS A CD2   1 
ATOM   43  C CE1   . HIS A 1 5  ? -15.153 4.388   1.235   1.00 35.54 ? 217 HIS A CE1   1 
ATOM   44  N NE2   . HIS A 1 5  ? -16.250 4.899   1.769   1.00 37.46 ? 217 HIS A NE2   1 
ATOM   45  N N     . HIS A 1 6  ? -17.276 2.503   5.914   1.00 14.72 ? 218 HIS A N     1 
ATOM   46  C CA    . HIS A 1 6  ? -17.799 3.564   6.768   1.00 15.00 ? 218 HIS A CA    1 
ATOM   47  C C     . HIS A 1 6  ? -16.975 3.696   8.041   1.00 15.30 ? 218 HIS A C     1 
ATOM   48  O O     . HIS A 1 6  ? -16.637 4.809   8.461   1.00 16.52 ? 218 HIS A O     1 
ATOM   49  C CB    . HIS A 1 6  ? -19.264 3.280   7.105   1.00 19.21 ? 218 HIS A CB    1 
ATOM   50  C CG    . HIS A 1 6  ? -19.855 4.220   8.107   1.00 18.10 ? 218 HIS A CG    1 
ATOM   51  N ND1   . HIS A 1 6  ? -20.114 3.842   9.407   1.00 25.47 ? 218 HIS A ND1   1 
ATOM   52  C CD2   . HIS A 1 6  ? -20.249 5.511   8.004   1.00 20.13 ? 218 HIS A CD2   1 
ATOM   53  C CE1   . HIS A 1 6  ? -20.645 4.860   10.062  1.00 27.25 ? 218 HIS A CE1   1 
ATOM   54  N NE2   . HIS A 1 6  ? -20.748 5.882   9.232   1.00 21.11 ? 218 HIS A NE2   1 
ATOM   55  N N     . HIS A 1 7  ? -16.631 2.566   8.666   1.00 15.40 ? 219 HIS A N     1 
ATOM   56  C CA    . HIS A 1 7  ? -15.868 2.628   9.908   1.00 15.37 ? 219 HIS A CA    1 
ATOM   57  C C     . HIS A 1 7  ? -14.466 3.169   9.652   1.00 19.29 ? 219 HIS A C     1 
ATOM   58  O O     . HIS A 1 7  ? -13.919 3.916   10.469  1.00 18.06 ? 219 HIS A O     1 
ATOM   59  C CB    . HIS A 1 7  ? -15.817 1.235   10.548  1.00 17.88 ? 219 HIS A CB    1 
ATOM   60  C CG    . HIS A 1 7  ? -15.260 1.220   11.941  1.00 20.38 ? 219 HIS A CG    1 
ATOM   61  N ND1   . HIS A 1 7  ? -14.413 0.227   12.389  1.00 19.79 ? 219 HIS A ND1   1 
ATOM   62  C CD2   . HIS A 1 7  ? -15.479 2.034   13.001  1.00 25.25 ? 219 HIS A CD2   1 
ATOM   63  C CE1   . HIS A 1 7  ? -14.098 0.459   13.651  1.00 25.12 ? 219 HIS A CE1   1 
ATOM   64  N NE2   . HIS A 1 7  ? -14.739 1.543   14.050  1.00 24.39 ? 219 HIS A NE2   1 
ATOM   65  N N     . MET A 1 8  ? -13.868 2.800   8.520   1.00 14.95 ? 220 MET A N     1 
ATOM   66  C CA    . MET A 1 8  ? -12.563 3.352   8.181   1.00 15.87 ? 220 MET A CA    1 
ATOM   67  C C     . MET A 1 8  ? -12.640 4.864   8.042   1.00 17.03 ? 220 MET A C     1 
ATOM   68  O O     . MET A 1 8  ? -11.804 5.588   8.587   1.00 20.34 ? 220 MET A O     1 
ATOM   69  C CB    . MET A 1 8  ? -12.051 2.716   6.891   1.00 17.61 ? 220 MET A CB    1 
ATOM   70  C CG    . MET A 1 8  ? -10.572 2.866   6.723   1.00 28.95 ? 220 MET A CG    1 
ATOM   71  S SD    . MET A 1 8  ? -10.174 3.258   5.035   1.00 41.62 ? 220 MET A SD    1 
ATOM   72  C CE    . MET A 1 8  ? -11.057 4.796   4.973   1.00 21.60 ? 220 MET A CE    1 
ATOM   73  N N     . GLN A 1 9  ? -13.664 5.370   7.356   1.00 16.69 ? 221 GLN A N     1 
ATOM   74  C CA    A GLN A 1 9  ? -13.752 6.813   7.224   0.52 16.49 ? 221 GLN A CA    1 
ATOM   75  C CA    B GLN A 1 9  ? -13.840 6.815   7.216   0.48 16.50 ? 221 GLN A CA    1 
ATOM   76  C C     . GLN A 1 9  ? -14.014 7.473   8.572   1.00 21.98 ? 221 GLN A C     1 
ATOM   77  O O     . GLN A 1 9  ? -13.472 8.552   8.840   1.00 19.70 ? 221 GLN A O     1 
ATOM   78  C CB    A GLN A 1 9  ? -14.803 7.173   6.182   0.52 18.30 ? 221 GLN A CB    1 
ATOM   79  C CB    B GLN A 1 9  ? -15.064 7.120   6.352   0.48 18.18 ? 221 GLN A CB    1 
ATOM   80  C CG    A GLN A 1 9  ? -14.416 6.627   4.803   0.52 17.84 ? 221 GLN A CG    1 
ATOM   81  C CG    B GLN A 1 9  ? -15.014 6.558   4.954   0.48 21.00 ? 221 GLN A CG    1 
ATOM   82  C CD    A GLN A 1 9  ? -15.143 7.310   3.669   0.52 24.67 ? 221 GLN A CD    1 
ATOM   83  C CD    B GLN A 1 9  ? -14.117 7.359   4.062   0.48 23.50 ? 221 GLN A CD    1 
ATOM   84  O OE1   A GLN A 1 9  ? -14.563 7.578   2.614   0.52 25.00 ? 221 GLN A OE1   1 
ATOM   85  O OE1   B GLN A 1 9  ? -12.925 7.091   3.968   0.48 24.20 ? 221 GLN A OE1   1 
ATOM   86  N NE2   A GLN A 1 9  ? -16.419 7.586   3.872   0.52 26.08 ? 221 GLN A NE2   1 
ATOM   87  N NE2   B GLN A 1 9  ? -14.681 8.368   3.404   0.48 24.25 ? 221 GLN A NE2   1 
ATOM   88  N N     . ALA A 1 10 ? -14.799 6.832   9.446   1.00 18.60 ? 222 ALA A N     1 
ATOM   89  C CA    . ALA A 1 10 ? -15.018 7.373   10.784  1.00 19.27 ? 222 ALA A CA    1 
ATOM   90  C C     . ALA A 1 10 ? -13.715 7.430   11.573  1.00 19.47 ? 222 ALA A C     1 
ATOM   91  O O     . ALA A 1 10 ? -13.487 8.371   12.346  1.00 26.39 ? 222 ALA A O     1 
ATOM   92  C CB    . ALA A 1 10 ? -16.055 6.530   11.527  1.00 18.77 ? 222 ALA A CB    1 
ATOM   93  N N     . ALA A 1 11 ? -12.852 6.423   11.399  1.00 22.07 ? 223 ALA A N     1 
ATOM   94  C CA    . ALA A 1 11 ? -11.564 6.425   12.092  1.00 22.17 ? 223 ALA A CA    1 
ATOM   95  C C     . ALA A 1 11 ? -10.678 7.561   11.606  1.00 28.59 ? 223 ALA A C     1 
ATOM   96  O O     . ALA A 1 11 ? -9.999  8.209   12.410  1.00 29.61 ? 223 ALA A O     1 
ATOM   97  C CB    . ALA A 1 11 ? -10.862 5.081   11.910  1.00 25.70 ? 223 ALA A CB    1 
ATOM   98  N N     . LEU A 1 12 ? -10.670 7.827   10.298  1.00 24.90 ? 224 LEU A N     1 
ATOM   99  C CA    . LEU A 1 12 ? -9.925  8.976   9.790   1.00 22.51 ? 224 LEU A CA    1 
ATOM   100 C C     . LEU A 1 12 ? -10.450 10.273  10.390  1.00 31.34 ? 224 LEU A C     1 
ATOM   101 O O     . LEU A 1 12 ? -9.666  11.156  10.765  1.00 31.65 ? 224 LEU A O     1 
ATOM   102 C CB    . LEU A 1 12 ? -10.007 9.041   8.264   1.00 26.61 ? 224 LEU A CB    1 
ATOM   103 C CG    . LEU A 1 12 ? -9.022  8.206   7.445   1.00 23.42 ? 224 LEU A CG    1 
ATOM   104 C CD1   . LEU A 1 12 ? -8.961  6.790   7.938   1.00 30.45 ? 224 LEU A CD1   1 
ATOM   105 C CD2   . LEU A 1 12 ? -9.451  8.209   6.008   1.00 27.37 ? 224 LEU A CD2   1 
ATOM   106 N N     . LEU A 1 13 ? -11.777 10.395  10.503  1.00 25.04 ? 225 LEU A N     1 
ATOM   107 C CA    . LEU A 1 13 ? -12.389 11.623  10.999  1.00 26.73 ? 225 LEU A CA    1 
ATOM   108 C C     . LEU A 1 13 ? -12.042 11.885  12.459  1.00 31.17 ? 225 LEU A C     1 
ATOM   109 O O     . LEU A 1 13 ? -11.971 13.046  12.877  1.00 35.78 ? 225 LEU A O     1 
ATOM   110 C CB    . LEU A 1 13 ? -13.907 11.558  10.818  1.00 22.19 ? 225 LEU A CB    1 
ATOM   111 C CG    . LEU A 1 13 ? -14.395 11.736  9.379   1.00 22.44 ? 225 LEU A CG    1 
ATOM   112 C CD1   . LEU A 1 13 ? -15.887 11.458  9.273   1.00 26.35 ? 225 LEU A CD1   1 
ATOM   113 C CD2   . LEU A 1 13 ? -14.078 13.148  8.910   1.00 31.81 ? 225 LEU A CD2   1 
ATOM   114 N N     . ARG A 1 14 ? -11.839 10.829  13.250  1.00 26.18 ? 226 ARG A N     1 
ATOM   115 C CA    . ARG A 1 14 ? -11.373 11.020  14.619  1.00 36.60 ? 226 ARG A CA    1 
ATOM   116 C C     . ARG A 1 14 ? -9.919  11.480  14.659  1.00 40.90 ? 226 ARG A C     1 
ATOM   117 O O     . ARG A 1 14 ? -9.538  12.243  15.551  1.00 38.44 ? 226 ARG A O     1 
ATOM   118 C CB    . ARG A 1 14 ? -11.536 9.727   15.417  1.00 35.23 ? 226 ARG A CB    1 
ATOM   119 C CG    . ARG A 1 14 ? -12.944 9.167   15.421  1.00 42.99 ? 226 ARG A CG    1 
ATOM   120 C CD    . ARG A 1 14 ? -13.029 7.842   16.179  1.00 50.08 ? 226 ARG A CD    1 
ATOM   121 N NE    . ARG A 1 14 ? -12.814 8.008   17.617  1.00 68.95 ? 226 ARG A NE    1 
ATOM   122 C CZ    . ARG A 1 14 ? -11.679 7.721   18.252  1.00 70.40 ? 226 ARG A CZ    1 
ATOM   123 N NH1   . ARG A 1 14 ? -10.637 7.242   17.584  1.00 67.31 ? 226 ARG A NH1   1 
ATOM   124 N NH2   . ARG A 1 14 ? -11.587 7.909   19.563  1.00 70.91 ? 226 ARG A NH2   1 
ATOM   125 N N     . ARG A 1 15 ? -9.103  11.030  13.703  1.00 41.23 ? 227 ARG A N     1 
ATOM   126 C CA    . ARG A 1 15 ? -7.664  11.319  13.661  1.00 48.54 ? 227 ARG A CA    1 
ATOM   127 C C     . ARG A 1 15 ? -7.004  11.049  15.013  1.00 50.88 ? 227 ARG A C     1 
ATOM   128 O O     . ARG A 1 15 ? -6.240  11.861  15.542  1.00 54.46 ? 227 ARG A O     1 
ATOM   129 C CB    . ARG A 1 15 ? -7.390  12.753  13.200  1.00 47.57 ? 227 ARG A CB    1 
ATOM   130 C CG    . ARG A 1 15 ? -5.975  12.943  12.642  1.00 47.10 ? 227 ARG A CG    1 
ATOM   131 C CD    . ARG A 1 15 ? -5.344  14.252  13.101  1.00 61.62 ? 227 ARG A CD    1 
ATOM   132 N NE    . ARG A 1 15 ? -4.979  14.238  14.517  1.00 71.16 ? 227 ARG A NE    1 
ATOM   133 C CZ    . ARG A 1 15 ? -3.762  13.957  14.981  1.00 71.34 ? 227 ARG A CZ    1 
ATOM   134 N NH1   . ARG A 1 15 ? -2.778  13.660  14.142  1.00 71.29 ? 227 ARG A NH1   1 
ATOM   135 N NH2   . ARG A 1 15 ? -3.528  13.977  16.286  1.00 70.38 ? 227 ARG A NH2   1 
ATOM   136 N N     . LYS A 1 16 ? -7.323  9.891   15.585  1.00 46.43 ? 228 LYS A N     1 
ATOM   137 C CA    . LYS A 1 16 ? -6.660  9.435   16.797  1.00 52.46 ? 228 LYS A CA    1 
ATOM   138 C C     . LYS A 1 16 ? -5.647  8.359   16.435  1.00 55.52 ? 228 LYS A C     1 
ATOM   139 O O     . LYS A 1 16 ? -4.453  8.640   16.270  1.00 50.05 ? 228 LYS A O     1 
ATOM   140 C CB    . LYS A 1 16 ? -7.679  8.896   17.803  1.00 44.04 ? 228 LYS A CB    1 
ATOM   141 C CG    . LYS A 1 16 ? -7.739  9.653   19.123  1.00 65.81 ? 228 LYS A CG    1 
ATOM   142 C CD    . LYS A 1 16 ? -8.356  11.037  18.960  1.00 62.94 ? 228 LYS A CD    1 
ATOM   143 C CE    . LYS A 1 16 ? -8.908  11.561  20.285  1.00 66.21 ? 228 LYS A CE    1 
ATOM   144 N NZ    . LYS A 1 16 ? -7.858  11.705  21.337  1.00 60.98 ? 228 LYS A NZ    1 
ATOM   145 N N     . SER A 1 17 ? -6.132  7.126   16.284  1.00 39.85 ? 229 SER A N     1 
ATOM   146 C CA    . SER A 1 17 ? -5.283  5.991   15.950  1.00 46.71 ? 229 SER A CA    1 
ATOM   147 C C     . SER A 1 17 ? -4.904  5.949   14.474  1.00 46.48 ? 229 SER A C     1 
ATOM   148 O O     . SER A 1 17 ? -3.887  5.335   14.124  1.00 50.33 ? 229 SER A O     1 
ATOM   149 C CB    . SER A 1 17 ? -5.990  4.697   16.344  1.00 46.82 ? 229 SER A CB    1 
ATOM   150 O OG    . SER A 1 17 ? -7.359  4.768   15.984  1.00 51.46 ? 229 SER A OG    1 
ATOM   151 N N     . VAL A 1 18 ? -5.690  6.571   13.603  1.00 34.59 ? 230 VAL A N     1 
ATOM   152 C CA    . VAL A 1 18 ? -5.361  6.671   12.185  1.00 30.96 ? 230 VAL A CA    1 
ATOM   153 C C     . VAL A 1 18 ? -5.106  8.139   11.882  1.00 34.72 ? 230 VAL A C     1 
ATOM   154 O O     . VAL A 1 18 ? -6.021  8.964   11.980  1.00 38.23 ? 230 VAL A O     1 
ATOM   155 C CB    . VAL A 1 18 ? -6.482  6.101   11.304  1.00 29.89 ? 230 VAL A CB    1 
ATOM   156 C CG1   . VAL A 1 18 ? -6.151  6.302   9.846   1.00 33.81 ? 230 VAL A CG1   1 
ATOM   157 C CG2   . VAL A 1 18 ? -6.701  4.616   11.615  1.00 32.24 ? 230 VAL A CG2   1 
ATOM   158 N N     . ASN A 1 19 ? -3.864  8.476   11.520  1.00 27.04 ? 231 ASN A N     1 
ATOM   159 C CA    . ASN A 1 19 ? -3.517  9.889   11.410  1.00 29.78 ? 231 ASN A CA    1 
ATOM   160 C C     . ASN A 1 19 ? -2.614  10.249  10.231  1.00 26.80 ? 231 ASN A C     1 
ATOM   161 O O     . ASN A 1 19 ? -2.172  11.403  10.152  1.00 22.70 ? 231 ASN A O     1 
ATOM   162 C CB    . ASN A 1 19 ? -2.858  10.375  12.718  1.00 30.49 ? 231 ASN A CB    1 
ATOM   163 C CG    . ASN A 1 19 ? -1.640  9.561   13.108  1.00 32.62 ? 231 ASN A CG    1 
ATOM   164 O OD1   . ASN A 1 19 ? -1.078  8.826   12.297  1.00 27.04 ? 231 ASN A OD1   1 
ATOM   165 N ND2   . ASN A 1 19 ? -1.222  9.692   14.362  1.00 38.86 ? 231 ASN A ND2   1 
ATOM   166 N N     . THR A 1 20 ? -2.349  9.337   9.294   1.00 24.18 ? 232 THR A N     1 
ATOM   167 C CA    . THR A 1 20 ? -1.377  9.610   8.240   1.00 18.77 ? 232 THR A CA    1 
ATOM   168 C C     . THR A 1 20 ? -1.843  8.994   6.927   1.00 15.70 ? 232 THR A C     1 
ATOM   169 O O     . THR A 1 20 ? -2.419  7.910   6.928   1.00 17.26 ? 232 THR A O     1 
ATOM   170 C CB    . THR A 1 20 ? -0.004  9.049   8.622   1.00 20.27 ? 232 THR A CB    1 
ATOM   171 O OG1   . THR A 1 20 ? 0.384   9.585   9.895   1.00 26.29 ? 232 THR A OG1   1 
ATOM   172 C CG2   . THR A 1 20 ? 1.048   9.416   7.584   1.00 20.89 ? 232 THR A CG2   1 
ATOM   173 N N     . THR A 1 21 ? -1.610  9.699   5.820   1.00 17.18 ? 233 THR A N     1 
ATOM   174 C CA    . THR A 1 21 ? -1.835  9.156   4.484   1.00 19.36 ? 233 THR A CA    1 
ATOM   175 C C     . THR A 1 21 ? -0.685  9.603   3.596   1.00 20.72 ? 233 THR A C     1 
ATOM   176 O O     . THR A 1 21 ? -0.304  10.780  3.604   1.00 19.81 ? 233 THR A O     1 
ATOM   177 C CB    . THR A 1 21 ? -3.187  9.600   3.904   1.00 18.99 ? 233 THR A CB    1 
ATOM   178 O OG1   . THR A 1 21 ? -3.369  9.011   2.607   1.00 21.27 ? 233 THR A OG1   1 
ATOM   179 C CG2   . THR A 1 21 ? -3.275  11.115  3.772   1.00 25.14 ? 233 THR A CG2   1 
ATOM   180 N N     . GLU A 1 22 ? -0.108  8.666   2.854   1.00 18.28 ? 234 GLU A N     1 
ATOM   181 C CA    A GLU A 1 22 ? 1.089   8.943   2.070   0.48 17.90 ? 234 GLU A CA    1 
ATOM   182 C CA    B GLU A 1 22 ? 1.079   8.953   2.063   0.52 17.89 ? 234 GLU A CA    1 
ATOM   183 C C     . GLU A 1 22 ? 0.987   8.252   0.718   1.00 15.15 ? 234 GLU A C     1 
ATOM   184 O O     . GLU A 1 22 ? 0.431   7.159   0.608   1.00 17.38 ? 234 GLU A O     1 
ATOM   185 C CB    A GLU A 1 22 ? 2.362   8.464   2.789   0.48 20.76 ? 234 GLU A CB    1 
ATOM   186 C CB    B GLU A 1 22 ? 2.350   8.509   2.790   0.52 20.77 ? 234 GLU A CB    1 
ATOM   187 C CG    A GLU A 1 22 ? 2.514   8.905   4.249   0.48 20.45 ? 234 GLU A CG    1 
ATOM   188 C CG    B GLU A 1 22 ? 3.635   8.856   2.051   0.52 22.98 ? 234 GLU A CG    1 
ATOM   189 C CD    A GLU A 1 22 ? 3.085   10.302  4.412   0.48 29.26 ? 234 GLU A CD    1 
ATOM   190 C CD    B GLU A 1 22 ? 4.830   8.890   2.965   0.52 24.32 ? 234 GLU A CD    1 
ATOM   191 O OE1   A GLU A 1 22 ? 2.687   11.216  3.658   0.48 36.57 ? 234 GLU A OE1   1 
ATOM   192 O OE1   B GLU A 1 22 ? 4.655   8.612   4.172   0.52 26.83 ? 234 GLU A OE1   1 
ATOM   193 O OE2   A GLU A 1 22 ? 3.932   10.489  5.311   0.48 32.26 ? 234 GLU A OE2   1 
ATOM   194 O OE2   B GLU A 1 22 ? 5.936   9.203   2.479   0.52 29.77 ? 234 GLU A OE2   1 
ATOM   195 N N     . CYS A 1 23 ? 1.537   8.905   -0.305  1.00 15.88 ? 235 CYS A N     1 
ATOM   196 C CA    . CYS A 1 23 ? 1.699   8.304   -1.624  1.00 17.69 ? 235 CYS A CA    1 
ATOM   197 C C     . CYS A 1 23 ? 3.041   7.593   -1.689  1.00 21.25 ? 235 CYS A C     1 
ATOM   198 O O     . CYS A 1 23 ? 4.058   8.136   -1.248  1.00 19.61 ? 235 CYS A O     1 
ATOM   199 C CB    . CYS A 1 23 ? 1.651   9.362   -2.722  1.00 20.77 ? 235 CYS A CB    1 
ATOM   200 S SG    . CYS A 1 23 ? 0.081   10.175  -2.832  1.00 26.93 ? 235 CYS A SG    1 
ATOM   201 N N     . VAL A 1 24 ? 3.042   6.387   -2.246  1.00 15.19 ? 236 VAL A N     1 
ATOM   202 C CA    . VAL A 1 24 ? 4.276   5.605   -2.320  1.00 17.93 ? 236 VAL A CA    1 
ATOM   203 C C     . VAL A 1 24 ? 4.476   5.182   -3.767  1.00 16.59 ? 236 VAL A C     1 
ATOM   204 O O     . VAL A 1 24 ? 3.808   4.256   -4.248  1.00 16.24 ? 236 VAL A O     1 
ATOM   205 C CB    . VAL A 1 24 ? 4.250   4.384   -1.387  1.00 17.84 ? 236 VAL A CB    1 
ATOM   206 C CG1   . VAL A 1 24 ? 5.625   3.719   -1.377  1.00 19.26 ? 236 VAL A CG1   1 
ATOM   207 C CG2   . VAL A 1 24 ? 3.837   4.775   0.034   1.00 14.51 ? 236 VAL A CG2   1 
ATOM   208 N N     . PRO A 1 25 ? 5.370   5.835   -4.496  1.00 19.58 ? 237 PRO A N     1 
ATOM   209 C CA    . PRO A 1 25 ? 5.542   5.510   -5.908  1.00 17.22 ? 237 PRO A CA    1 
ATOM   210 C C     . PRO A 1 25 ? 6.452   4.308   -6.086  1.00 17.64 ? 237 PRO A C     1 
ATOM   211 O O     . PRO A 1 25 ? 7.401   4.088   -5.325  1.00 17.10 ? 237 PRO A O     1 
ATOM   212 C CB    . PRO A 1 25 ? 6.187   6.779   -6.480  1.00 20.28 ? 237 PRO A CB    1 
ATOM   213 C CG    . PRO A 1 25 ? 6.986   7.305   -5.339  1.00 26.65 ? 237 PRO A CG    1 
ATOM   214 C CD    . PRO A 1 25 ? 6.218   6.967   -4.077  1.00 22.79 ? 237 PRO A CD    1 
ATOM   215 N N     . VAL A 1 26 ? 6.143   3.524   -7.111  1.00 14.78 ? 238 VAL A N     1 
ATOM   216 C CA    . VAL A 1 26 ? 7.049   2.476   -7.581  1.00 14.43 ? 238 VAL A CA    1 
ATOM   217 C C     . VAL A 1 26 ? 7.296   2.733   -9.064  1.00 17.66 ? 238 VAL A C     1 
ATOM   218 O O     . VAL A 1 26 ? 6.597   3.557   -9.676  1.00 19.72 ? 238 VAL A O     1 
ATOM   219 C CB    . VAL A 1 26 ? 6.484   1.068   -7.304  1.00 14.86 ? 238 VAL A CB    1 
ATOM   220 C CG1   . VAL A 1 26 ? 6.297   0.854   -5.792  1.00 13.14 ? 238 VAL A CG1   1 
ATOM   221 C CG2   . VAL A 1 26 ? 5.184   0.843   -8.026  1.00 17.56 ? 238 VAL A CG2   1 
ATOM   222 N N     . PRO A 1 27 ? 8.285   2.077   -9.681  1.00 18.18 ? 239 PRO A N     1 
ATOM   223 C CA    . PRO A 1 27 ? 8.697   2.489   -11.032 1.00 18.07 ? 239 PRO A CA    1 
ATOM   224 C C     . PRO A 1 27 ? 7.685   2.206   -12.130 1.00 19.40 ? 239 PRO A C     1 
ATOM   225 O O     . PRO A 1 27 ? 7.669   2.941   -13.129 1.00 19.94 ? 239 PRO A O     1 
ATOM   226 C CB    . PRO A 1 27 ? 9.986   1.681   -11.257 1.00 16.47 ? 239 PRO A CB    1 
ATOM   227 C CG    . PRO A 1 27 ? 10.541  1.473   -9.900  1.00 15.88 ? 239 PRO A CG    1 
ATOM   228 C CD    . PRO A 1 27 ? 9.320   1.261   -9.020  1.00 14.75 ? 239 PRO A CD    1 
ATOM   229 N N     . SER A 1 28 ? 6.870   1.159   -12.015 1.00 17.41 ? 240 SER A N     1 
ATOM   230 C CA    . SER A 1 28 ? 6.065   0.736   -13.155 1.00 19.35 ? 240 SER A CA    1 
ATOM   231 C C     . SER A 1 28 ? 4.919   -0.146  -12.684 1.00 18.54 ? 240 SER A C     1 
ATOM   232 O O     . SER A 1 28 ? 4.932   -0.667  -11.568 1.00 17.47 ? 240 SER A O     1 
ATOM   233 C CB    . SER A 1 28 ? 6.923   -0.025  -14.168 1.00 21.56 ? 240 SER A CB    1 
ATOM   234 O OG    . SER A 1 28 ? 7.158   -1.344  -13.703 1.00 20.62 ? 240 SER A OG    1 
ATOM   235 N N     . SER A 1 29 ? 3.939   -0.352  -13.578 1.00 16.86 ? 241 SER A N     1 
ATOM   236 C CA    . SER A 1 29 ? 2.859   -1.287  -13.271 1.00 17.71 ? 241 SER A CA    1 
ATOM   237 C C     . SER A 1 29 ? 3.361   -2.713  -13.122 1.00 18.90 ? 241 SER A C     1 
ATOM   238 O O     . SER A 1 29 ? 2.736   -3.513  -12.423 1.00 18.42 ? 241 SER A O     1 
ATOM   239 C CB    . SER A 1 29 ? 1.776   -1.227  -14.349 1.00 22.03 ? 241 SER A CB    1 
ATOM   240 O OG    . SER A 1 29 ? 1.240   0.080   -14.426 1.00 23.34 ? 241 SER A OG    1 
ATOM   241 N N     . GLU A 1 30 ? 4.454   -3.079  -13.795 1.00 18.41 ? 242 GLU A N     1 
ATOM   242 C CA    A GLU A 1 30 ? 5.025   -4.406  -13.580 0.61 19.91 ? 242 GLU A CA    1 
ATOM   243 C CA    B GLU A 1 30 ? 5.003   -4.412  -13.573 0.39 19.93 ? 242 GLU A CA    1 
ATOM   244 C C     . GLU A 1 30 ? 5.534   -4.550  -12.152 1.00 17.83 ? 242 GLU A C     1 
ATOM   245 O O     . GLU A 1 30 ? 5.386   -5.612  -11.536 1.00 18.43 ? 242 GLU A O     1 
ATOM   246 C CB    A GLU A 1 30 ? 6.147   -4.676  -14.581 0.61 22.34 ? 242 GLU A CB    1 
ATOM   247 C CB    B GLU A 1 30 ? 6.081   -4.726  -14.608 0.39 22.40 ? 242 GLU A CB    1 
ATOM   248 C CG    A GLU A 1 30 ? 6.775   -6.052  -14.426 0.61 26.43 ? 242 GLU A CG    1 
ATOM   249 C CG    B GLU A 1 30 ? 5.489   -5.057  -15.974 0.39 22.61 ? 242 GLU A CG    1 
ATOM   250 C CD    A GLU A 1 30 ? 7.626   -6.454  -15.618 0.61 28.03 ? 242 GLU A CD    1 
ATOM   251 C CD    B GLU A 1 30 ? 6.500   -5.612  -16.957 0.39 28.52 ? 242 GLU A CD    1 
ATOM   252 O OE1   A GLU A 1 30 ? 7.927   -7.661  -15.746 0.61 22.84 ? 242 GLU A OE1   1 
ATOM   253 O OE1   B GLU A 1 30 ? 7.309   -6.484  -16.571 0.39 26.26 ? 242 GLU A OE1   1 
ATOM   254 O OE2   A GLU A 1 30 ? 7.979   -5.569  -16.428 0.61 27.04 ? 242 GLU A OE2   1 
ATOM   255 O OE2   B GLU A 1 30 ? 6.479   -5.172  -18.125 0.39 33.95 ? 242 GLU A OE2   1 
ATOM   256 N N     . HIS A 1 31 ? 6.133   -3.491  -11.613 1.00 14.52 ? 243 HIS A N     1 
ATOM   257 C CA    . HIS A 1 31 ? 6.484   -3.491  -10.197 1.00 16.49 ? 243 HIS A CA    1 
ATOM   258 C C     . HIS A 1 31 ? 5.239   -3.648  -9.338  1.00 16.73 ? 243 HIS A C     1 
ATOM   259 O O     . HIS A 1 31 ? 5.224   -4.442  -8.395  1.00 17.02 ? 243 HIS A O     1 
ATOM   260 C CB    . HIS A 1 31 ? 7.212   -2.202  -9.826  1.00 18.85 ? 243 HIS A CB    1 
ATOM   261 C CG    . HIS A 1 31 ? 8.617   -2.131  -10.334 1.00 19.25 ? 243 HIS A CG    1 
ATOM   262 N ND1   . HIS A 1 31 ? 8.925   -1.770  -11.631 1.00 19.89 ? 243 HIS A ND1   1 
ATOM   263 C CD2   . HIS A 1 31 ? 9.798   -2.360  -9.712  1.00 15.38 ? 243 HIS A CD2   1 
ATOM   264 C CE1   . HIS A 1 31 ? 10.240  -1.787  -11.788 1.00 19.35 ? 243 HIS A CE1   1 
ATOM   265 N NE2   . HIS A 1 31 ? 10.793  -2.133  -10.638 1.00 16.34 ? 243 HIS A NE2   1 
ATOM   266 N N     . VAL A 1 32 ? 4.199   -2.858  -9.625  1.00 17.47 ? 244 VAL A N     1 
ATOM   267 C CA    . VAL A 1 32 ? 2.944   -2.980  -8.880  1.00 17.62 ? 244 VAL A CA    1 
ATOM   268 C C     . VAL A 1 32 ? 2.480   -4.427  -8.875  1.00 15.40 ? 244 VAL A C     1 
ATOM   269 O O     . VAL A 1 32 ? 2.179   -5.003  -7.822  1.00 16.50 ? 244 VAL A O     1 
ATOM   270 C CB    . VAL A 1 32 ? 1.860   -2.057  -9.468  1.00 16.02 ? 244 VAL A CB    1 
ATOM   271 C CG1   . VAL A 1 32 ? 0.540   -2.247  -8.698  1.00 17.47 ? 244 VAL A CG1   1 
ATOM   272 C CG2   . VAL A 1 32 ? 2.281   -0.607  -9.371  1.00 17.23 ? 244 VAL A CG2   1 
ATOM   273 N N     . ALA A 1 33 ? 2.444   -5.043  -10.055 1.00 15.57 ? 245 ALA A N     1 
ATOM   274 C CA    . ALA A 1 33 ? 1.955   -6.414  -10.159 1.00 19.25 ? 245 ALA A CA    1 
ATOM   275 C C     . ALA A 1 33 ? 2.681   -7.363  -9.207  1.00 16.04 ? 245 ALA A C     1 
ATOM   276 O O     . ALA A 1 33 ? 2.053   -8.186  -8.533  1.00 15.93 ? 245 ALA A O     1 
ATOM   277 C CB    . ALA A 1 33 ? 2.095   -6.901  -11.596 1.00 20.89 ? 245 ALA A CB    1 
ATOM   278 N N     . GLU A 1 34 ? 4.019   -7.300  -9.179  1.00 18.32 ? 246 GLU A N     1 
ATOM   279 C CA    . GLU A 1 34 ? 4.784   -8.245  -8.366  1.00 16.57 ? 246 GLU A CA    1 
ATOM   280 C C     . GLU A 1 34 ? 4.682   -7.926  -6.883  1.00 18.92 ? 246 GLU A C     1 
ATOM   281 O O     . GLU A 1 34 ? 4.834   -8.818  -6.035  1.00 18.17 ? 246 GLU A O     1 
ATOM   282 C CB    . GLU A 1 34 ? 6.250   -8.244  -8.801  1.00 18.43 ? 246 GLU A CB    1 
ATOM   283 C CG    . GLU A 1 34 ? 6.468   -8.690  -10.222 1.00 18.13 ? 246 GLU A CG    1 
ATOM   284 C CD    . GLU A 1 34 ? 7.832   -9.324  -10.419 1.00 24.30 ? 246 GLU A CD    1 
ATOM   285 O OE1   . GLU A 1 34 ? 8.744   -8.648  -10.954 1.00 25.07 ? 246 GLU A OE1   1 
ATOM   286 O OE2   . GLU A 1 34 ? 7.991   -10.496 -10.020 1.00 24.68 ? 246 GLU A OE2   1 
ATOM   287 N N     . ILE A 1 35 ? 4.445   -6.661  -6.551  1.00 17.86 ? 247 ILE A N     1 
ATOM   288 C CA    . ILE A 1 35 ? 4.269   -6.273  -5.154  1.00 16.51 ? 247 ILE A CA    1 
ATOM   289 C C     . ILE A 1 35 ? 2.904   -6.717  -4.642  1.00 20.67 ? 247 ILE A C     1 
ATOM   290 O O     . ILE A 1 35 ? 2.772   -7.171  -3.496  1.00 24.00 ? 247 ILE A O     1 
ATOM   291 C CB    . ILE A 1 35 ? 4.468   -4.751  -5.028  1.00 17.85 ? 247 ILE A CB    1 
ATOM   292 C CG1   . ILE A 1 35 ? 5.943   -4.408  -5.263  1.00 17.46 ? 247 ILE A CG1   1 
ATOM   293 C CG2   . ILE A 1 35 ? 4.017   -4.256  -3.671  1.00 16.62 ? 247 ILE A CG2   1 
ATOM   294 C CD1   . ILE A 1 35 ? 6.206   -2.916  -5.400  1.00 17.43 ? 247 ILE A CD1   1 
ATOM   295 N N     . VAL A 1 36 ? 1.873   -6.591  -5.480  1.00 20.62 ? 248 VAL A N     1 
ATOM   296 C CA    . VAL A 1 36 ? 0.507   -6.931  -5.087  1.00 17.75 ? 248 VAL A CA    1 
ATOM   297 C C     . VAL A 1 36 ? 0.328   -8.445  -5.036  1.00 22.66 ? 248 VAL A C     1 
ATOM   298 O O     . VAL A 1 36 ? -0.301  -8.983  -4.114  1.00 20.09 ? 248 VAL A O     1 
ATOM   299 C CB    . VAL A 1 36 ? -0.482  -6.254  -6.060  1.00 20.33 ? 248 VAL A CB    1 
ATOM   300 C CG1   . VAL A 1 36 ? -1.868  -6.808  -5.933  1.00 27.83 ? 248 VAL A CG1   1 
ATOM   301 C CG2   . VAL A 1 36 ? -0.509  -4.747  -5.809  1.00 23.72 ? 248 VAL A CG2   1 
ATOM   302 N N     . GLY A 1 37 ? 0.904   -9.157  -6.002  1.00 21.68 ? 249 GLY A N     1 
ATOM   303 C CA    . GLY A 1 37 ? 0.752   -10.595 -6.087  1.00 20.48 ? 249 GLY A CA    1 
ATOM   304 C C     . GLY A 1 37 ? -0.546  -10.987 -6.763  1.00 22.93 ? 249 GLY A C     1 
ATOM   305 O O     . GLY A 1 37 ? -1.440  -10.175 -7.008  1.00 19.65 ? 249 GLY A O     1 
ATOM   306 N N     . ARG A 1 38 ? -0.652  -12.274 -7.085  1.00 26.41 ? 250 ARG A N     1 
ATOM   307 C CA    . ARG A 1 38 ? -1.900  -12.759 -7.656  1.00 23.20 ? 250 ARG A CA    1 
ATOM   308 C C     . ARG A 1 38 ? -3.009  -12.641 -6.621  1.00 20.09 ? 250 ARG A C     1 
ATOM   309 O O     . ARG A 1 38 ? -2.811  -12.947 -5.446  1.00 27.06 ? 250 ARG A O     1 
ATOM   310 C CB    . ARG A 1 38 ? -1.759  -14.209 -8.120  1.00 28.39 ? 250 ARG A CB    1 
ATOM   311 C CG    . ARG A 1 38 ? -1.061  -14.342 -9.463  1.00 36.27 ? 250 ARG A CG    1 
ATOM   312 C CD    . ARG A 1 38 ? -0.850  -15.805 -9.817  1.00 35.35 ? 250 ARG A CD    1 
ATOM   313 N NE    . ARG A 1 38 ? 0.061   -15.953 -10.943 1.00 43.80 ? 250 ARG A NE    1 
ATOM   314 C CZ    . ARG A 1 38 ? 0.665   -17.094 -11.258 1.00 48.72 ? 250 ARG A CZ    1 
ATOM   315 N NH1   . ARG A 1 38 ? 0.448   -18.177 -10.522 1.00 43.67 ? 250 ARG A NH1   1 
ATOM   316 N NH2   . ARG A 1 38 ? 1.485   -17.150 -12.301 1.00 41.75 ? 250 ARG A NH2   1 
ATOM   317 N N     . GLN A 1 39 ? -4.178  -12.191 -7.071  1.00 25.40 ? 251 GLN A N     1 
ATOM   318 C CA    . GLN A 1 39 ? -5.343  -11.949 -6.215  1.00 31.03 ? 251 GLN A CA    1 
ATOM   319 C C     . GLN A 1 39 ? -5.035  -10.974 -5.086  1.00 29.55 ? 251 GLN A C     1 
ATOM   320 O O     . GLN A 1 39 ? -5.721  -10.973 -4.053  1.00 27.24 ? 251 GLN A O     1 
ATOM   321 C CB    . GLN A 1 39 ? -5.903  -13.257 -5.638  1.00 35.19 ? 251 GLN A CB    1 
ATOM   322 C CG    . GLN A 1 39 ? -5.986  -14.407 -6.636  1.00 41.88 ? 251 GLN A CG    1 
ATOM   323 C CD    . GLN A 1 39 ? -6.661  -14.014 -7.934  1.00 45.07 ? 251 GLN A CD    1 
ATOM   324 O OE1   . GLN A 1 39 ? -7.716  -13.378 -7.929  1.00 56.53 ? 251 GLN A OE1   1 
ATOM   325 N NE2   . GLN A 1 39 ? -6.051  -14.389 -9.060  1.00 49.39 ? 251 GLN A NE2   1 
ATOM   326 N N     . GLY A 1 40 ? -4.001  -10.153 -5.252  1.00 26.48 ? 252 GLY A N     1 
ATOM   327 C CA    . GLY A 1 40 ? -3.619  -9.223  -4.209  1.00 20.84 ? 252 GLY A CA    1 
ATOM   328 C C     . GLY A 1 40 ? -3.153  -9.870  -2.931  1.00 21.14 ? 252 GLY A C     1 
ATOM   329 O O     . GLY A 1 40 ? -3.175  -9.223  -1.884  1.00 20.39 ? 252 GLY A O     1 
ATOM   330 N N     . CYS A 1 41 ? -2.702  -11.132 -2.989  1.00 24.30 ? 253 CYS A N     1 
ATOM   331 C CA    A CYS A 1 41 ? -2.408  -11.857 -1.757  0.31 23.17 ? 253 CYS A CA    1 
ATOM   332 C CA    B CYS A 1 41 ? -2.395  -11.873 -1.767  0.69 23.11 ? 253 CYS A CA    1 
ATOM   333 C C     . CYS A 1 41 ? -1.285  -11.205 -0.965  1.00 23.68 ? 253 CYS A C     1 
ATOM   334 O O     . CYS A 1 41 ? -1.314  -11.215 0.269   1.00 22.82 ? 253 CYS A O     1 
ATOM   335 C CB    A CYS A 1 41 ? -2.069  -13.315 -2.066  0.31 27.21 ? 253 CYS A CB    1 
ATOM   336 C CB    B CYS A 1 41 ? -2.023  -13.322 -2.100  0.69 27.25 ? 253 CYS A CB    1 
ATOM   337 S SG    A CYS A 1 41 ? -3.514  -14.345 -2.381  0.31 35.99 ? 253 CYS A SG    1 
ATOM   338 S SG    B CYS A 1 41 ? -0.616  -13.536 -3.238  0.69 31.46 ? 253 CYS A SG    1 
ATOM   339 N N     . LYS A 1 42 ? -0.297  -10.614 -1.646  1.00 21.65 ? 254 LYS A N     1 
ATOM   340 C CA    . LYS A 1 42 ? 0.830   -10.048 -0.915  1.00 18.75 ? 254 LYS A CA    1 
ATOM   341 C C     . LYS A 1 42 ? 0.503   -8.674  -0.339  1.00 16.58 ? 254 LYS A C     1 
ATOM   342 O O     . LYS A 1 42 ? 0.898   -8.367  0.788   1.00 18.35 ? 254 LYS A O     1 
ATOM   343 C CB    . LYS A 1 42 ? 2.060   -9.977  -1.816  1.00 21.29 ? 254 LYS A CB    1 
ATOM   344 C CG    . LYS A 1 42 ? 2.509   -11.360 -2.292  1.00 24.50 ? 254 LYS A CG    1 
ATOM   345 C CD    . LYS A 1 42 ? 3.736   -11.320 -3.192  1.00 31.37 ? 254 LYS A CD    1 
ATOM   346 C CE    . LYS A 1 42 ? 4.089   -12.744 -3.619  1.00 34.36 ? 254 LYS A CE    1 
ATOM   347 N NZ    . LYS A 1 42 ? 5.270   -12.838 -4.512  1.00 38.39 ? 254 LYS A NZ    1 
ATOM   348 N N     . ILE A 1 43 ? -0.210  -7.834  -1.094  1.00 19.35 ? 255 ILE A N     1 
ATOM   349 C CA    . ILE A 1 43 ? -0.579  -6.521  -0.570  1.00 16.35 ? 255 ILE A CA    1 
ATOM   350 C C     . ILE A 1 43 ? -1.629  -6.671  0.526   1.00 17.66 ? 255 ILE A C     1 
ATOM   351 O O     . ILE A 1 43 ? -1.652  -5.889  1.482   1.00 18.33 ? 255 ILE A O     1 
ATOM   352 C CB    . ILE A 1 43 ? -1.044  -5.592  -1.715  1.00 16.25 ? 255 ILE A CB    1 
ATOM   353 C CG1   . ILE A 1 43 ? -0.905  -4.113  -1.321  1.00 15.36 ? 255 ILE A CG1   1 
ATOM   354 C CG2   . ILE A 1 43 ? -2.477  -5.896  -2.149  1.00 20.99 ? 255 ILE A CG2   1 
ATOM   355 C CD1   . ILE A 1 43 ? 0.551   -3.657  -1.152  1.00 18.81 ? 255 ILE A CD1   1 
ATOM   356 N N     . LYS A 1 44 ? -2.476  -7.701  0.450   1.00 19.75 ? 256 LYS A N     1 
ATOM   357 C CA    . LYS A 1 44 ? -3.424  -7.935  1.540   1.00 21.13 ? 256 LYS A CA    1 
ATOM   358 C C     . LYS A 1 44 ? -2.717  -8.394  2.814   1.00 20.42 ? 256 LYS A C     1 
ATOM   359 O O     . LYS A 1 44 ? -3.074  -7.967  3.920   1.00 20.35 ? 256 LYS A O     1 
ATOM   360 C CB    . LYS A 1 44 ? -4.485  -8.943  1.093   1.00 22.49 ? 256 LYS A CB    1 
ATOM   361 C CG    . LYS A 1 44 ? -5.483  -8.346  0.087   1.00 25.99 ? 256 LYS A CG    1 
ATOM   362 C CD    . LYS A 1 44 ? -6.310  -9.403  -0.652  1.00 34.19 ? 256 LYS A CD    1 
ATOM   363 C CE    . LYS A 1 44 ? -7.213  -10.180 0.289   1.00 41.55 ? 256 LYS A CE    1 
ATOM   364 N NZ    . LYS A 1 44 ? -8.269  -10.924 -0.466  1.00 45.41 ? 256 LYS A NZ    1 
ATOM   365 N N     . ALA A 1 45 ? -1.716  -9.260  2.688   1.00 17.43 ? 257 ALA A N     1 
ATOM   366 C CA    . ALA A 1 45 ? -0.908  -9.630  3.846   1.00 18.30 ? 257 ALA A CA    1 
ATOM   367 C C     . ALA A 1 45 ? -0.202  -8.417  4.442   1.00 16.64 ? 257 ALA A C     1 
ATOM   368 O O     . ALA A 1 45 ? -0.071  -8.299  5.665   1.00 19.81 ? 257 ALA A O     1 
ATOM   369 C CB    . ALA A 1 45 ? 0.115   -10.689 3.438   1.00 21.60 ? 257 ALA A CB    1 
ATOM   370 N N     . LEU A 1 46 ? 0.284   -7.516  3.583   1.00 17.52 ? 258 LEU A N     1 
ATOM   371 C CA    . LEU A 1 46 ? 0.953   -6.312  4.060   1.00 17.82 ? 258 LEU A CA    1 
ATOM   372 C C     . LEU A 1 46 ? -0.006  -5.420  4.836   1.00 17.26 ? 258 LEU A C     1 
ATOM   373 O O     . LEU A 1 46 ? 0.356   -4.865  5.882   1.00 18.65 ? 258 LEU A O     1 
ATOM   374 C CB    . LEU A 1 46 ? 1.547   -5.540  2.883   1.00 17.67 ? 258 LEU A CB    1 
ATOM   375 C CG    . LEU A 1 46 ? 2.371   -4.331  3.328   1.00 20.85 ? 258 LEU A CG    1 
ATOM   376 C CD1   . LEU A 1 46 ? 3.513   -4.765  4.224   1.00 21.62 ? 258 LEU A CD1   1 
ATOM   377 C CD2   . LEU A 1 46 ? 2.887   -3.532  2.135   1.00 17.09 ? 258 LEU A CD2   1 
ATOM   378 N N     . ARG A 1 47 ? -1.216  -5.223  4.305   1.00 16.46 ? 259 ARG A N     1 
ATOM   379 C CA    . ARG A 1 47 ? -2.220  -4.455  5.031   1.00 15.58 ? 259 ARG A CA    1 
ATOM   380 C C     . ARG A 1 47 ? -2.473  -5.074  6.396   1.00 16.50 ? 259 ARG A C     1 
ATOM   381 O O     . ARG A 1 47 ? -2.494  -4.377  7.416   1.00 18.48 ? 259 ARG A O     1 
ATOM   382 C CB    . ARG A 1 47 ? -3.516  -4.393  4.231   1.00 13.50 ? 259 ARG A CB    1 
ATOM   383 C CG    . ARG A 1 47 ? -3.446  -3.503  3.016   1.00 12.21 ? 259 ARG A CG    1 
ATOM   384 C CD    . ARG A 1 47 ? -4.790  -3.496  2.267   1.00 14.93 ? 259 ARG A CD    1 
ATOM   385 N NE    . ARG A 1 47 ? -5.807  -2.725  2.979   1.00 14.16 ? 259 ARG A NE    1 
ATOM   386 C CZ    . ARG A 1 47 ? -7.076  -2.655  2.598   1.00 13.83 ? 259 ARG A CZ    1 
ATOM   387 N NH1   . ARG A 1 47 ? -7.475  -3.315  1.515   1.00 16.53 ? 259 ARG A NH1   1 
ATOM   388 N NH2   . ARG A 1 47 ? -7.949  -1.957  3.310   1.00 15.92 ? 259 ARG A NH2   1 
ATOM   389 N N     . ALA A 1 48 ? -2.631  -6.394  6.431   1.00 17.29 ? 260 ALA A N     1 
ATOM   390 C CA    . ALA A 1 48 ? -2.884  -7.071  7.701   1.00 17.88 ? 260 ALA A CA    1 
ATOM   391 C C     . ALA A 1 48 ? -1.714  -6.877  8.655   1.00 24.26 ? 260 ALA A C     1 
ATOM   392 O O     . ALA A 1 48 ? -1.899  -6.527  9.826   1.00 23.50 ? 260 ALA A O     1 
ATOM   393 C CB    . ALA A 1 48 ? -3.145  -8.554  7.454   1.00 19.28 ? 260 ALA A CB    1 
ATOM   394 N N     . LYS A 1 49 ? -0.492  -7.061  8.151   1.00 18.64 ? 261 LYS A N     1 
ATOM   395 C CA    . LYS A 1 49 ? 0.689   -6.965  9.002   1.00 21.44 ? 261 LYS A CA    1 
ATOM   396 C C     . LYS A 1 49 ? 0.870   -5.559  9.562   1.00 24.02 ? 261 LYS A C     1 
ATOM   397 O O     . LYS A 1 49 ? 1.284   -5.396  10.718  1.00 24.78 ? 261 LYS A O     1 
ATOM   398 C CB    . LYS A 1 49 ? 1.933   -7.387  8.214   1.00 24.86 ? 261 LYS A CB    1 
ATOM   399 C CG    . LYS A 1 49 ? 3.240   -7.165  8.964   1.00 35.47 ? 261 LYS A CG    1 
ATOM   400 C CD    . LYS A 1 49 ? 4.443   -7.501  8.090   1.00 37.19 ? 261 LYS A CD    1 
ATOM   401 C CE    . LYS A 1 49 ? 5.742   -7.231  8.827   1.00 45.48 ? 261 LYS A CE    1 
ATOM   402 N NZ    . LYS A 1 49 ? 6.923   -7.553  7.976   1.00 51.40 ? 261 LYS A NZ    1 
ATOM   403 N N     . THR A 1 50 ? 0.565   -4.533  8.765   1.00 21.75 ? 262 THR A N     1 
ATOM   404 C CA    . THR A 1 50 ? 0.826   -3.148  9.147   1.00 18.77 ? 262 THR A CA    1 
ATOM   405 C C     . THR A 1 50 ? -0.413  -2.393  9.596   1.00 20.63 ? 262 THR A C     1 
ATOM   406 O O     . THR A 1 50 ? -0.289  -1.236  9.985   1.00 19.73 ? 262 THR A O     1 
ATOM   407 C CB    . THR A 1 50 ? 1.459   -2.372  7.991   1.00 17.53 ? 262 THR A CB    1 
ATOM   408 O OG1   . THR A 1 50 ? 0.584   -2.415  6.858   1.00 18.16 ? 262 THR A OG1   1 
ATOM   409 C CG2   . THR A 1 50 ? 2.813   -2.957  7.617   1.00 19.36 ? 262 THR A CG2   1 
ATOM   410 N N     . ASN A 1 51 ? -1.597  -2.999  9.546   1.00 18.26 ? 263 ASN A N     1 
ATOM   411 C CA    . ASN A 1 51 ? -2.817  -2.317  9.980   1.00 17.80 ? 263 ASN A CA    1 
ATOM   412 C C     . ASN A 1 51 ? -3.085  -1.075  9.129   1.00 21.26 ? 263 ASN A C     1 
ATOM   413 O O     . ASN A 1 51 ? -3.379  0.006   9.643   1.00 20.46 ? 263 ASN A O     1 
ATOM   414 C CB    . ASN A 1 51 ? -2.741  -1.942  11.469  1.00 22.73 ? 263 ASN A CB    1 
ATOM   415 C CG    . ASN A 1 51 ? -4.098  -1.568  12.052  1.00 25.75 ? 263 ASN A CG    1 
ATOM   416 O OD1   . ASN A 1 51 ? -5.124  -2.046  11.584  1.00 28.08 ? 263 ASN A OD1   1 
ATOM   417 N ND2   . ASN A 1 51 ? -4.106  -0.702  13.068  1.00 36.73 ? 263 ASN A ND2   1 
ATOM   418 N N     . THR A 1 52 ? -2.981  -1.226  7.806   1.00 15.57 ? 264 THR A N     1 
ATOM   419 C CA    . THR A 1 52 ? -3.099  -0.073  6.926   1.00 14.70 ? 264 THR A CA    1 
ATOM   420 C C     . THR A 1 52 ? -4.159  -0.300  5.868   1.00 16.41 ? 264 THR A C     1 
ATOM   421 O O     . THR A 1 52 ? -4.419  -1.430  5.448   1.00 16.60 ? 264 THR A O     1 
ATOM   422 C CB    . THR A 1 52 ? -1.771  0.266   6.211   1.00 16.93 ? 264 THR A CB    1 
ATOM   423 O OG1   . THR A 1 52 ? -1.235  -0.908  5.592   1.00 17.84 ? 264 THR A OG1   1 
ATOM   424 C CG2   . THR A 1 52 ? -0.775  0.810   7.202   1.00 18.19 ? 264 THR A CG2   1 
ATOM   425 N N     . TYR A 1 53 ? -4.780  0.801   5.464   1.00 13.95 ? 265 TYR A N     1 
ATOM   426 C CA    . TYR A 1 53 ? -5.572  0.851   4.253   1.00 14.43 ? 265 TYR A CA    1 
ATOM   427 C C     . TYR A 1 53 ? -4.610  1.160   3.112   1.00 17.62 ? 265 TYR A C     1 
ATOM   428 O O     . TYR A 1 53 ? -3.833  2.109   3.201   1.00 16.22 ? 265 TYR A O     1 
ATOM   429 C CB    . TYR A 1 53 ? -6.655  1.924   4.365   1.00 17.37 ? 265 TYR A CB    1 
ATOM   430 C CG    . TYR A 1 53 ? -7.357  2.179   3.047   1.00 19.53 ? 265 TYR A CG    1 
ATOM   431 C CD1   . TYR A 1 53 ? -6.841  3.095   2.140   1.00 25.69 ? 265 TYR A CD1   1 
ATOM   432 C CD2   . TYR A 1 53 ? -8.497  1.478   2.694   1.00 25.42 ? 265 TYR A CD2   1 
ATOM   433 C CE1   . TYR A 1 53 ? -7.454  3.326   0.926   1.00 29.55 ? 265 TYR A CE1   1 
ATOM   434 C CE2   . TYR A 1 53 ? -9.123  1.708   1.477   1.00 27.82 ? 265 TYR A CE2   1 
ATOM   435 C CZ    . TYR A 1 53 ? -8.590  2.634   0.600   1.00 33.96 ? 265 TYR A CZ    1 
ATOM   436 O OH    . TYR A 1 53 ? -9.189  2.877   -0.617  1.00 45.55 ? 265 TYR A OH    1 
ATOM   437 N N     . ILE A 1 54 ? -4.642  0.357   2.054   1.00 15.13 ? 266 ILE A N     1 
ATOM   438 C CA    . ILE A 1 54 ? -3.790  0.600   0.896   1.00 15.14 ? 266 ILE A CA    1 
ATOM   439 C C     . ILE A 1 54 ? -4.642  0.599   -0.365  1.00 17.45 ? 266 ILE A C     1 
ATOM   440 O O     . ILE A 1 54 ? -5.450  -0.310  -0.577  1.00 17.12 ? 266 ILE A O     1 
ATOM   441 C CB    . ILE A 1 54 ? -2.663  -0.439  0.784   1.00 13.09 ? 266 ILE A CB    1 
ATOM   442 C CG1   . ILE A 1 54 ? -1.743  -0.336  2.008   1.00 11.63 ? 266 ILE A CG1   1 
ATOM   443 C CG2   . ILE A 1 54 ? -1.865  -0.215  -0.517  1.00 15.42 ? 266 ILE A CG2   1 
ATOM   444 C CD1   . ILE A 1 54 ? -0.655  -1.415  2.077   1.00 16.54 ? 266 ILE A CD1   1 
ATOM   445 N N     . LYS A 1 55 ? -4.444  1.611   -1.201  1.00 12.52 ? 267 LYS A N     1 
ATOM   446 C CA    . LYS A 1 55 ? -5.070  1.700   -2.510  1.00 15.14 ? 267 LYS A CA    1 
ATOM   447 C C     . LYS A 1 55 ? -4.039  1.298   -3.560  1.00 16.66 ? 267 LYS A C     1 
ATOM   448 O O     . LYS A 1 55 ? -3.021  1.980   -3.726  1.00 14.71 ? 267 LYS A O     1 
ATOM   449 C CB    . LYS A 1 55 ? -5.574  3.117   -2.761  1.00 18.73 ? 267 LYS A CB    1 
ATOM   450 C CG    . LYS A 1 55 ? -6.214  3.330   -4.121  1.00 22.44 ? 267 LYS A CG    1 
ATOM   451 C CD    . LYS A 1 55 ? -7.537  2.621   -4.230  1.00 29.04 ? 267 LYS A CD    1 
ATOM   452 C CE    . LYS A 1 55 ? -8.206  2.963   -5.555  1.00 39.01 ? 267 LYS A CE    1 
ATOM   453 N NZ    . LYS A 1 55 ? -7.330  2.571   -6.710  1.00 36.82 ? 267 LYS A NZ    1 
ATOM   454 N N     . THR A 1 56 ? -4.292  0.207   -4.236  1.00 15.28 ? 268 THR A N     1 
ATOM   455 C CA    . THR A 1 56 ? -3.434  -0.235  -5.335  1.00 16.16 ? 268 THR A CA    1 
ATOM   456 C C     . THR A 1 56 ? -3.728  0.580   -6.592  1.00 16.97 ? 268 THR A C     1 
ATOM   457 O O     . THR A 1 56 ? -4.899  0.776   -6.943  1.00 18.46 ? 268 THR A O     1 
ATOM   458 C CB    . THR A 1 56 ? -3.685  -1.714  -5.606  1.00 19.66 ? 268 THR A CB    1 
ATOM   459 O OG1   . THR A 1 56 ? -3.371  -2.470  -4.433  1.00 19.38 ? 268 THR A OG1   1 
ATOM   460 C CG2   . THR A 1 56 ? -2.863  -2.228  -6.785  1.00 18.15 ? 268 THR A CG2   1 
ATOM   461 N N     . PRO A 1 57 ? -2.707  1.042   -7.311  1.00 17.25 ? 269 PRO A N     1 
ATOM   462 C CA    . PRO A 1 57 ? -2.978  1.809   -8.528  1.00 21.19 ? 269 PRO A CA    1 
ATOM   463 C C     . PRO A 1 57 ? -3.380  0.891   -9.666  1.00 21.64 ? 269 PRO A C     1 
ATOM   464 O O     . PRO A 1 57 ? -2.981  -0.272  -9.729  1.00 22.63 ? 269 PRO A O     1 
ATOM   465 C CB    . PRO A 1 57 ? -1.643  2.506   -8.817  1.00 15.78 ? 269 PRO A CB    1 
ATOM   466 C CG    . PRO A 1 57 ? -0.604  1.550   -8.242  1.00 14.36 ? 269 PRO A CG    1 
ATOM   467 C CD    . PRO A 1 57 ? -1.267  1.005   -6.981  1.00 15.29 ? 269 PRO A CD    1 
ATOM   468 N N     . VAL A 1 58 ? -4.190  1.439   -10.565 1.00 22.54 ? 270 VAL A N     1 
ATOM   469 C CA    . VAL A 1 58 ? -4.713  0.692   -11.701 1.00 29.17 ? 270 VAL A CA    1 
ATOM   470 C C     . VAL A 1 58 ? -3.631  0.574   -12.763 1.00 22.59 ? 270 VAL A C     1 
ATOM   471 O O     . VAL A 1 58 ? -2.873  1.522   -13.004 1.00 24.88 ? 270 VAL A O     1 
ATOM   472 C CB    . VAL A 1 58 ? -5.977  1.379   -12.256 1.00 36.17 ? 270 VAL A CB    1 
ATOM   473 C CG1   . VAL A 1 58 ? -6.473  0.670   -13.504 1.00 41.16 ? 270 VAL A CG1   1 
ATOM   474 C CG2   . VAL A 1 58 ? -7.078  1.420   -11.191 1.00 30.14 ? 270 VAL A CG2   1 
ATOM   475 N N     . ARG A 1 59 ? -3.552  -0.596  -13.393 1.00 23.46 ? 271 ARG A N     1 
ATOM   476 C CA    . ARG A 1 59 ? -2.597  -0.799  -14.473 1.00 30.46 ? 271 ARG A CA    1 
ATOM   477 C C     . ARG A 1 59 ? -2.801  0.258   -15.547 1.00 34.23 ? 271 ARG A C     1 
ATOM   478 O O     . ARG A 1 59 ? -3.928  0.516   -15.974 1.00 36.67 ? 271 ARG A O     1 
ATOM   479 C CB    . ARG A 1 59 ? -2.749  -2.201  -15.062 1.00 29.83 ? 271 ARG A CB    1 
ATOM   480 C CG    . ARG A 1 59 ? -1.498  -2.681  -15.772 1.00 34.69 ? 271 ARG A CG    1 
ATOM   481 C CD    . ARG A 1 59 ? -1.707  -3.998  -16.493 1.00 32.14 ? 271 ARG A CD    1 
ATOM   482 N NE    . ARG A 1 59 ? -1.492  -5.179  -15.657 1.00 30.11 ? 271 ARG A NE    1 
ATOM   483 C CZ    . ARG A 1 59 ? -0.296  -5.634  -15.294 1.00 32.41 ? 271 ARG A CZ    1 
ATOM   484 N NH1   . ARG A 1 59 ? 0.810   -4.997  -15.661 1.00 36.57 ? 271 ARG A NH1   1 
ATOM   485 N NH2   . ARG A 1 59 ? -0.203  -6.733  -14.559 1.00 32.93 ? 271 ARG A NH2   1 
ATOM   486 N N     . GLY A 1 60 ? -1.711  0.901   -15.957 1.00 35.85 ? 272 GLY A N     1 
ATOM   487 C CA    . GLY A 1 60 ? -1.782  1.957   -16.936 1.00 40.07 ? 272 GLY A CA    1 
ATOM   488 C C     . GLY A 1 60 ? -1.877  3.351   -16.358 1.00 48.12 ? 272 GLY A C     1 
ATOM   489 O O     . GLY A 1 60 ? -1.515  4.314   -17.045 1.00 43.12 ? 272 GLY A O     1 
ATOM   490 N N     . GLU A 1 61 ? -2.363  3.489   -15.125 1.00 32.47 ? 273 GLU A N     1 
ATOM   491 C CA    . GLU A 1 61 ? -2.296  4.760   -14.426 1.00 31.01 ? 273 GLU A CA    1 
ATOM   492 C C     . GLU A 1 61 ? -0.978  4.859   -13.665 1.00 28.92 ? 273 GLU A C     1 
ATOM   493 O O     . GLU A 1 61 ? -0.191  3.911   -13.609 1.00 28.67 ? 273 GLU A O     1 
ATOM   494 C CB    . GLU A 1 61 ? -3.494  4.919   -13.490 1.00 34.38 ? 273 GLU A CB    1 
ATOM   495 C CG    . GLU A 1 61 ? -4.827  4.876   -14.230 1.00 36.74 ? 273 GLU A CG    1 
ATOM   496 C CD    . GLU A 1 61 ? -6.022  5.275   -13.374 1.00 53.08 ? 273 GLU A CD    1 
ATOM   497 O OE1   . GLU A 1 61 ? -5.830  5.724   -12.220 1.00 45.07 ? 273 GLU A OE1   1 
ATOM   498 O OE2   . GLU A 1 61 ? -7.165  5.139   -13.869 1.00 55.89 ? 273 GLU A OE2   1 
ATOM   499 N N     . GLU A 1 62 ? -0.736  6.031   -13.089 1.00 22.41 ? 274 GLU A N     1 
ATOM   500 C CA    . GLU A 1 62 ? 0.490   6.285   -12.343 1.00 27.52 ? 274 GLU A CA    1 
ATOM   501 C C     . GLU A 1 62 ? 0.701   5.184   -11.305 1.00 23.18 ? 274 GLU A C     1 
ATOM   502 O O     . GLU A 1 62 ? -0.190  4.943   -10.479 1.00 20.68 ? 274 GLU A O     1 
ATOM   503 C CB    . GLU A 1 62 ? 0.436   7.643   -11.649 1.00 26.74 ? 274 GLU A CB    1 
ATOM   504 C CG    . GLU A 1 62 ? 0.964   8.798   -12.490 1.00 34.18 ? 274 GLU A CG    1 
ATOM   505 C CD    . GLU A 1 62 ? 1.480   9.943   -11.633 1.00 39.86 ? 274 GLU A CD    1 
ATOM   506 O OE1   . GLU A 1 62 ? 0.670   10.803  -11.230 1.00 49.68 ? 274 GLU A OE1   1 
ATOM   507 O OE2   . GLU A 1 62 ? 2.700   9.971   -11.350 1.00 54.90 ? 274 GLU A OE2   1 
ATOM   508 N N     . PRO A 1 63 ? 1.853   4.479   -11.330 1.00 19.51 ? 275 PRO A N     1 
ATOM   509 C CA    . PRO A 1 63 ? 2.085   3.350   -10.396 1.00 17.53 ? 275 PRO A CA    1 
ATOM   510 C C     . PRO A 1 63 ? 2.416   3.842   -8.992  1.00 18.58 ? 275 PRO A C     1 
ATOM   511 O O     . PRO A 1 63 ? 3.527   3.715   -8.471  1.00 20.27 ? 275 PRO A O     1 
ATOM   512 C CB    . PRO A 1 63 ? 3.250   2.609   -11.066 1.00 17.62 ? 275 PRO A CB    1 
ATOM   513 C CG    . PRO A 1 63 ? 4.010   3.696   -11.753 1.00 18.97 ? 275 PRO A CG    1 
ATOM   514 C CD    . PRO A 1 63 ? 2.964   4.642   -12.288 1.00 27.15 ? 275 PRO A CD    1 
ATOM   515 N N     . ILE A 1 64 ? 1.418   4.417   -8.328  1.00 16.90 ? 276 ILE A N     1 
ATOM   516 C CA    . ILE A 1 64 ? 1.620   5.045   -7.027  1.00 16.61 ? 276 ILE A CA    1 
ATOM   517 C C     . ILE A 1 64 ? 0.573   4.507   -6.055  1.00 19.64 ? 276 ILE A C     1 
ATOM   518 O O     . ILE A 1 64 ? -0.628  4.673   -6.287  1.00 18.29 ? 276 ILE A O     1 
ATOM   519 C CB    . ILE A 1 64 ? 1.539   6.576   -7.137  1.00 18.82 ? 276 ILE A CB    1 
ATOM   520 C CG1   . ILE A 1 64 ? 2.608   7.076   -8.130  1.00 22.04 ? 276 ILE A CG1   1 
ATOM   521 C CG2   . ILE A 1 64 ? 1.692   7.221   -5.777  1.00 16.79 ? 276 ILE A CG2   1 
ATOM   522 C CD1   . ILE A 1 64 ? 2.626   8.573   -8.325  1.00 27.25 ? 276 ILE A CD1   1 
ATOM   523 N N     . PHE A 1 65 ? 1.027   3.839   -4.988  1.00 14.14 ? 277 PHE A N     1 
ATOM   524 C CA    . PHE A 1 65 ? 0.137   3.380   -3.924  1.00 12.96 ? 277 PHE A CA    1 
ATOM   525 C C     . PHE A 1 65 ? -0.249  4.547   -3.028  1.00 16.65 ? 277 PHE A C     1 
ATOM   526 O O     . PHE A 1 65 ? 0.504   5.508   -2.882  1.00 16.96 ? 277 PHE A O     1 
ATOM   527 C CB    . PHE A 1 65 ? 0.813   2.318   -3.050  1.00 13.12 ? 277 PHE A CB    1 
ATOM   528 C CG    . PHE A 1 65 ? 1.089   1.030   -3.755  1.00 15.21 ? 277 PHE A CG    1 
ATOM   529 C CD1   . PHE A 1 65 ? 2.260   0.862   -4.484  1.00 16.29 ? 277 PHE A CD1   1 
ATOM   530 C CD2   . PHE A 1 65 ? 0.197   -0.023  -3.678  1.00 15.48 ? 277 PHE A CD2   1 
ATOM   531 C CE1   . PHE A 1 65 ? 2.523   -0.342  -5.131  1.00 15.51 ? 277 PHE A CE1   1 
ATOM   532 C CE2   . PHE A 1 65 ? 0.459   -1.223  -4.314  1.00 16.35 ? 277 PHE A CE2   1 
ATOM   533 C CZ    . PHE A 1 65 ? 1.624   -1.378  -5.041  1.00 15.04 ? 277 PHE A CZ    1 
ATOM   534 N N     . VAL A 1 66 ? -1.425  4.462   -2.408  1.00 13.65 ? 278 VAL A N     1 
ATOM   535 C CA    . VAL A 1 66 ? -1.770  5.361   -1.313  1.00 13.77 ? 278 VAL A CA    1 
ATOM   536 C C     . VAL A 1 66 ? -1.943  4.508   -0.067  1.00 13.45 ? 278 VAL A C     1 
ATOM   537 O O     . VAL A 1 66 ? -2.612  3.470   -0.111  1.00 13.74 ? 278 VAL A O     1 
ATOM   538 C CB    . VAL A 1 66 ? -3.035  6.185   -1.611  1.00 18.52 ? 278 VAL A CB    1 
ATOM   539 C CG1   . VAL A 1 66 ? -3.260  7.195   -0.497  1.00 19.77 ? 278 VAL A CG1   1 
ATOM   540 C CG2   . VAL A 1 66 ? -2.876  6.902   -2.941  1.00 16.03 ? 278 VAL A CG2   1 
ATOM   541 N N     . VAL A 1 67 ? -1.289  4.915   1.019   1.00 14.37 ? 279 VAL A N     1 
ATOM   542 C CA    . VAL A 1 67 ? -1.218  4.140   2.252   1.00 13.58 ? 279 VAL A CA    1 
ATOM   543 C C     . VAL A 1 67 ? -1.708  5.037   3.378   1.00 13.30 ? 279 VAL A C     1 
ATOM   544 O O     . VAL A 1 67 ? -1.237  6.170   3.505   1.00 14.41 ? 279 VAL A O     1 
ATOM   545 C CB    . VAL A 1 67 ? 0.219   3.652   2.534   1.00 15.32 ? 279 VAL A CB    1 
ATOM   546 C CG1   . VAL A 1 67 ? 0.275   2.880   3.837   1.00 18.29 ? 279 VAL A CG1   1 
ATOM   547 C CG2   . VAL A 1 67 ? 0.752   2.801   1.371   1.00 15.28 ? 279 VAL A CG2   1 
ATOM   548 N N     . THR A 1 68 ? -2.635  4.525   4.198   1.00 14.43 ? 280 THR A N     1 
ATOM   549 C CA    . THR A 1 68 ? -3.300  5.300   5.240   1.00 15.35 ? 280 THR A CA    1 
ATOM   550 C C     . THR A 1 68 ? -3.372  4.502   6.535   1.00 16.94 ? 280 THR A C     1 
ATOM   551 O O     . THR A 1 68 ? -3.659  3.302   6.518   1.00 17.80 ? 280 THR A O     1 
ATOM   552 C CB    . THR A 1 68 ? -4.716  5.702   4.796   1.00 17.41 ? 280 THR A CB    1 
ATOM   553 O OG1   . THR A 1 68 ? -4.643  6.460   3.576   1.00 18.42 ? 280 THR A OG1   1 
ATOM   554 C CG2   . THR A 1 68 ? -5.392  6.545   5.855   1.00 16.22 ? 280 THR A CG2   1 
ATOM   555 N N     . GLY A 1 69 ? -3.135  5.176   7.658   1.00 16.00 ? 281 GLY A N     1 
ATOM   556 C CA    . GLY A 1 69 ? -3.169  4.514   8.948   1.00 14.04 ? 281 GLY A CA    1 
ATOM   557 C C     . GLY A 1 69 ? -2.407  5.337   9.975   1.00 16.61 ? 281 GLY A C     1 
ATOM   558 O O     . GLY A 1 69 ? -2.200  6.533   9.796   1.00 17.30 ? 281 GLY A O     1 
ATOM   559 N N     . ARG A 1 70 ? -2.019  4.664   11.053  1.00 17.78 ? 282 ARG A N     1 
ATOM   560 C CA    . ARG A 1 70 ? -1.151  5.279   12.056  1.00 21.34 ? 282 ARG A CA    1 
ATOM   561 C C     . ARG A 1 70 ? 0.201   5.603   11.432  1.00 21.58 ? 282 ARG A C     1 
ATOM   562 O O     . ARG A 1 70 ? 0.702   4.850   10.597  1.00 18.30 ? 282 ARG A O     1 
ATOM   563 C CB    . ARG A 1 70 ? -0.985  4.328   13.239  1.00 22.38 ? 282 ARG A CB    1 
ATOM   564 C CG    . ARG A 1 70 ? -0.532  4.968   14.538  1.00 34.14 ? 282 ARG A CG    1 
ATOM   565 C CD    . ARG A 1 70 ? -0.378  3.908   15.643  1.00 47.63 ? 282 ARG A CD    1 
ATOM   566 N NE    . ARG A 1 70 ? -1.654  3.341   16.082  1.00 57.10 ? 282 ARG A NE    1 
ATOM   567 C CZ    . ARG A 1 70 ? -2.264  3.667   17.219  1.00 64.80 ? 282 ARG A CZ    1 
ATOM   568 N NH1   . ARG A 1 70 ? -1.715  4.555   18.039  1.00 66.06 ? 282 ARG A NH1   1 
ATOM   569 N NH2   . ARG A 1 70 ? -3.423  3.105   17.542  1.00 60.30 ? 282 ARG A NH2   1 
ATOM   570 N N     . LYS A 1 71 ? 0.785   6.741   11.827  1.00 21.27 ? 283 LYS A N     1 
ATOM   571 C CA    . LYS A 1 71 ? 2.015   7.221   11.194  1.00 20.71 ? 283 LYS A CA    1 
ATOM   572 C C     . LYS A 1 71 ? 3.081   6.136   11.127  1.00 19.99 ? 283 LYS A C     1 
ATOM   573 O O     . LYS A 1 71 ? 3.679   5.896   10.068  1.00 20.75 ? 283 LYS A O     1 
ATOM   574 C CB    . LYS A 1 71 ? 2.542   8.445   11.951  1.00 16.55 ? 283 LYS A CB    1 
ATOM   575 C CG    . LYS A 1 71 ? 3.901   8.941   11.485  1.00 23.67 ? 283 LYS A CG    1 
ATOM   576 C CD    . LYS A 1 71 ? 4.299   10.187  12.259  1.00 26.69 ? 283 LYS A CD    1 
ATOM   577 C CE    . LYS A 1 71 ? 5.723   10.617  11.933  1.00 35.79 ? 283 LYS A CE    1 
ATOM   578 N NZ    . LYS A 1 71 ? 6.066   11.926  12.564  1.00 29.13 ? 283 LYS A NZ    1 
ATOM   579 N N     . GLU A 1 72 ? 3.336   5.462   12.245  1.00 20.20 ? 284 GLU A N     1 
ATOM   580 C CA    . GLU A 1 72 ? 4.397   4.460   12.257  1.00 21.07 ? 284 GLU A CA    1 
ATOM   581 C C     . GLU A 1 72 ? 4.016   3.231   11.432  1.00 22.67 ? 284 GLU A C     1 
ATOM   582 O O     . GLU A 1 72 ? 4.893   2.562   10.868  1.00 24.18 ? 284 GLU A O     1 
ATOM   583 C CB    . GLU A 1 72 ? 4.720   4.076   13.700  1.00 27.13 ? 284 GLU A CB    1 
ATOM   584 C CG    . GLU A 1 72 ? 3.506   3.622   14.494  1.00 28.30 ? 284 GLU A CG    1 
ATOM   585 C CD    . GLU A 1 72 ? 2.869   4.731   15.331  1.00 41.64 ? 284 GLU A CD    1 
ATOM   586 O OE1   . GLU A 1 72 ? 2.552   4.440   16.507  1.00 44.34 ? 284 GLU A OE1   1 
ATOM   587 O OE2   . GLU A 1 72 ? 2.675   5.873   14.831  1.00 22.86 ? 284 GLU A OE2   1 
ATOM   588 N N     . ASP A 1 73 ? 2.719   2.933   11.330  1.00 22.32 ? 285 ASP A N     1 
ATOM   589 C CA    . ASP A 1 73 ? 2.275   1.820   10.496  1.00 18.36 ? 285 ASP A CA    1 
ATOM   590 C C     . ASP A 1 73 ? 2.403   2.148   9.012   1.00 18.65 ? 285 ASP A C     1 
ATOM   591 O O     . ASP A 1 73 ? 2.792   1.287   8.210   1.00 18.63 ? 285 ASP A O     1 
ATOM   592 C CB    . ASP A 1 73 ? 0.826   1.467   10.825  1.00 20.53 ? 285 ASP A CB    1 
ATOM   593 C CG    . ASP A 1 73 ? 0.669   0.843   12.205  1.00 30.76 ? 285 ASP A CG    1 
ATOM   594 O OD1   . ASP A 1 73 ? 1.653   0.285   12.738  1.00 31.92 ? 285 ASP A OD1   1 
ATOM   595 O OD2   . ASP A 1 73 ? -0.453  0.897   12.743  1.00 32.27 ? 285 ASP A OD2   1 
ATOM   596 N N     . VAL A 1 74 ? 2.030   3.369   8.621   1.00 16.57 ? 286 VAL A N     1 
ATOM   597 C CA    . VAL A 1 74 ? 2.230   3.783   7.232   1.00 19.22 ? 286 VAL A CA    1 
ATOM   598 C C     . VAL A 1 74 ? 3.712   3.750   6.890   1.00 21.29 ? 286 VAL A C     1 
ATOM   599 O O     . VAL A 1 74 ? 4.104   3.339   5.791   1.00 18.97 ? 286 VAL A O     1 
ATOM   600 C CB    . VAL A 1 74 ? 1.622   5.178   6.985   1.00 17.00 ? 286 VAL A CB    1 
ATOM   601 C CG1   . VAL A 1 74 ? 1.964   5.684   5.582   1.00 18.26 ? 286 VAL A CG1   1 
ATOM   602 C CG2   . VAL A 1 74 ? 0.118   5.156   7.179   1.00 15.05 ? 286 VAL A CG2   1 
ATOM   603 N N     . ALA A 1 75 ? 4.564   4.180   7.825   1.00 22.21 ? 287 ALA A N     1 
ATOM   604 C CA    . ALA A 1 75 ? 5.996   4.142   7.553   1.00 21.60 ? 287 ALA A CA    1 
ATOM   605 C C     . ALA A 1 75 ? 6.482   2.715   7.323   1.00 21.84 ? 287 ALA A C     1 
ATOM   606 O O     . ALA A 1 75 ? 7.366   2.491   6.485   1.00 21.19 ? 287 ALA A O     1 
ATOM   607 C CB    . ALA A 1 75 ? 6.770   4.808   8.695   1.00 23.64 ? 287 ALA A CB    1 
ATOM   608 N N     . MET A 1 76 ? 5.908   1.734   8.027   1.00 18.95 ? 288 MET A N     1 
ATOM   609 C CA    . MET A 1 76 ? 6.331   0.352   7.824   1.00 16.50 ? 288 MET A CA    1 
ATOM   610 C C     . MET A 1 76 ? 5.846   -0.176  6.480   1.00 22.93 ? 288 MET A C     1 
ATOM   611 O O     . MET A 1 76 ? 6.604   -0.828  5.752   1.00 19.19 ? 288 MET A O     1 
ATOM   612 C CB    . MET A 1 76 ? 5.814   -0.530  8.954   1.00 19.02 ? 288 MET A CB    1 
ATOM   613 C CG    . MET A 1 76 ? 6.238   -1.972  8.828   1.00 30.88 ? 288 MET A CG    1 
ATOM   614 S SD    . MET A 1 76 ? 5.637   -2.957  10.207  1.00 50.32 ? 288 MET A SD    1 
ATOM   615 C CE    . MET A 1 76 ? 6.183   -1.935  11.586  1.00 37.87 ? 288 MET A CE    1 
ATOM   616 N N     . ALA A 1 77 ? 4.593   0.112   6.127   1.00 17.36 ? 289 ALA A N     1 
ATOM   617 C CA    . ALA A 1 77 ? 4.074   -0.327  4.832   1.00 15.72 ? 289 ALA A CA    1 
ATOM   618 C C     . ALA A 1 77 ? 4.836   0.331   3.689   1.00 15.94 ? 289 ALA A C     1 
ATOM   619 O O     . ALA A 1 77 ? 5.158   -0.319  2.688   1.00 15.89 ? 289 ALA A O     1 
ATOM   620 C CB    . ALA A 1 77 ? 2.578   -0.024  4.730   1.00 16.76 ? 289 ALA A CB    1 
ATOM   621 N N     . LYS A 1 78 ? 5.148   1.620   3.828   1.00 15.27 ? 290 LYS A N     1 
ATOM   622 C CA    . LYS A 1 78 ? 5.915   2.314   2.793   1.00 15.41 ? 290 LYS A CA    1 
ATOM   623 C C     . LYS A 1 78 ? 7.295   1.693   2.638   1.00 17.63 ? 290 LYS A C     1 
ATOM   624 O O     . LYS A 1 78 ? 7.760   1.433   1.517   1.00 16.61 ? 290 LYS A O     1 
ATOM   625 C CB    . LYS A 1 78 ? 6.023   3.797   3.142   1.00 16.46 ? 290 LYS A CB    1 
ATOM   626 C CG    . LYS A 1 78 ? 6.996   4.597   2.247   1.00 16.85 ? 290 LYS A CG    1 
ATOM   627 C CD    . LYS A 1 78 ? 6.995   6.053   2.685   1.00 22.57 ? 290 LYS A CD    1 
ATOM   628 C CE    . LYS A 1 78 ? 7.946   6.903   1.857   1.00 35.24 ? 290 LYS A CE    1 
ATOM   629 N NZ    . LYS A 1 78 ? 8.109   8.269   2.445   1.00 33.02 ? 290 LYS A NZ    1 
ATOM   630 N N     . ARG A 1 79 ? 7.958   1.433   3.763   1.00 20.01 ? 291 ARG A N     1 
ATOM   631 C CA    . ARG A 1 79 ? 9.266   0.790   3.737   1.00 20.16 ? 291 ARG A CA    1 
ATOM   632 C C     . ARG A 1 79 ? 9.208   -0.533  2.990   1.00 19.08 ? 291 ARG A C     1 
ATOM   633 O O     . ARG A 1 79 ? 10.078  -0.829  2.164   1.00 20.23 ? 291 ARG A O     1 
ATOM   634 C CB    . ARG A 1 79 ? 9.748   0.570   5.173   1.00 24.30 ? 291 ARG A CB    1 
ATOM   635 C CG    . ARG A 1 79 ? 11.198  0.898   5.448   1.00 47.68 ? 291 ARG A CG    1 
ATOM   636 C CD    . ARG A 1 79 ? 11.317  1.640   6.783   1.00 41.22 ? 291 ARG A CD    1 
ATOM   637 N NE    . ARG A 1 79 ? 10.649  0.926   7.872   1.00 45.96 ? 291 ARG A NE    1 
ATOM   638 C CZ    . ARG A 1 79 ? 10.037  1.519   8.895   1.00 40.19 ? 291 ARG A CZ    1 
ATOM   639 N NH1   . ARG A 1 79 ? 9.991   2.844   8.966   1.00 43.32 ? 291 ARG A NH1   1 
ATOM   640 N NH2   . ARG A 1 79 ? 9.459   0.787   9.841   1.00 38.00 ? 291 ARG A NH2   1 
ATOM   641 N N     . GLU A 1 80 ? 8.180   -1.342  3.258   1.00 16.57 ? 292 GLU A N     1 
ATOM   642 C CA    . GLU A 1 80 ? 8.097   -2.661  2.638   1.00 19.36 ? 292 GLU A CA    1 
ATOM   643 C C     . GLU A 1 80 ? 7.766   -2.563  1.155   1.00 17.04 ? 292 GLU A C     1 
ATOM   644 O O     . GLU A 1 80 ? 8.276   -3.348  0.353   1.00 16.58 ? 292 GLU A O     1 
ATOM   645 C CB    . GLU A 1 80 ? 7.057   -3.526  3.357   1.00 22.00 ? 292 GLU A CB    1 
ATOM   646 C CG    . GLU A 1 80 ? 7.432   -3.839  4.809   1.00 25.24 ? 292 GLU A CG    1 
ATOM   647 C CD    . GLU A 1 80 ? 6.975   -5.215  5.268   1.00 44.41 ? 292 GLU A CD    1 
ATOM   648 O OE1   . GLU A 1 80 ? 6.679   -6.077  4.412   1.00 44.15 ? 292 GLU A OE1   1 
ATOM   649 O OE2   . GLU A 1 80 ? 6.918   -5.431  6.496   1.00 48.91 ? 292 GLU A OE2   1 
ATOM   650 N N     . ILE A 1 81 ? 6.894   -1.629  0.772   1.00 14.03 ? 293 ILE A N     1 
ATOM   651 C CA    . ILE A 1 81 ? 6.609   -1.435  -0.651  1.00 12.33 ? 293 ILE A CA    1 
ATOM   652 C C     . ILE A 1 81 ? 7.865   -0.992  -1.389  1.00 15.63 ? 293 ILE A C     1 
ATOM   653 O O     . ILE A 1 81 ? 8.204   -1.521  -2.455  1.00 16.38 ? 293 ILE A O     1 
ATOM   654 C CB    . ILE A 1 81 ? 5.472   -0.417  -0.842  1.00 13.84 ? 293 ILE A CB    1 
ATOM   655 C CG1   . ILE A 1 81 ? 4.145   -1.016  -0.378  1.00 12.64 ? 293 ILE A CG1   1 
ATOM   656 C CG2   . ILE A 1 81 ? 5.395   0.027   -2.300  1.00 16.15 ? 293 ILE A CG2   1 
ATOM   657 C CD1   . ILE A 1 81 ? 3.050   0.039   -0.221  1.00 13.96 ? 293 ILE A CD1   1 
ATOM   658 N N     . LEU A 1 82 ? 8.556   0.012   -0.851  1.00 12.20 ? 294 LEU A N     1 
ATOM   659 C CA    . LEU A 1 82 ? 9.732   0.536   -1.540  1.00 15.41 ? 294 LEU A CA    1 
ATOM   660 C C     . LEU A 1 82 ? 10.835  -0.508  -1.603  1.00 15.42 ? 294 LEU A C     1 
ATOM   661 O O     . LEU A 1 82 ? 11.532  -0.628  -2.622  1.00 16.27 ? 294 LEU A O     1 
ATOM   662 C CB    . LEU A 1 82 ? 10.232  1.808   -0.852  1.00 17.05 ? 294 LEU A CB    1 
ATOM   663 C CG    . LEU A 1 82 ? 9.323   3.041   -0.948  1.00 17.50 ? 294 LEU A CG    1 
ATOM   664 C CD1   . LEU A 1 82 ? 9.961   4.201   -0.199  1.00 22.00 ? 294 LEU A CD1   1 
ATOM   665 C CD2   . LEU A 1 82 ? 9.048   3.417   -2.395  1.00 18.48 ? 294 LEU A CD2   1 
ATOM   666 N N     . SER A 1 83 ? 11.018  -1.263  -0.520  1.00 14.35 ? 295 SER A N     1 
ATOM   667 C CA    A SER A 1 83 ? 12.017  -2.325  -0.533  0.48 17.06 ? 295 SER A CA    1 
ATOM   668 C CA    B SER A 1 83 ? 12.014  -2.330  -0.526  0.52 17.06 ? 295 SER A CA    1 
ATOM   669 C C     . SER A 1 83 ? 11.655  -3.398  -1.547  1.00 18.72 ? 295 SER A C     1 
ATOM   670 O O     . SER A 1 83 ? 12.534  -3.920  -2.251  1.00 17.76 ? 295 SER A O     1 
ATOM   671 C CB    A SER A 1 83 ? 12.161  -2.925  0.864   0.48 20.10 ? 295 SER A CB    1 
ATOM   672 C CB    B SER A 1 83 ? 12.138  -2.942  0.873   0.52 20.10 ? 295 SER A CB    1 
ATOM   673 O OG    A SER A 1 83 ? 12.750  -1.986  1.740   0.48 20.66 ? 295 SER A OG    1 
ATOM   674 O OG    B SER A 1 83 ? 13.071  -4.013  0.885   0.52 21.33 ? 295 SER A OG    1 
ATOM   675 N N     . ALA A 1 84 ? 10.366  -3.737  -1.647  1.00 15.67 ? 296 ALA A N     1 
ATOM   676 C CA    . ALA A 1 84 ? 9.944   -4.719  -2.639  1.00 16.97 ? 296 ALA A CA    1 
ATOM   677 C C     . ALA A 1 84 ? 10.185  -4.206  -4.048  1.00 18.67 ? 296 ALA A C     1 
ATOM   678 O O     . ALA A 1 84 ? 10.650  -4.954  -4.918  1.00 14.94 ? 296 ALA A O     1 
ATOM   679 C CB    . ALA A 1 84 ? 8.469   -5.079  -2.455  1.00 17.57 ? 296 ALA A CB    1 
ATOM   680 N N     . ALA A 1 85 ? 9.845   -2.936  -4.308  1.00 15.96 ? 297 ALA A N     1 
ATOM   681 C CA    . ALA A 1 85 ? 10.070  -2.391  -5.643  1.00 14.02 ? 297 ALA A CA    1 
ATOM   682 C C     . ALA A 1 85 ? 11.551  -2.440  -6.002  1.00 15.89 ? 297 ALA A C     1 
ATOM   683 O O     . ALA A 1 85 ? 11.924  -2.837  -7.113  1.00 15.94 ? 297 ALA A O     1 
ATOM   684 C CB    . ALA A 1 85 ? 9.539   -0.960  -5.719  1.00 14.33 ? 297 ALA A CB    1 
ATOM   685 N N     . GLU A 1 86 ? 12.413  -2.064  -5.059  1.00 13.64 ? 298 GLU A N     1 
ATOM   686 C CA    . GLU A 1 86 ? 13.848  -2.102  -5.324  1.00 14.79 ? 298 GLU A CA    1 
ATOM   687 C C     . GLU A 1 86 ? 14.333  -3.531  -5.532  1.00 20.85 ? 298 GLU A C     1 
ATOM   688 O O     . GLU A 1 86 ? 15.192  -3.784  -6.385  1.00 15.23 ? 298 GLU A O     1 
ATOM   689 C CB    . GLU A 1 86 ? 14.587  -1.432  -4.172  1.00 20.53 ? 298 GLU A CB    1 
ATOM   690 C CG    . GLU A 1 86 ? 16.030  -1.118  -4.473  1.00 35.42 ? 298 GLU A CG    1 
ATOM   691 C CD    . GLU A 1 86 ? 16.670  -0.314  -3.371  1.00 35.22 ? 298 GLU A CD    1 
ATOM   692 O OE1   . GLU A 1 86 ? 17.353  -0.920  -2.520  1.00 38.95 ? 298 GLU A OE1   1 
ATOM   693 O OE2   . GLU A 1 86 ? 16.469  0.920   -3.354  1.00 43.62 ? 298 GLU A OE2   1 
ATOM   694 N N     . HIS A 1 87 ? 13.787  -4.477  -4.758  1.00 14.14 ? 299 HIS A N     1 
ATOM   695 C CA    . HIS A 1 87 ? 14.088  -5.897  -4.940  1.00 16.54 ? 299 HIS A CA    1 
ATOM   696 C C     . HIS A 1 87 ? 13.818  -6.346  -6.365  1.00 15.96 ? 299 HIS A C     1 
ATOM   697 O O     . HIS A 1 87 ? 14.666  -6.989  -6.997  1.00 16.42 ? 299 HIS A O     1 
ATOM   698 C CB    . HIS A 1 87 ? 13.247  -6.736  -3.970  1.00 14.46 ? 299 HIS A CB    1 
ATOM   699 C CG    . HIS A 1 87 ? 13.366  -8.213  -4.190  1.00 19.27 ? 299 HIS A CG    1 
ATOM   700 N ND1   . HIS A 1 87 ? 14.526  -8.910  -3.931  1.00 21.87 ? 299 HIS A ND1   1 
ATOM   701 C CD2   . HIS A 1 87 ? 12.468  -9.128  -4.630  1.00 21.79 ? 299 HIS A CD2   1 
ATOM   702 C CE1   . HIS A 1 87 ? 14.343  -10.190 -4.208  1.00 22.17 ? 299 HIS A CE1   1 
ATOM   703 N NE2   . HIS A 1 87 ? 13.103  -10.350 -4.637  1.00 21.21 ? 299 HIS A NE2   1 
ATOM   704 N N     . PHE A 1 88 ? 12.619  -6.057  -6.883  1.00 14.81 ? 300 PHE A N     1 
ATOM   705 C CA    . PHE A 1 88 ? 12.305  -6.537  -8.223  1.00 16.39 ? 300 PHE A CA    1 
ATOM   706 C C     . PHE A 1 88 ? 13.142  -5.830  -9.277  1.00 16.59 ? 300 PHE A C     1 
ATOM   707 O O     . PHE A 1 88 ? 13.484  -6.443  -10.288 1.00 16.30 ? 300 PHE A O     1 
ATOM   708 C CB    . PHE A 1 88 ? 10.803  -6.417  -8.490  1.00 14.74 ? 300 PHE A CB    1 
ATOM   709 C CG    . PHE A 1 88 ? 10.005  -7.421  -7.711  1.00 14.03 ? 300 PHE A CG    1 
ATOM   710 C CD1   . PHE A 1 88 ? 10.154  -8.770  -7.964  1.00 17.66 ? 300 PHE A CD1   1 
ATOM   711 C CD2   . PHE A 1 88 ? 9.152   -7.025  -6.690  1.00 16.58 ? 300 PHE A CD2   1 
ATOM   712 C CE1   . PHE A 1 88 ? 9.452   -9.704  -7.231  1.00 19.09 ? 300 PHE A CE1   1 
ATOM   713 C CE2   . PHE A 1 88 ? 8.459   -7.958  -5.951  1.00 21.33 ? 300 PHE A CE2   1 
ATOM   714 C CZ    . PHE A 1 88 ? 8.608   -9.295  -6.221  1.00 19.65 ? 300 PHE A CZ    1 
ATOM   715 N N     . SER A 1 89 ? 13.504  -4.565  -9.053  1.00 16.23 ? 301 SER A N     1 
ATOM   716 C CA    . SER A 1 89 ? 14.439  -3.901  -9.960  1.00 13.39 ? 301 SER A CA    1 
ATOM   717 C C     . SER A 1 89 ? 15.806  -4.585  -9.944  1.00 15.72 ? 301 SER A C     1 
ATOM   718 O O     . SER A 1 89 ? 16.409  -4.809  -10.999 1.00 13.41 ? 301 SER A O     1 
ATOM   719 C CB    . SER A 1 89 ? 14.584  -2.429  -9.575  1.00 17.89 ? 301 SER A CB    1 
ATOM   720 O OG    . SER A 1 89 ? 13.386  -1.698  -9.845  1.00 16.39 ? 301 SER A OG    1 
ATOM   721 N N     . MET A 1 90 ? 16.316  -4.902  -8.756  1.00 16.02 ? 302 MET A N     1 
ATOM   722 C CA    . MET A 1 90 ? 17.667  -5.471  -8.655  1.00 15.77 ? 302 MET A CA    1 
ATOM   723 C C     . MET A 1 90 ? 17.744  -6.845  -9.303  1.00 15.94 ? 302 MET A C     1 
ATOM   724 O O     . MET A 1 90 ? 18.759  -7.186  -9.927  1.00 16.31 ? 302 MET A O     1 
ATOM   725 C CB    . MET A 1 90 ? 18.092  -5.560  -7.186  1.00 14.19 ? 302 MET A CB    1 
ATOM   726 C CG    . MET A 1 90 ? 18.317  -4.211  -6.514  1.00 19.63 ? 302 MET A CG    1 
ATOM   727 S SD    . MET A 1 90 ? 19.643  -3.268  -7.316  1.00 23.16 ? 302 MET A SD    1 
ATOM   728 C CE    . MET A 1 90 ? 21.039  -4.378  -7.107  1.00 25.12 ? 302 MET A CE    1 
ATOM   729 N N     . ILE A 1 91 ? 16.683  -7.653  -9.177  1.00 15.96 ? 303 ILE A N     1 
ATOM   730 C CA    . ILE A 1 91 ? 16.732  -9.023  -9.681  1.00 14.93 ? 303 ILE A CA    1 
ATOM   731 C C     . ILE A 1 91 ? 16.240  -9.162  -11.119 1.00 20.44 ? 303 ILE A C     1 
ATOM   732 O O     . ILE A 1 91 ? 16.547  -10.172 -11.770 1.00 22.41 ? 303 ILE A O     1 
ATOM   733 C CB    . ILE A 1 91 ? 15.941  -9.977  -8.764  1.00 14.19 ? 303 ILE A CB    1 
ATOM   734 C CG1   . ILE A 1 91 ? 14.435  -9.714  -8.845  1.00 19.51 ? 303 ILE A CG1   1 
ATOM   735 C CG2   . ILE A 1 91 ? 16.424  -9.841  -7.326  1.00 19.42 ? 303 ILE A CG2   1 
ATOM   736 C CD1   . ILE A 1 91 ? 13.609  -10.838 -8.247  1.00 25.41 ? 303 ILE A CD1   1 
ATOM   737 N N     . ARG A 1 92 ? 15.511  -8.175  -11.650 1.00 14.12 ? 304 ARG A N     1 
ATOM   738 C CA    . ARG A 1 92 ? 15.054  -8.245  -13.033 1.00 17.05 ? 304 ARG A CA    1 
ATOM   739 C C     . ARG A 1 92 ? 15.845  -7.369  -13.986 1.00 16.14 ? 304 ARG A C     1 
ATOM   740 O O     . ARG A 1 92 ? 15.820  -7.633  -15.195 1.00 20.51 ? 304 ARG A O     1 
ATOM   741 C CB    . ARG A 1 92 ? 13.576  -7.849  -13.132 1.00 22.23 ? 304 ARG A CB    1 
ATOM   742 C CG    . ARG A 1 92 ? 12.685  -8.660  -12.236 1.00 23.31 ? 304 ARG A CG    1 
ATOM   743 C CD    . ARG A 1 92 ? 11.787  -9.570  -13.018 1.00 35.27 ? 304 ARG A CD    1 
ATOM   744 N NE    . ARG A 1 92 ? 10.869  -10.268 -12.131 1.00 29.26 ? 304 ARG A NE    1 
ATOM   745 C CZ    . ARG A 1 92 ? 10.945  -11.564 -11.854 1.00 32.51 ? 304 ARG A CZ    1 
ATOM   746 N NH1   . ARG A 1 92 ? 11.900  -12.308 -12.402 1.00 29.16 ? 304 ARG A NH1   1 
ATOM   747 N NH2   . ARG A 1 92 ? 10.059  -12.120 -11.035 1.00 25.89 ? 304 ARG A NH2   1 
ATOM   748 N N     . ALA A 1 93 ? 16.531  -6.340  -13.486 1.00 14.70 ? 305 ALA A N     1 
ATOM   749 C CA    . ALA A 1 93 ? 17.210  -5.388  -14.366 1.00 16.37 ? 305 ALA A CA    1 
ATOM   750 C C     . ALA A 1 93 ? 18.217  -6.090  -15.264 1.00 22.96 ? 305 ALA A C     1 
ATOM   751 O O     . ALA A 1 93 ? 18.921  -7.005  -14.833 1.00 20.81 ? 305 ALA A O     1 
ATOM   752 C CB    . ALA A 1 93 ? 17.943  -4.327  -13.547 1.00 17.98 ? 305 ALA A CB    1 
ATOM   753 N N     . SER A 1 94 ? 18.292  -5.646  -16.515 1.00 23.42 ? 306 SER A N     1 
ATOM   754 C CA    . SER A 1 94 ? 19.257  -6.202  -17.457 1.00 32.11 ? 306 SER A CA    1 
ATOM   755 C C     . SER A 1 94 ? 20.595  -5.468  -17.395 1.00 38.71 ? 306 SER A C     1 
ATOM   756 O O     . SER A 1 94 ? 20.695  -4.329  -16.928 1.00 48.81 ? 306 SER A O     1 
ATOM   757 C CB    . SER A 1 94 ? 18.696  -6.148  -18.877 1.00 41.18 ? 306 SER A CB    1 
ATOM   758 O OG    . SER A 1 94 ? 18.327  -4.829  -19.231 1.00 45.94 ? 306 SER A OG    1 
ATOM   759 O OXT   . SER A 1 94 ? 21.624  -6.000  -17.816 1.00 55.92 ? 306 SER A OXT   1 
ATOM   760 O "O5'" . G   B 2 1  ? 10.502  -20.372 -7.964  1.00 65.46 ? 4   G   B "O5'" 1 
ATOM   761 C "C5'" . G   B 2 1  ? 9.442   -19.456 -8.228  1.00 60.91 ? 4   G   B "C5'" 1 
ATOM   762 C "C4'" . G   B 2 1  ? 9.940   -18.034 -8.340  1.00 52.10 ? 4   G   B "C4'" 1 
ATOM   763 O "O4'" . G   B 2 1  ? 10.735  -17.722 -7.161  1.00 49.59 ? 4   G   B "O4'" 1 
ATOM   764 C "C3'" . G   B 2 1  ? 10.836  -17.743 -9.546  1.00 46.26 ? 4   G   B "C3'" 1 
ATOM   765 O "O3'" . G   B 2 1  ? 10.645  -16.385 -9.959  1.00 41.50 ? 4   G   B "O3'" 1 
ATOM   766 C "C2'" . G   B 2 1  ? 12.240  -17.920 -8.959  1.00 46.72 ? 4   G   B "C2'" 1 
ATOM   767 O "O2'" . G   B 2 1  ? 13.274  -17.255 -9.656  1.00 42.57 ? 4   G   B "O2'" 1 
ATOM   768 C "C1'" . G   B 2 1  ? 12.051  -17.364 -7.548  1.00 49.43 ? 4   G   B "C1'" 1 
ATOM   769 N N9    . G   B 2 1  ? 12.977  -17.913 -6.550  1.00 50.07 ? 4   G   B N9    1 
ATOM   770 C C8    . G   B 2 1  ? 13.713  -19.073 -6.633  1.00 45.01 ? 4   G   B C8    1 
ATOM   771 N N7    . G   B 2 1  ? 14.438  -19.295 -5.568  1.00 50.42 ? 4   G   B N7    1 
ATOM   772 C C5    . G   B 2 1  ? 14.163  -18.223 -4.728  1.00 42.75 ? 4   G   B C5    1 
ATOM   773 C C6    . G   B 2 1  ? 14.651  -17.913 -3.430  1.00 45.98 ? 4   G   B C6    1 
ATOM   774 O O6    . G   B 2 1  ? 15.456  -18.554 -2.742  1.00 53.49 ? 4   G   B O6    1 
ATOM   775 N N1    . G   B 2 1  ? 14.108  -16.726 -2.939  1.00 39.18 ? 4   G   B N1    1 
ATOM   776 C C2    . G   B 2 1  ? 13.210  -15.932 -3.612  1.00 37.79 ? 4   G   B C2    1 
ATOM   777 N N2    . G   B 2 1  ? 12.798  -14.820 -2.978  1.00 38.03 ? 4   G   B N2    1 
ATOM   778 N N3    . G   B 2 1  ? 12.746  -16.213 -4.818  1.00 37.03 ? 4   G   B N3    1 
ATOM   779 C C4    . G   B 2 1  ? 13.258  -17.363 -5.315  1.00 43.16 ? 4   G   B C4    1 
ATOM   780 P P     . U   B 2 2  ? 9.826   -16.017 -11.303 1.00 43.77 ? 5   U   B P     1 
ATOM   781 O OP1   . U   B 2 2  ? 9.533   -17.245 -12.072 1.00 46.04 ? 5   U   B OP1   1 
ATOM   782 O OP2   . U   B 2 2  ? 10.531  -14.880 -11.947 1.00 42.58 ? 5   U   B OP2   1 
ATOM   783 O "O5'" . U   B 2 2  ? 8.440   -15.444 -10.774 1.00 31.74 ? 5   U   B "O5'" 1 
ATOM   784 C "C5'" . U   B 2 2  ? 7.457   -16.321 -10.244 1.00 35.00 ? 5   U   B "C5'" 1 
ATOM   785 C "C4'" . U   B 2 2  ? 6.643   -15.665 -9.159  1.00 26.85 ? 5   U   B "C4'" 1 
ATOM   786 O "O4'" . U   B 2 2  ? 7.469   -15.429 -7.986  1.00 26.94 ? 5   U   B "O4'" 1 
ATOM   787 C "C3'" . U   B 2 2  ? 6.026   -14.319 -9.520  1.00 26.59 ? 5   U   B "C3'" 1 
ATOM   788 O "O3'" . U   B 2 2  ? 4.786   -14.211 -8.834  1.00 26.45 ? 5   U   B "O3'" 1 
ATOM   789 C "C2'" . U   B 2 2  ? 7.010   -13.329 -8.907  1.00 23.47 ? 5   U   B "C2'" 1 
ATOM   790 O "O2'" . U   B 2 2  ? 6.465   -12.054 -8.631  1.00 20.84 ? 5   U   B "O2'" 1 
ATOM   791 C "C1'" . U   B 2 2  ? 7.405   -14.061 -7.633  1.00 25.34 ? 5   U   B "C1'" 1 
ATOM   792 N N1    . U   B 2 2  ? 8.707   -13.670 -7.088  1.00 21.72 ? 5   U   B N1    1 
ATOM   793 C C2    . U   B 2 2  ? 8.708   -13.041 -5.865  1.00 25.50 ? 5   U   B C2    1 
ATOM   794 O O2    . U   B 2 2  ? 7.684   -12.793 -5.242  1.00 29.88 ? 5   U   B O2    1 
ATOM   795 N N3    . U   B 2 2  ? 9.948   -12.707 -5.392  1.00 18.82 ? 5   U   B N3    1 
ATOM   796 C C4    . U   B 2 2  ? 11.153  -12.957 -6.020  1.00 22.60 ? 5   U   B C4    1 
ATOM   797 O O4    . U   B 2 2  ? 12.189  -12.601 -5.466  1.00 25.73 ? 5   U   B O4    1 
ATOM   798 C C5    . U   B 2 2  ? 11.065  -13.617 -7.282  1.00 24.25 ? 5   U   B C5    1 
ATOM   799 C C6    . U   B 2 2  ? 9.864   -13.952 -7.767  1.00 26.42 ? 5   U   B C6    1 
ATOM   800 P P     . U   B 2 3  ? 3.429   -14.698 -9.536  1.00 32.72 ? 6   U   B P     1 
ATOM   801 O OP1   . U   B 2 3  ? 2.505   -15.015 -8.416  1.00 30.36 ? 6   U   B OP1   1 
ATOM   802 O OP2   . U   B 2 3  ? 3.721   -15.724 -10.575 1.00 36.51 ? 6   U   B OP2   1 
ATOM   803 O "O5'" . U   B 2 3  ? 2.935   -13.419 -10.325 1.00 30.72 ? 6   U   B "O5'" 1 
ATOM   804 C "C5'" . U   B 2 3  ? 2.570   -12.235 -9.628  1.00 26.83 ? 6   U   B "C5'" 1 
ATOM   805 C "C4'" . U   B 2 3  ? 2.401   -11.068 -10.566 1.00 23.93 ? 6   U   B "C4'" 1 
ATOM   806 O "O4'" . U   B 2 3  ? 3.701   -10.561 -10.995 1.00 25.68 ? 6   U   B "O4'" 1 
ATOM   807 C "C3'" . U   B 2 3  ? 1.614   -11.343 -11.852 1.00 27.26 ? 6   U   B "C3'" 1 
ATOM   808 O "O3'" . U   B 2 3  ? 0.966   -10.141 -12.209 1.00 24.90 ? 6   U   B "O3'" 1 
ATOM   809 C "C2'" . U   B 2 3  ? 2.722   -11.550 -12.871 1.00 26.15 ? 6   U   B "C2'" 1 
ATOM   810 O "O2'" . U   B 2 3  ? 2.326   -11.340 -14.211 1.00 26.57 ? 6   U   B "O2'" 1 
ATOM   811 C "C1'" . U   B 2 3  ? 3.721   -10.494 -12.407 1.00 23.16 ? 6   U   B "C1'" 1 
ATOM   812 N N1    . U   B 2 3  ? 5.091   -10.694 -12.884 1.00 25.21 ? 6   U   B N1    1 
ATOM   813 C C2    . U   B 2 3  ? 5.594   -9.666  -13.650 1.00 22.74 ? 6   U   B C2    1 
ATOM   814 O O2    . U   B 2 3  ? 4.946   -8.670  -13.909 1.00 25.62 ? 6   U   B O2    1 
ATOM   815 N N3    . U   B 2 3  ? 6.873   -9.854  -14.099 1.00 31.52 ? 6   U   B N3    1 
ATOM   816 C C4    . U   B 2 3  ? 7.674   -10.951 -13.851 1.00 33.99 ? 6   U   B C4    1 
ATOM   817 O O4    . U   B 2 3  ? 8.814   -10.973 -14.321 1.00 40.90 ? 6   U   B O4    1 
ATOM   818 C C5    . U   B 2 3  ? 7.075   -11.974 -13.047 1.00 31.23 ? 6   U   B C5    1 
ATOM   819 C C6    . U   B 2 3  ? 5.825   -11.817 -12.590 1.00 25.73 ? 6   U   B C6    1 
ATOM   820 P P     . U   B 2 4  ? -0.589  -10.076 -12.565 1.00 23.05 ? 7   U   B P     1 
ATOM   821 O OP1   . U   B 2 4  ? -1.270  -11.362 -12.257 1.00 21.84 ? 7   U   B OP1   1 
ATOM   822 O OP2   . U   B 2 4  ? -0.690  -9.443  -13.896 1.00 27.34 ? 7   U   B OP2   1 
ATOM   823 O "O5'" . U   B 2 4  ? -1.099  -8.957  -11.562 1.00 20.24 ? 7   U   B "O5'" 1 
ATOM   824 C "C5'" . U   B 2 4  ? -1.274  -9.214  -10.179 1.00 20.88 ? 7   U   B "C5'" 1 
ATOM   825 C "C4'" . U   B 2 4  ? -2.465  -8.435  -9.701  1.00 23.86 ? 7   U   B "C4'" 1 
ATOM   826 O "O4'" . U   B 2 4  ? -2.091  -7.033  -9.563  1.00 23.87 ? 7   U   B "O4'" 1 
ATOM   827 C "C3'" . U   B 2 4  ? -3.636  -8.466  -10.684 1.00 24.63 ? 7   U   B "C3'" 1 
ATOM   828 O "O3'" . U   B 2 4  ? -4.864  -8.485  -9.972  1.00 35.49 ? 7   U   B "O3'" 1 
ATOM   829 C "C2'" . U   B 2 4  ? -3.502  -7.137  -11.420 1.00 23.65 ? 7   U   B "C2'" 1 
ATOM   830 O "O2'" . U   B 2 4  ? -4.705  -6.649  -11.979 1.00 36.03 ? 7   U   B "O2'" 1 
ATOM   831 C "C1'" . U   B 2 4  ? -2.992  -6.235  -10.306 1.00 18.79 ? 7   U   B "C1'" 1 
ATOM   832 N N1    . U   B 2 4  ? -2.315  -5.018  -10.774 1.00 21.67 ? 7   U   B N1    1 
ATOM   833 C C2    . U   B 2 4  ? -2.874  -3.794  -10.422 1.00 25.03 ? 7   U   B C2    1 
ATOM   834 O O2    . U   B 2 4  ? -3.890  -3.672  -9.736  1.00 24.24 ? 7   U   B O2    1 
ATOM   835 N N3    . U   B 2 4  ? -2.191  -2.698  -10.887 1.00 21.57 ? 7   U   B N3    1 
ATOM   836 C C4    . U   B 2 4  ? -1.049  -2.708  -11.665 1.00 18.89 ? 7   U   B C4    1 
ATOM   837 O O4    . U   B 2 4  ? -0.544  -1.636  -12.007 1.00 24.55 ? 7   U   B O4    1 
ATOM   838 C C5    . U   B 2 4  ? -0.540  -4.009  -11.979 1.00 20.66 ? 7   U   B C5    1 
ATOM   839 C C6    . U   B 2 4  ? -1.167  -5.102  -11.541 1.00 22.47 ? 7   U   B C6    1 
ATOM   840 P P     . A   B 2 5  ? -5.641  -9.868  -9.744  1.00 28.28 ? 8   A   B P     1 
ATOM   841 O OP1   . A   B 2 5  ? -4.682  -11.002 -9.641  1.00 24.76 ? 8   A   B OP1   1 
ATOM   842 O OP2   . A   B 2 5  ? -6.757  -9.878  -10.726 1.00 41.24 ? 8   A   B OP2   1 
ATOM   843 O "O5'" . A   B 2 5  ? -6.279  -9.672  -8.300  1.00 28.15 ? 8   A   B "O5'" 1 
ATOM   844 C "C5'" . A   B 2 5  ? -7.104  -8.550  -8.035  1.00 25.84 ? 8   A   B "C5'" 1 
ATOM   845 C "C4'" . A   B 2 5  ? -7.639  -8.619  -6.633  1.00 27.39 ? 8   A   B "C4'" 1 
ATOM   846 O "O4'" . A   B 2 5  ? -6.594  -8.300  -5.692  1.00 25.81 ? 8   A   B "O4'" 1 
ATOM   847 C "C3'" . A   B 2 5  ? -8.759  -7.660  -6.284  1.00 31.49 ? 8   A   B "C3'" 1 
ATOM   848 O "O3'" . A   B 2 5  ? -10.006 -8.164  -6.723  1.00 33.59 ? 8   A   B "O3'" 1 
ATOM   849 C "C2'" . A   B 2 5  ? -8.662  -7.568  -4.765  1.00 28.47 ? 8   A   B "C2'" 1 
ATOM   850 O "O2'" . A   B 2 5  ? -9.327  -8.673  -4.169  1.00 33.41 ? 8   A   B "O2'" 1 
ATOM   851 C "C1'" . A   B 2 5  ? -7.158  -7.741  -4.530  1.00 21.61 ? 8   A   B "C1'" 1 
ATOM   852 N N9    . A   B 2 5  ? -6.443  -6.490  -4.213  1.00 23.12 ? 8   A   B N9    1 
ATOM   853 C C8    . A   B 2 5  ? -5.548  -5.786  -4.990  1.00 23.04 ? 8   A   B C8    1 
ATOM   854 N N7    . A   B 2 5  ? -5.057  -4.721  -4.380  1.00 21.44 ? 8   A   B N7    1 
ATOM   855 C C5    . A   B 2 5  ? -5.670  -4.744  -3.126  1.00 19.88 ? 8   A   B C5    1 
ATOM   856 C C6    . A   B 2 5  ? -5.587  -3.908  -1.993  1.00 19.48 ? 8   A   B C6    1 
ATOM   857 N N6    . A   B 2 5  ? -4.821  -2.810  -1.912  1.00 15.48 ? 8   A   B N6    1 
ATOM   858 N N1    . A   B 2 5  ? -6.343  -4.240  -0.920  1.00 25.66 ? 8   A   B N1    1 
ATOM   859 C C2    . A   B 2 5  ? -7.116  -5.333  -0.969  1.00 28.79 ? 8   A   B C2    1 
ATOM   860 N N3    . A   B 2 5  ? -7.276  -6.197  -1.968  1.00 23.08 ? 8   A   B N3    1 
ATOM   861 C C4    . A   B 2 5  ? -6.514  -5.841  -3.018  1.00 24.13 ? 8   A   B C4    1 
ATOM   862 P P     . G   B 2 6  ? -11.167 -7.170  -7.202  1.00 37.44 ? 9   G   B P     1 
ATOM   863 O OP1   . G   B 2 6  ? -12.222 -8.029  -7.798  1.00 42.77 ? 9   G   B OP1   1 
ATOM   864 O OP2   . G   B 2 6  ? -10.606 -6.066  -8.016  1.00 32.97 ? 9   G   B OP2   1 
ATOM   865 O "O5'" . G   B 2 6  ? -11.715 -6.566  -5.832  1.00 35.33 ? 9   G   B "O5'" 1 
ATOM   866 C "C5'" . G   B 2 6  ? -12.198 -7.419  -4.793  1.00 31.09 ? 9   G   B "C5'" 1 
ATOM   867 C "C4'" . G   B 2 6  ? -12.443 -6.666  -3.504  1.00 35.84 ? 9   G   B "C4'" 1 
ATOM   868 O "O4'" . G   B 2 6  ? -11.219 -5.991  -3.099  1.00 30.48 ? 9   G   B "O4'" 1 
ATOM   869 C "C3'" . G   B 2 6  ? -13.518 -5.582  -3.573  1.00 41.10 ? 9   G   B "C3'" 1 
ATOM   870 O "O3'" . G   B 2 6  ? -14.148 -5.448  -2.298  1.00 46.53 ? 9   G   B "O3'" 1 
ATOM   871 C "C2'" . G   B 2 6  ? -12.704 -4.331  -3.845  1.00 38.75 ? 9   G   B "C2'" 1 
ATOM   872 O "O2'" . G   B 2 6  ? -13.337 -3.129  -3.464  1.00 40.54 ? 9   G   B "O2'" 1 
ATOM   873 C "C1'" . G   B 2 6  ? -11.446 -4.595  -3.020  1.00 32.84 ? 9   G   B "C1'" 1 
ATOM   874 N N9    . G   B 2 6  ? -10.274 -3.901  -3.554  1.00 29.76 ? 9   G   B N9    1 
ATOM   875 C C8    . G   B 2 6  ? -9.774  -4.031  -4.830  1.00 27.47 ? 9   G   B C8    1 
ATOM   876 N N7    . G   B 2 6  ? -8.733  -3.271  -5.057  1.00 23.42 ? 9   G   B N7    1 
ATOM   877 C C5    . G   B 2 6  ? -8.550  -2.591  -3.852  1.00 29.07 ? 9   G   B C5    1 
ATOM   878 C C6    . G   B 2 6  ? -7.575  -1.629  -3.493  1.00 28.23 ? 9   G   B C6    1 
ATOM   879 O O6    . G   B 2 6  ? -6.667  -1.191  -4.197  1.00 20.69 ? 9   G   B O6    1 
ATOM   880 N N1    . G   B 2 6  ? -7.732  -1.182  -2.183  1.00 20.95 ? 9   G   B N1    1 
ATOM   881 C C2    . G   B 2 6  ? -8.705  -1.624  -1.327  1.00 21.82 ? 9   G   B C2    1 
ATOM   882 N N2    . G   B 2 6  ? -8.686  -1.063  -0.115  1.00 20.60 ? 9   G   B N2    1 
ATOM   883 N N3    . G   B 2 6  ? -9.628  -2.528  -1.642  1.00 22.62 ? 9   G   B N3    1 
ATOM   884 C C4    . G   B 2 6  ? -9.494  -2.961  -2.914  1.00 24.49 ? 9   G   B C4    1 
HETATM 885 O O     . HOH C 3 .  ? -11.487 6.740   2.191   0.50 27.48 ? 401 HOH A O     1 
HETATM 886 O O     . HOH C 3 .  ? -10.521 3.077   -2.613  1.00 43.95 ? 402 HOH A O     1 
HETATM 887 O O     . HOH C 3 .  ? -18.119 7.507   2.149   1.00 25.56 ? 403 HOH A O     1 
HETATM 888 O O     . HOH C 3 .  ? -2.528  8.921   17.745  1.00 48.35 ? 404 HOH A O     1 
HETATM 889 O O     . HOH C 3 .  ? -1.435  -0.071  14.760  1.00 39.01 ? 405 HOH A O     1 
HETATM 890 O O     . HOH C 3 .  ? 8.556   -6.257  -11.545 1.00 22.27 ? 406 HOH A O     1 
HETATM 891 O O     . HOH C 3 .  ? 16.373  -12.497 -12.593 1.00 27.11 ? 407 HOH A O     1 
HETATM 892 O O     . HOH C 3 .  ? -7.556  5.726   -10.397 1.00 44.30 ? 408 HOH A O     1 
HETATM 893 O O     . HOH C 3 .  ? 18.181  2.721   -2.907  1.00 39.86 ? 409 HOH A O     1 
HETATM 894 O O     . HOH C 3 .  ? 5.906   7.202   5.921   1.00 30.39 ? 410 HOH A O     1 
HETATM 895 O O     . HOH C 3 .  ? 1.425   2.982   -15.401 1.00 34.69 ? 411 HOH A O     1 
HETATM 896 O O     . HOH C 3 .  ? -7.770  0.010   -6.805  1.00 34.87 ? 412 HOH A O     1 
HETATM 897 O O     . HOH C 3 .  ? -2.573  5.889   -9.997  1.00 28.20 ? 413 HOH A O     1 
HETATM 898 O O     . HOH C 3 .  ? 3.079   -9.291  1.903   1.00 26.47 ? 414 HOH A O     1 
HETATM 899 O O     . HOH C 3 .  ? -2.623  1.940   11.251  1.00 24.60 ? 415 HOH A O     1 
HETATM 900 O O     . HOH C 3 .  ? 17.650  -3.528  -2.609  1.00 40.16 ? 416 HOH A O     1 
HETATM 901 O O     . HOH C 3 .  ? -6.164  -12.673 -2.093  1.00 43.94 ? 417 HOH A O     1 
HETATM 902 O O     . HOH C 3 .  ? 5.181   13.778  10.906  1.00 44.80 ? 418 HOH A O     1 
HETATM 903 O O     . HOH C 3 .  ? -14.954 -4.252  2.086   1.00 43.21 ? 419 HOH A O     1 
HETATM 904 O O     . HOH C 3 .  ? 2.350   12.154  -9.649  1.00 49.09 ? 420 HOH A O     1 
HETATM 905 O O     . HOH C 3 .  ? -5.688  -7.931  4.585   1.00 28.96 ? 421 HOH A O     1 
HETATM 906 O O     . HOH C 3 .  ? -5.315  -2.621  -12.980 1.00 38.89 ? 422 HOH A O     1 
HETATM 907 O O     . HOH C 3 .  ? 0.687   -17.754 -7.848  1.00 51.73 ? 423 HOH A O     1 
HETATM 908 O O     . HOH C 3 .  ? 4.696   7.627   8.215   1.00 27.08 ? 424 HOH A O     1 
HETATM 909 O O     . HOH C 3 .  ? 9.152   4.349   5.564   1.00 30.85 ? 425 HOH A O     1 
HETATM 910 O O     . HOH C 3 .  ? 7.477   1.979   11.559  1.00 32.71 ? 426 HOH A O     1 
HETATM 911 O O     . HOH C 3 .  ? -3.263  4.268   -5.656  1.00 19.06 ? 427 HOH A O     1 
HETATM 912 O O     . HOH C 3 .  ? 9.543   -5.565  1.356   1.00 31.39 ? 428 HOH A O     1 
HETATM 913 O O     . HOH C 3 .  ? -15.552 9.643   13.641  1.00 30.59 ? 429 HOH A O     1 
HETATM 914 O O     . HOH C 3 .  ? -15.449 -1.814  1.965   1.00 27.87 ? 430 HOH A O     1 
HETATM 915 O O     . HOH C 3 .  ? 12.730  0.702   2.333   1.00 35.06 ? 431 HOH A O     1 
HETATM 916 O O     . HOH C 3 .  ? -8.280  7.471   14.430  1.00 41.31 ? 432 HOH A O     1 
HETATM 917 O O     . HOH C 3 .  ? -9.692  -11.663 -8.786  1.00 45.20 ? 433 HOH A O     1 
HETATM 918 O O     . HOH C 3 .  ? 0.070   1.161   -12.164 1.00 19.65 ? 434 HOH A O     1 
HETATM 919 O O     . HOH C 3 .  ? -19.674 1.189   10.174  1.00 33.98 ? 435 HOH A O     1 
HETATM 920 O O     . HOH C 3 .  ? -3.095  -12.640 1.890   1.00 30.48 ? 436 HOH A O     1 
HETATM 921 O O     . HOH C 3 .  ? 17.556  -9.731  -15.943 1.00 21.68 ? 437 HOH A O     1 
HETATM 922 O O     . HOH C 3 .  ? 9.941   2.925   -5.859  1.00 21.05 ? 438 HOH A O     1 
HETATM 923 O O     . HOH C 3 .  ? 2.547   11.521  0.193   1.00 25.59 ? 439 HOH A O     1 
HETATM 924 O O     . HOH C 3 .  ? 15.223  -4.554  -1.522  1.00 30.80 ? 440 HOH A O     1 
HETATM 925 O O     . HOH C 3 .  ? -9.483  2.349   -8.595  1.00 45.57 ? 441 HOH A O     1 
HETATM 926 O O     . HOH C 3 .  ? 5.021   -7.294  -1.715  1.00 29.21 ? 442 HOH A O     1 
HETATM 927 O O     . HOH C 3 .  ? 0.566   7.628   15.709  1.00 31.06 ? 443 HOH A O     1 
HETATM 928 O O     . HOH C 3 .  ? 13.517  -11.781 -14.745 1.00 36.44 ? 444 HOH A O     1 
HETATM 929 O O     . HOH C 3 .  ? 11.935  1.710   -4.284  1.00 21.54 ? 445 HOH A O     1 
HETATM 930 O O     . HOH C 3 .  ? -15.455 3.454   16.118  1.00 42.98 ? 446 HOH A O     1 
HETATM 931 O O     . HOH C 3 .  ? 6.423   6.444   -10.173 1.00 36.56 ? 447 HOH A O     1 
HETATM 932 O O     . HOH C 3 .  ? 7.982   -2.630  -16.529 1.00 39.99 ? 448 HOH A O     1 
HETATM 933 O O     . HOH C 3 .  ? -22.041 -4.573  2.715   1.00 42.03 ? 449 HOH A O     1 
HETATM 934 O O     . HOH C 3 .  ? 3.872   1.652   -15.750 1.00 30.33 ? 450 HOH A O     1 
HETATM 935 O O     . HOH C 3 .  ? -25.564 0.374   7.643   1.00 28.14 ? 451 HOH A O     1 
HETATM 936 O O     . HOH C 3 .  ? -4.482  4.721   -9.774  1.00 36.89 ? 452 HOH A O     1 
HETATM 937 O O     . HOH C 3 .  ? 14.598  3.100   -4.147  1.00 50.26 ? 453 HOH A O     1 
HETATM 938 O O     . HOH C 3 .  ? -2.589  8.377   -13.445 1.00 38.14 ? 454 HOH A O     1 
HETATM 939 O O     . HOH C 3 .  ? -5.306  4.714   -7.380  1.00 24.75 ? 455 HOH A O     1 
HETATM 940 O O     . HOH C 3 .  ? -1.576  -5.312  12.623  1.00 44.21 ? 456 HOH A O     1 
HETATM 941 O O     . HOH C 3 .  ? 6.408   -8.793  -3.401  1.00 32.43 ? 457 HOH A O     1 
HETATM 942 O O     . HOH C 3 .  ? 11.697  -3.673  4.088   1.00 36.31 ? 458 HOH A O     1 
HETATM 943 O O     . HOH C 3 .  ? -6.950  3.375   -16.425 1.00 46.75 ? 459 HOH A O     1 
HETATM 944 O O     . HOH C 3 .  ? 5.084   -1.841  -16.595 1.00 31.27 ? 460 HOH A O     1 
HETATM 945 O O     . HOH C 3 .  ? -0.618  12.598  6.473   1.00 27.32 ? 461 HOH A O     1 
HETATM 946 O O     . HOH C 3 .  ? 11.693  -6.797  -0.073  1.00 40.29 ? 462 HOH A O     1 
HETATM 947 O O     . HOH C 3 .  ? 0.296   -3.592  13.370  1.00 44.05 ? 463 HOH A O     1 
HETATM 948 O O     . HOH C 3 .  ? 4.351   -15.937 -5.573  1.00 44.31 ? 464 HOH A O     1 
HETATM 949 O O     . HOH C 3 .  ? 3.494   -8.730  4.658   1.00 32.82 ? 465 HOH A O     1 
HETATM 950 O O     . HOH C 3 .  ? -11.863 5.234   0.203   0.50 38.45 ? 466 HOH A O     1 
HETATM 951 O O     . HOH C 3 .  ? 8.495   7.098   6.087   1.00 31.89 ? 467 HOH A O     1 
HETATM 952 O O     . HOH C 3 .  ? 7.204   6.520   11.921  1.00 34.54 ? 468 HOH A O     1 
HETATM 953 O O     . HOH C 3 .  ? -19.327 2.141   12.969  1.00 40.56 ? 469 HOH A O     1 
HETATM 954 O O     . HOH C 3 .  ? 10.843  4.344   3.510   1.00 38.65 ? 470 HOH A O     1 
HETATM 955 O O     . HOH C 3 .  ? 3.046   7.216   -14.691 1.00 46.86 ? 471 HOH A O     1 
HETATM 956 O O     . HOH C 3 .  ? 4.410   9.959   -5.153  1.00 34.10 ? 472 HOH A O     1 
HETATM 957 O O     . HOH C 3 .  ? 7.356   8.193   9.428   1.00 41.44 ? 473 HOH A O     1 
HETATM 958 O O     . HOH C 3 .  ? 9.332   -8.812  -2.350  1.00 39.69 ? 474 HOH A O     1 
HETATM 959 O O     . HOH C 3 .  ? 12.737  2.957   2.873   1.00 45.56 ? 475 HOH A O     1 
HETATM 960 O O     . HOH C 3 .  ? 0.494   -18.881 0.505   1.00 53.19 ? 476 HOH A O     1 
HETATM 961 O O     . HOH C 3 .  ? 1.897   -19.505 -1.560  1.00 58.26 ? 477 HOH A O     1 
HETATM 962 O O     . HOH D 3 .  ? -3.707  -12.423 -11.279 1.00 38.98 ? 101 HOH B O     1 
HETATM 963 O O     . HOH D 3 .  ? 2.916   -7.407  -14.909 1.00 32.70 ? 102 HOH B O     1 
HETATM 964 O O     . HOH D 3 .  ? -7.429  -3.038  -7.285  1.00 34.27 ? 103 HOH B O     1 
HETATM 965 O O     . HOH D 3 .  ? 4.672   -11.474 -6.807  1.00 23.71 ? 104 HOH B O     1 
HETATM 966 O O     . HOH D 3 .  ? -7.054  -6.044  -10.906 1.00 43.11 ? 105 HOH B O     1 
HETATM 967 O O     . HOH D 3 .  ? -0.728  -13.833 -13.162 1.00 27.54 ? 106 HOH B O     1 
HETATM 968 O O     . HOH D 3 .  ? -5.886  -4.931  -8.323  1.00 28.47 ? 107 HOH B O     1 
HETATM 969 O O     . HOH D 3 .  ? 1.567   -13.869 -6.081  1.00 39.71 ? 108 HOH B O     1 
HETATM 970 O O     . HOH D 3 .  ? 4.271   -18.431 -10.732 1.00 41.30 ? 109 HOH B O     1 
HETATM 971 O O     . HOH D 3 .  ? 10.029  -11.221 -2.936  1.00 36.23 ? 110 HOH B O     1 
HETATM 972 O O     . HOH D 3 .  ? 14.002  -15.520 -0.224  1.00 44.90 ? 111 HOH B O     1 
HETATM 973 O O     . HOH D 3 .  ? 7.160   -11.053 -2.783  1.00 41.22 ? 112 HOH B O     1 
HETATM 974 O O     . HOH D 3 .  ? -3.376  -7.977  -14.858 1.00 48.25 ? 113 HOH B O     1 
HETATM 975 O O     . HOH D 3 .  ? 1.612   -14.536 -14.394 1.00 36.75 ? 114 HOH B O     1 
HETATM 976 O O     . HOH D 3 .  ? 9.520   -15.767 -4.189  1.00 42.45 ? 115 HOH B O     1 
HETATM 977 O O     . HOH D 3 .  ? -9.709  -7.022  0.963   1.00 41.31 ? 116 HOH B O     1 
# 
loop_
_pdbx_poly_seq_scheme.asym_id 
_pdbx_poly_seq_scheme.entity_id 
_pdbx_poly_seq_scheme.seq_id 
_pdbx_poly_seq_scheme.mon_id 
_pdbx_poly_seq_scheme.ndb_seq_num 
_pdbx_poly_seq_scheme.pdb_seq_num 
_pdbx_poly_seq_scheme.auth_seq_num 
_pdbx_poly_seq_scheme.pdb_mon_id 
_pdbx_poly_seq_scheme.auth_mon_id 
_pdbx_poly_seq_scheme.pdb_strand_id 
_pdbx_poly_seq_scheme.pdb_ins_code 
_pdbx_poly_seq_scheme.hetero 
A 1 1  GLY 1  213 213 GLY GLY A . n 
A 1 2  HIS 2  214 214 HIS HIS A . n 
A 1 3  HIS 3  215 215 HIS HIS A . n 
A 1 4  HIS 4  216 216 HIS HIS A . n 
A 1 5  HIS 5  217 217 HIS HIS A . n 
A 1 6  HIS 6  218 218 HIS HIS A . n 
A 1 7  HIS 7  219 219 HIS HIS A . n 
A 1 8  MET 8  220 220 MET MET A . n 
A 1 9  GLN 9  221 221 GLN GLN A . n 
A 1 10 ALA 10 222 222 ALA ALA A . n 
A 1 11 ALA 11 223 223 ALA ALA A . n 
A 1 12 LEU 12 224 224 LEU LEU A . n 
A 1 13 LEU 13 225 225 LEU LEU A . n 
A 1 14 ARG 14 226 226 ARG ARG A . n 
A 1 15 ARG 15 227 227 ARG ARG A . n 
A 1 16 LYS 16 228 228 LYS LYS A . n 
A 1 17 SER 17 229 229 SER SER A . n 
A 1 18 VAL 18 230 230 VAL VAL A . n 
A 1 19 ASN 19 231 231 ASN ASN A . n 
A 1 20 THR 20 232 232 THR THR A . n 
A 1 21 THR 21 233 233 THR THR A . n 
A 1 22 GLU 22 234 234 GLU GLU A . n 
A 1 23 CYS 23 235 235 CYS CYS A . n 
A 1 24 VAL 24 236 236 VAL VAL A . n 
A 1 25 PRO 25 237 237 PRO PRO A . n 
A 1 26 VAL 26 238 238 VAL VAL A . n 
A 1 27 PRO 27 239 239 PRO PRO A . n 
A 1 28 SER 28 240 240 SER SER A . n 
A 1 29 SER 29 241 241 SER SER A . n 
A 1 30 GLU 30 242 242 GLU GLU A . n 
A 1 31 HIS 31 243 243 HIS HIS A . n 
A 1 32 VAL 32 244 244 VAL VAL A . n 
A 1 33 ALA 33 245 245 ALA ALA A . n 
A 1 34 GLU 34 246 246 GLU GLU A . n 
A 1 35 ILE 35 247 247 ILE ILE A . n 
A 1 36 VAL 36 248 248 VAL VAL A . n 
A 1 37 GLY 37 249 249 GLY GLY A . n 
A 1 38 ARG 38 250 250 ARG ARG A . n 
A 1 39 GLN 39 251 251 GLN GLN A . n 
A 1 40 GLY 40 252 252 GLY GLY A . n 
A 1 41 CYS 41 253 253 CYS CYS A . n 
A 1 42 LYS 42 254 254 LYS LYS A . n 
A 1 43 ILE 43 255 255 ILE ILE A . n 
A 1 44 LYS 44 256 256 LYS LYS A . n 
A 1 45 ALA 45 257 257 ALA ALA A . n 
A 1 46 LEU 46 258 258 LEU LEU A . n 
A 1 47 ARG 47 259 259 ARG ARG A . n 
A 1 48 ALA 48 260 260 ALA ALA A . n 
A 1 49 LYS 49 261 261 LYS LYS A . n 
A 1 50 THR 50 262 262 THR THR A . n 
A 1 51 ASN 51 263 263 ASN ASN A . n 
A 1 52 THR 52 264 264 THR THR A . n 
A 1 53 TYR 53 265 265 TYR TYR A . n 
A 1 54 ILE 54 266 266 ILE ILE A . n 
A 1 55 LYS 55 267 267 LYS LYS A . n 
A 1 56 THR 56 268 268 THR THR A . n 
A 1 57 PRO 57 269 269 PRO PRO A . n 
A 1 58 VAL 58 270 270 VAL VAL A . n 
A 1 59 ARG 59 271 271 ARG ARG A . n 
A 1 60 GLY 60 272 272 GLY GLY A . n 
A 1 61 GLU 61 273 273 GLU GLU A . n 
A 1 62 GLU 62 274 274 GLU GLU A . n 
A 1 63 PRO 63 275 275 PRO PRO A . n 
A 1 64 ILE 64 276 276 ILE ILE A . n 
A 1 65 PHE 65 277 277 PHE PHE A . n 
A 1 66 VAL 66 278 278 VAL VAL A . n 
A 1 67 VAL 67 279 279 VAL VAL A . n 
A 1 68 THR 68 280 280 THR THR A . n 
A 1 69 GLY 69 281 281 GLY GLY A . n 
A 1 70 ARG 70 282 282 ARG ARG A . n 
A 1 71 LYS 71 283 283 LYS LYS A . n 
A 1 72 GLU 72 284 284 GLU GLU A . n 
A 1 73 ASP 73 285 285 ASP ASP A . n 
A 1 74 VAL 74 286 286 VAL VAL A . n 
A 1 75 ALA 75 287 287 ALA ALA A . n 
A 1 76 MET 76 288 288 MET MET A . n 
A 1 77 ALA 77 289 289 ALA ALA A . n 
A 1 78 LYS 78 290 290 LYS LYS A . n 
A 1 79 ARG 79 291 291 ARG ARG A . n 
A 1 80 GLU 80 292 292 GLU GLU A . n 
A 1 81 ILE 81 293 293 ILE ILE A . n 
A 1 82 LEU 82 294 294 LEU LEU A . n 
A 1 83 SER 83 295 295 SER SER A . n 
A 1 84 ALA 84 296 296 ALA ALA A . n 
A 1 85 ALA 85 297 297 ALA ALA A . n 
A 1 86 GLU 86 298 298 GLU GLU A . n 
A 1 87 HIS 87 299 299 HIS HIS A . n 
A 1 88 PHE 88 300 300 PHE PHE A . n 
A 1 89 SER 89 301 301 SER SER A . n 
A 1 90 MET 90 302 302 MET MET A . n 
A 1 91 ILE 91 303 303 ILE ILE A . n 
A 1 92 ARG 92 304 304 ARG ARG A . n 
A 1 93 ALA 93 305 305 ALA ALA A . n 
A 1 94 SER 94 306 306 SER SER A . n 
B 2 1  G   1  4   4   G   G   B . n 
B 2 2  U   2  5   5   U   U   B . n 
B 2 3  U   3  6   6   U   U   B . n 
B 2 4  U   4  7   7   U   U   B . n 
B 2 5  A   5  8   8   A   A   B . n 
B 2 6  G   6  9   9   G   G   B . n 
# 
loop_
_pdbx_nonpoly_scheme.asym_id 
_pdbx_nonpoly_scheme.entity_id 
_pdbx_nonpoly_scheme.mon_id 
_pdbx_nonpoly_scheme.ndb_seq_num 
_pdbx_nonpoly_scheme.pdb_seq_num 
_pdbx_nonpoly_scheme.auth_seq_num 
_pdbx_nonpoly_scheme.pdb_mon_id 
_pdbx_nonpoly_scheme.auth_mon_id 
_pdbx_nonpoly_scheme.pdb_strand_id 
_pdbx_nonpoly_scheme.pdb_ins_code 
C 3 HOH 1  401 84 HOH HOH A . 
C 3 HOH 2  402 78 HOH HOH A . 
C 3 HOH 3  403 4  HOH HOH A . 
C 3 HOH 4  404 79 HOH HOH A . 
C 3 HOH 5  405 76 HOH HOH A . 
C 3 HOH 6  406 7  HOH HOH A . 
C 3 HOH 7  407 85 HOH HOH A . 
C 3 HOH 8  408 93 HOH HOH A . 
C 3 HOH 9  409 89 HOH HOH A . 
C 3 HOH 10 410 51 HOH HOH A . 
C 3 HOH 11 411 42 HOH HOH A . 
C 3 HOH 12 412 46 HOH HOH A . 
C 3 HOH 13 413 22 HOH HOH A . 
C 3 HOH 14 414 12 HOH HOH A . 
C 3 HOH 15 415 1  HOH HOH A . 
C 3 HOH 16 416 60 HOH HOH A . 
C 3 HOH 17 417 71 HOH HOH A . 
C 3 HOH 18 418 49 HOH HOH A . 
C 3 HOH 19 419 62 HOH HOH A . 
C 3 HOH 20 420 77 HOH HOH A . 
C 3 HOH 21 421 54 HOH HOH A . 
C 3 HOH 22 422 24 HOH HOH A . 
C 3 HOH 23 423 70 HOH HOH A . 
C 3 HOH 24 424 19 HOH HOH A . 
C 3 HOH 25 425 30 HOH HOH A . 
C 3 HOH 26 426 20 HOH HOH A . 
C 3 HOH 27 427 13 HOH HOH A . 
C 3 HOH 28 428 37 HOH HOH A . 
C 3 HOH 29 429 9  HOH HOH A . 
C 3 HOH 30 430 43 HOH HOH A . 
C 3 HOH 31 431 35 HOH HOH A . 
C 3 HOH 32 432 39 HOH HOH A . 
C 3 HOH 33 433 67 HOH HOH A . 
C 3 HOH 34 434 8  HOH HOH A . 
C 3 HOH 35 435 91 HOH HOH A . 
C 3 HOH 36 436 21 HOH HOH A . 
C 3 HOH 37 437 87 HOH HOH A . 
C 3 HOH 38 438 5  HOH HOH A . 
C 3 HOH 39 439 11 HOH HOH A . 
C 3 HOH 40 440 17 HOH HOH A . 
C 3 HOH 41 441 64 HOH HOH A . 
C 3 HOH 42 442 38 HOH HOH A . 
C 3 HOH 43 443 33 HOH HOH A . 
C 3 HOH 44 444 92 HOH HOH A . 
C 3 HOH 45 445 2  HOH HOH A . 
C 3 HOH 46 446 88 HOH HOH A . 
C 3 HOH 47 447 18 HOH HOH A . 
C 3 HOH 48 448 48 HOH HOH A . 
C 3 HOH 49 449 14 HOH HOH A . 
C 3 HOH 50 450 16 HOH HOH A . 
C 3 HOH 51 451 82 HOH HOH A . 
C 3 HOH 52 452 28 HOH HOH A . 
C 3 HOH 53 453 66 HOH HOH A . 
C 3 HOH 54 454 45 HOH HOH A . 
C 3 HOH 55 455 10 HOH HOH A . 
C 3 HOH 56 456 59 HOH HOH A . 
C 3 HOH 57 457 32 HOH HOH A . 
C 3 HOH 58 458 47 HOH HOH A . 
C 3 HOH 59 459 65 HOH HOH A . 
C 3 HOH 60 460 40 HOH HOH A . 
C 3 HOH 61 461 6  HOH HOH A . 
C 3 HOH 62 462 56 HOH HOH A . 
C 3 HOH 63 463 63 HOH HOH A . 
C 3 HOH 64 464 74 HOH HOH A . 
C 3 HOH 65 465 50 HOH HOH A . 
C 3 HOH 66 466 55 HOH HOH A . 
C 3 HOH 67 467 34 HOH HOH A . 
C 3 HOH 68 468 53 HOH HOH A . 
C 3 HOH 69 469 69 HOH HOH A . 
C 3 HOH 70 470 57 HOH HOH A . 
C 3 HOH 71 471 83 HOH HOH A . 
C 3 HOH 72 472 81 HOH HOH A . 
C 3 HOH 73 473 52 HOH HOH A . 
C 3 HOH 74 474 36 HOH HOH A . 
C 3 HOH 75 475 68 HOH HOH A . 
C 3 HOH 76 476 72 HOH HOH A . 
C 3 HOH 77 477 73 HOH HOH A . 
D 3 HOH 1  101 80 HOH HOH B . 
D 3 HOH 2  102 29 HOH HOH B . 
D 3 HOH 3  103 15 HOH HOH B . 
D 3 HOH 4  104 3  HOH HOH B . 
D 3 HOH 5  105 41 HOH HOH B . 
D 3 HOH 6  106 23 HOH HOH B . 
D 3 HOH 7  107 26 HOH HOH B . 
D 3 HOH 8  108 25 HOH HOH B . 
D 3 HOH 9  109 31 HOH HOH B . 
D 3 HOH 10 110 44 HOH HOH B . 
D 3 HOH 11 111 90 HOH HOH B . 
D 3 HOH 12 112 75 HOH HOH B . 
D 3 HOH 13 113 61 HOH HOH B . 
D 3 HOH 14 114 27 HOH HOH B . 
D 3 HOH 15 115 58 HOH HOH B . 
D 3 HOH 16 116 86 HOH HOH B . 
# 
_pdbx_struct_assembly.id                   1 
_pdbx_struct_assembly.details              author_and_software_defined_assembly 
_pdbx_struct_assembly.method_details       PISA 
_pdbx_struct_assembly.oligomeric_details   dimeric 
_pdbx_struct_assembly.oligomeric_count     2 
# 
_pdbx_struct_assembly_gen.assembly_id       1 
_pdbx_struct_assembly_gen.oper_expression   1 
_pdbx_struct_assembly_gen.asym_id_list      A,B,C,D 
# 
loop_
_pdbx_struct_assembly_prop.biol_id 
_pdbx_struct_assembly_prop.type 
_pdbx_struct_assembly_prop.value 
_pdbx_struct_assembly_prop.details 
1 'ABSA (A^2)' 1490 ? 
1 MORE         -8   ? 
1 'SSA (A^2)'  6970 ? 
# 
_pdbx_struct_oper_list.id                   1 
_pdbx_struct_oper_list.type                 'identity operation' 
_pdbx_struct_oper_list.name                 1_555 
_pdbx_struct_oper_list.symmetry_operation   x,y,z 
_pdbx_struct_oper_list.matrix[1][1]         1.0000000000 
_pdbx_struct_oper_list.matrix[1][2]         0.0000000000 
_pdbx_struct_oper_list.matrix[1][3]         0.0000000000 
_pdbx_struct_oper_list.vector[1]            0.0000000000 
_pdbx_struct_oper_list.matrix[2][1]         0.0000000000 
_pdbx_struct_oper_list.matrix[2][2]         1.0000000000 
_pdbx_struct_oper_list.matrix[2][3]         0.0000000000 
_pdbx_struct_oper_list.vector[2]            0.0000000000 
_pdbx_struct_oper_list.matrix[3][1]         0.0000000000 
_pdbx_struct_oper_list.matrix[3][2]         0.0000000000 
_pdbx_struct_oper_list.matrix[3][3]         1.0000000000 
_pdbx_struct_oper_list.vector[3]            0.0000000000 
# 
loop_
_pdbx_struct_special_symmetry.id 
_pdbx_struct_special_symmetry.PDB_model_num 
_pdbx_struct_special_symmetry.auth_asym_id 
_pdbx_struct_special_symmetry.auth_comp_id 
_pdbx_struct_special_symmetry.auth_seq_id 
_pdbx_struct_special_symmetry.PDB_ins_code 
_pdbx_struct_special_symmetry.label_asym_id 
_pdbx_struct_special_symmetry.label_comp_id 
_pdbx_struct_special_symmetry.label_seq_id 
1 1 A HOH 401 ? C HOH . 
2 1 A HOH 466 ? C HOH . 
# 
loop_
_pdbx_audit_revision_history.ordinal 
_pdbx_audit_revision_history.data_content_type 
_pdbx_audit_revision_history.major_revision 
_pdbx_audit_revision_history.minor_revision 
_pdbx_audit_revision_history.revision_date 
1 'Structure model' 1 0 2017-08-23 
2 'Structure model' 1 1 2017-10-11 
3 'Structure model' 1 2 2023-11-22 
# 
_pdbx_audit_revision_details.ordinal             1 
_pdbx_audit_revision_details.revision_ordinal    1 
_pdbx_audit_revision_details.data_content_type   'Structure model' 
_pdbx_audit_revision_details.provider            repository 
_pdbx_audit_revision_details.type                'Initial release' 
_pdbx_audit_revision_details.description         ? 
_pdbx_audit_revision_details.details             ? 
# 
loop_
_pdbx_audit_revision_group.ordinal 
_pdbx_audit_revision_group.revision_ordinal 
_pdbx_audit_revision_group.data_content_type 
_pdbx_audit_revision_group.group 
1 2 'Structure model' 'Database references'    
2 3 'Structure model' 'Data collection'        
3 3 'Structure model' 'Database references'    
4 3 'Structure model' 'Refinement description' 
# 
loop_
_pdbx_audit_revision_category.ordinal 
_pdbx_audit_revision_category.revision_ordinal 
_pdbx_audit_revision_category.data_content_type 
_pdbx_audit_revision_category.category 
1 2 'Structure model' citation                      
2 3 'Structure model' chem_comp_atom                
3 3 'Structure model' chem_comp_bond                
4 3 'Structure model' database_2                    
5 3 'Structure model' pdbx_initial_refinement_model 
# 
loop_
_pdbx_audit_revision_item.ordinal 
_pdbx_audit_revision_item.revision_ordinal 
_pdbx_audit_revision_item.data_content_type 
_pdbx_audit_revision_item.item 
1 2 'Structure model' '_citation.journal_volume'            
2 2 'Structure model' '_citation.page_first'                
3 2 'Structure model' '_citation.page_last'                 
4 3 'Structure model' '_database_2.pdbx_DOI'                
5 3 'Structure model' '_database_2.pdbx_database_accession' 
# 
loop_
_software.citation_id 
_software.classification 
_software.compiler_name 
_software.compiler_version 
_software.contact_author 
_software.contact_author_email 
_software.date 
_software.description 
_software.dependencies 
_software.hardware 
_software.language 
_software.location 
_software.mods 
_software.name 
_software.os 
_software.os_version 
_software.type 
_software.version 
_software.pdbx_ordinal 
? refinement        ? ? ? ? ? ? ? ? ? ? ? PHENIX      ? ? ? 1.10_2155 1 
? 'data scaling'    ? ? ? ? ? ? ? ? ? ? ? HKL-2000    ? ? ? .         2 
? 'data extraction' ? ? ? ? ? ? ? ? ? ? ? PDB_EXTRACT ? ? ? 3.22      3 
? 'data scaling'    ? ? ? ? ? ? ? ? ? ? ? HKL-2000    ? ? ? .         4 
? 'data reduction'  ? ? ? ? ? ? ? ? ? ? ? MOSFLM      ? ? ? .         5 
? phasing           ? ? ? ? ? ? ? ? ? ? ? PHASER      ? ? ? .         6 
? 'data scaling'    ? ? ? ? ? ? ? ? ? ? ? HKL         ? ? ? .         7 
# 
_pdbx_validate_torsion.id              1 
_pdbx_validate_torsion.PDB_model_num   1 
_pdbx_validate_torsion.auth_comp_id    LYS 
_pdbx_validate_torsion.auth_asym_id    A 
_pdbx_validate_torsion.auth_seq_id     228 
_pdbx_validate_torsion.PDB_ins_code    ? 
_pdbx_validate_torsion.label_alt_id    ? 
_pdbx_validate_torsion.phi             -103.16 
_pdbx_validate_torsion.psi             -82.27 
# 
loop_
_pdbx_distant_solvent_atoms.id 
_pdbx_distant_solvent_atoms.PDB_model_num 
_pdbx_distant_solvent_atoms.auth_atom_id 
_pdbx_distant_solvent_atoms.label_alt_id 
_pdbx_distant_solvent_atoms.auth_asym_id 
_pdbx_distant_solvent_atoms.auth_comp_id 
_pdbx_distant_solvent_atoms.auth_seq_id 
_pdbx_distant_solvent_atoms.PDB_ins_code 
_pdbx_distant_solvent_atoms.neighbor_macromolecule_distance 
_pdbx_distant_solvent_atoms.neighbor_ligand_distance 
1 1 O ? A HOH 476 ? 7.88 . 
2 1 O ? A HOH 477 ? 8.03 . 
# 
loop_
_chem_comp_atom.comp_id 
_chem_comp_atom.atom_id 
_chem_comp_atom.type_symbol 
_chem_comp_atom.pdbx_aromatic_flag 
_chem_comp_atom.pdbx_stereo_config 
_chem_comp_atom.pdbx_ordinal 
A   OP3    O N N 1   
A   P      P N N 2   
A   OP1    O N N 3   
A   OP2    O N N 4   
A   "O5'"  O N N 5   
A   "C5'"  C N N 6   
A   "C4'"  C N R 7   
A   "O4'"  O N N 8   
A   "C3'"  C N S 9   
A   "O3'"  O N N 10  
A   "C2'"  C N R 11  
A   "O2'"  O N N 12  
A   "C1'"  C N R 13  
A   N9     N Y N 14  
A   C8     C Y N 15  
A   N7     N Y N 16  
A   C5     C Y N 17  
A   C6     C Y N 18  
A   N6     N N N 19  
A   N1     N Y N 20  
A   C2     C Y N 21  
A   N3     N Y N 22  
A   C4     C Y N 23  
A   HOP3   H N N 24  
A   HOP2   H N N 25  
A   "H5'"  H N N 26  
A   "H5''" H N N 27  
A   "H4'"  H N N 28  
A   "H3'"  H N N 29  
A   "HO3'" H N N 30  
A   "H2'"  H N N 31  
A   "HO2'" H N N 32  
A   "H1'"  H N N 33  
A   H8     H N N 34  
A   H61    H N N 35  
A   H62    H N N 36  
A   H2     H N N 37  
ALA N      N N N 38  
ALA CA     C N S 39  
ALA C      C N N 40  
ALA O      O N N 41  
ALA CB     C N N 42  
ALA OXT    O N N 43  
ALA H      H N N 44  
ALA H2     H N N 45  
ALA HA     H N N 46  
ALA HB1    H N N 47  
ALA HB2    H N N 48  
ALA HB3    H N N 49  
ALA HXT    H N N 50  
ARG N      N N N 51  
ARG CA     C N S 52  
ARG C      C N N 53  
ARG O      O N N 54  
ARG CB     C N N 55  
ARG CG     C N N 56  
ARG CD     C N N 57  
ARG NE     N N N 58  
ARG CZ     C N N 59  
ARG NH1    N N N 60  
ARG NH2    N N N 61  
ARG OXT    O N N 62  
ARG H      H N N 63  
ARG H2     H N N 64  
ARG HA     H N N 65  
ARG HB2    H N N 66  
ARG HB3    H N N 67  
ARG HG2    H N N 68  
ARG HG3    H N N 69  
ARG HD2    H N N 70  
ARG HD3    H N N 71  
ARG HE     H N N 72  
ARG HH11   H N N 73  
ARG HH12   H N N 74  
ARG HH21   H N N 75  
ARG HH22   H N N 76  
ARG HXT    H N N 77  
ASN N      N N N 78  
ASN CA     C N S 79  
ASN C      C N N 80  
ASN O      O N N 81  
ASN CB     C N N 82  
ASN CG     C N N 83  
ASN OD1    O N N 84  
ASN ND2    N N N 85  
ASN OXT    O N N 86  
ASN H      H N N 87  
ASN H2     H N N 88  
ASN HA     H N N 89  
ASN HB2    H N N 90  
ASN HB3    H N N 91  
ASN HD21   H N N 92  
ASN HD22   H N N 93  
ASN HXT    H N N 94  
ASP N      N N N 95  
ASP CA     C N S 96  
ASP C      C N N 97  
ASP O      O N N 98  
ASP CB     C N N 99  
ASP CG     C N N 100 
ASP OD1    O N N 101 
ASP OD2    O N N 102 
ASP OXT    O N N 103 
ASP H      H N N 104 
ASP H2     H N N 105 
ASP HA     H N N 106 
ASP HB2    H N N 107 
ASP HB3    H N N 108 
ASP HD2    H N N 109 
ASP HXT    H N N 110 
CYS N      N N N 111 
CYS CA     C N R 112 
CYS C      C N N 113 
CYS O      O N N 114 
CYS CB     C N N 115 
CYS SG     S N N 116 
CYS OXT    O N N 117 
CYS H      H N N 118 
CYS H2     H N N 119 
CYS HA     H N N 120 
CYS HB2    H N N 121 
CYS HB3    H N N 122 
CYS HG     H N N 123 
CYS HXT    H N N 124 
G   OP3    O N N 125 
G   P      P N N 126 
G   OP1    O N N 127 
G   OP2    O N N 128 
G   "O5'"  O N N 129 
G   "C5'"  C N N 130 
G   "C4'"  C N R 131 
G   "O4'"  O N N 132 
G   "C3'"  C N S 133 
G   "O3'"  O N N 134 
G   "C2'"  C N R 135 
G   "O2'"  O N N 136 
G   "C1'"  C N R 137 
G   N9     N Y N 138 
G   C8     C Y N 139 
G   N7     N Y N 140 
G   C5     C Y N 141 
G   C6     C N N 142 
G   O6     O N N 143 
G   N1     N N N 144 
G   C2     C N N 145 
G   N2     N N N 146 
G   N3     N N N 147 
G   C4     C Y N 148 
G   HOP3   H N N 149 
G   HOP2   H N N 150 
G   "H5'"  H N N 151 
G   "H5''" H N N 152 
G   "H4'"  H N N 153 
G   "H3'"  H N N 154 
G   "HO3'" H N N 155 
G   "H2'"  H N N 156 
G   "HO2'" H N N 157 
G   "H1'"  H N N 158 
G   H8     H N N 159 
G   H1     H N N 160 
G   H21    H N N 161 
G   H22    H N N 162 
GLN N      N N N 163 
GLN CA     C N S 164 
GLN C      C N N 165 
GLN O      O N N 166 
GLN CB     C N N 167 
GLN CG     C N N 168 
GLN CD     C N N 169 
GLN OE1    O N N 170 
GLN NE2    N N N 171 
GLN OXT    O N N 172 
GLN H      H N N 173 
GLN H2     H N N 174 
GLN HA     H N N 175 
GLN HB2    H N N 176 
GLN HB3    H N N 177 
GLN HG2    H N N 178 
GLN HG3    H N N 179 
GLN HE21   H N N 180 
GLN HE22   H N N 181 
GLN HXT    H N N 182 
GLU N      N N N 183 
GLU CA     C N S 184 
GLU C      C N N 185 
GLU O      O N N 186 
GLU CB     C N N 187 
GLU CG     C N N 188 
GLU CD     C N N 189 
GLU OE1    O N N 190 
GLU OE2    O N N 191 
GLU OXT    O N N 192 
GLU H      H N N 193 
GLU H2     H N N 194 
GLU HA     H N N 195 
GLU HB2    H N N 196 
GLU HB3    H N N 197 
GLU HG2    H N N 198 
GLU HG3    H N N 199 
GLU HE2    H N N 200 
GLU HXT    H N N 201 
GLY N      N N N 202 
GLY CA     C N N 203 
GLY C      C N N 204 
GLY O      O N N 205 
GLY OXT    O N N 206 
GLY H      H N N 207 
GLY H2     H N N 208 
GLY HA2    H N N 209 
GLY HA3    H N N 210 
GLY HXT    H N N 211 
HIS N      N N N 212 
HIS CA     C N S 213 
HIS C      C N N 214 
HIS O      O N N 215 
HIS CB     C N N 216 
HIS CG     C Y N 217 
HIS ND1    N Y N 218 
HIS CD2    C Y N 219 
HIS CE1    C Y N 220 
HIS NE2    N Y N 221 
HIS OXT    O N N 222 
HIS H      H N N 223 
HIS H2     H N N 224 
HIS HA     H N N 225 
HIS HB2    H N N 226 
HIS HB3    H N N 227 
HIS HD1    H N N 228 
HIS HD2    H N N 229 
HIS HE1    H N N 230 
HIS HE2    H N N 231 
HIS HXT    H N N 232 
HOH O      O N N 233 
HOH H1     H N N 234 
HOH H2     H N N 235 
ILE N      N N N 236 
ILE CA     C N S 237 
ILE C      C N N 238 
ILE O      O N N 239 
ILE CB     C N S 240 
ILE CG1    C N N 241 
ILE CG2    C N N 242 
ILE CD1    C N N 243 
ILE OXT    O N N 244 
ILE H      H N N 245 
ILE H2     H N N 246 
ILE HA     H N N 247 
ILE HB     H N N 248 
ILE HG12   H N N 249 
ILE HG13   H N N 250 
ILE HG21   H N N 251 
ILE HG22   H N N 252 
ILE HG23   H N N 253 
ILE HD11   H N N 254 
ILE HD12   H N N 255 
ILE HD13   H N N 256 
ILE HXT    H N N 257 
LEU N      N N N 258 
LEU CA     C N S 259 
LEU C      C N N 260 
LEU O      O N N 261 
LEU CB     C N N 262 
LEU CG     C N N 263 
LEU CD1    C N N 264 
LEU CD2    C N N 265 
LEU OXT    O N N 266 
LEU H      H N N 267 
LEU H2     H N N 268 
LEU HA     H N N 269 
LEU HB2    H N N 270 
LEU HB3    H N N 271 
LEU HG     H N N 272 
LEU HD11   H N N 273 
LEU HD12   H N N 274 
LEU HD13   H N N 275 
LEU HD21   H N N 276 
LEU HD22   H N N 277 
LEU HD23   H N N 278 
LEU HXT    H N N 279 
LYS N      N N N 280 
LYS CA     C N S 281 
LYS C      C N N 282 
LYS O      O N N 283 
LYS CB     C N N 284 
LYS CG     C N N 285 
LYS CD     C N N 286 
LYS CE     C N N 287 
LYS NZ     N N N 288 
LYS OXT    O N N 289 
LYS H      H N N 290 
LYS H2     H N N 291 
LYS HA     H N N 292 
LYS HB2    H N N 293 
LYS HB3    H N N 294 
LYS HG2    H N N 295 
LYS HG3    H N N 296 
LYS HD2    H N N 297 
LYS HD3    H N N 298 
LYS HE2    H N N 299 
LYS HE3    H N N 300 
LYS HZ1    H N N 301 
LYS HZ2    H N N 302 
LYS HZ3    H N N 303 
LYS HXT    H N N 304 
MET N      N N N 305 
MET CA     C N S 306 
MET C      C N N 307 
MET O      O N N 308 
MET CB     C N N 309 
MET CG     C N N 310 
MET SD     S N N 311 
MET CE     C N N 312 
MET OXT    O N N 313 
MET H      H N N 314 
MET H2     H N N 315 
MET HA     H N N 316 
MET HB2    H N N 317 
MET HB3    H N N 318 
MET HG2    H N N 319 
MET HG3    H N N 320 
MET HE1    H N N 321 
MET HE2    H N N 322 
MET HE3    H N N 323 
MET HXT    H N N 324 
PHE N      N N N 325 
PHE CA     C N S 326 
PHE C      C N N 327 
PHE O      O N N 328 
PHE CB     C N N 329 
PHE CG     C Y N 330 
PHE CD1    C Y N 331 
PHE CD2    C Y N 332 
PHE CE1    C Y N 333 
PHE CE2    C Y N 334 
PHE CZ     C Y N 335 
PHE OXT    O N N 336 
PHE H      H N N 337 
PHE H2     H N N 338 
PHE HA     H N N 339 
PHE HB2    H N N 340 
PHE HB3    H N N 341 
PHE HD1    H N N 342 
PHE HD2    H N N 343 
PHE HE1    H N N 344 
PHE HE2    H N N 345 
PHE HZ     H N N 346 
PHE HXT    H N N 347 
PRO N      N N N 348 
PRO CA     C N S 349 
PRO C      C N N 350 
PRO O      O N N 351 
PRO CB     C N N 352 
PRO CG     C N N 353 
PRO CD     C N N 354 
PRO OXT    O N N 355 
PRO H      H N N 356 
PRO HA     H N N 357 
PRO HB2    H N N 358 
PRO HB3    H N N 359 
PRO HG2    H N N 360 
PRO HG3    H N N 361 
PRO HD2    H N N 362 
PRO HD3    H N N 363 
PRO HXT    H N N 364 
SER N      N N N 365 
SER CA     C N S 366 
SER C      C N N 367 
SER O      O N N 368 
SER CB     C N N 369 
SER OG     O N N 370 
SER OXT    O N N 371 
SER H      H N N 372 
SER H2     H N N 373 
SER HA     H N N 374 
SER HB2    H N N 375 
SER HB3    H N N 376 
SER HG     H N N 377 
SER HXT    H N N 378 
THR N      N N N 379 
THR CA     C N S 380 
THR C      C N N 381 
THR O      O N N 382 
THR CB     C N R 383 
THR OG1    O N N 384 
THR CG2    C N N 385 
THR OXT    O N N 386 
THR H      H N N 387 
THR H2     H N N 388 
THR HA     H N N 389 
THR HB     H N N 390 
THR HG1    H N N 391 
THR HG21   H N N 392 
THR HG22   H N N 393 
THR HG23   H N N 394 
THR HXT    H N N 395 
TYR N      N N N 396 
TYR CA     C N S 397 
TYR C      C N N 398 
TYR O      O N N 399 
TYR CB     C N N 400 
TYR CG     C Y N 401 
TYR CD1    C Y N 402 
TYR CD2    C Y N 403 
TYR CE1    C Y N 404 
TYR CE2    C Y N 405 
TYR CZ     C Y N 406 
TYR OH     O N N 407 
TYR OXT    O N N 408 
TYR H      H N N 409 
TYR H2     H N N 410 
TYR HA     H N N 411 
TYR HB2    H N N 412 
TYR HB3    H N N 413 
TYR HD1    H N N 414 
TYR HD2    H N N 415 
TYR HE1    H N N 416 
TYR HE2    H N N 417 
TYR HH     H N N 418 
TYR HXT    H N N 419 
U   OP3    O N N 420 
U   P      P N N 421 
U   OP1    O N N 422 
U   OP2    O N N 423 
U   "O5'"  O N N 424 
U   "C5'"  C N N 425 
U   "C4'"  C N R 426 
U   "O4'"  O N N 427 
U   "C3'"  C N S 428 
U   "O3'"  O N N 429 
U   "C2'"  C N R 430 
U   "O2'"  O N N 431 
U   "C1'"  C N R 432 
U   N1     N N N 433 
U   C2     C N N 434 
U   O2     O N N 435 
U   N3     N N N 436 
U   C4     C N N 437 
U   O4     O N N 438 
U   C5     C N N 439 
U   C6     C N N 440 
U   HOP3   H N N 441 
U   HOP2   H N N 442 
U   "H5'"  H N N 443 
U   "H5''" H N N 444 
U   "H4'"  H N N 445 
U   "H3'"  H N N 446 
U   "HO3'" H N N 447 
U   "H2'"  H N N 448 
U   "HO2'" H N N 449 
U   "H1'"  H N N 450 
U   H3     H N N 451 
U   H5     H N N 452 
U   H6     H N N 453 
VAL N      N N N 454 
VAL CA     C N S 455 
VAL C      C N N 456 
VAL O      O N N 457 
VAL CB     C N N 458 
VAL CG1    C N N 459 
VAL CG2    C N N 460 
VAL OXT    O N N 461 
VAL H      H N N 462 
VAL H2     H N N 463 
VAL HA     H N N 464 
VAL HB     H N N 465 
VAL HG11   H N N 466 
VAL HG12   H N N 467 
VAL HG13   H N N 468 
VAL HG21   H N N 469 
VAL HG22   H N N 470 
VAL HG23   H N N 471 
VAL HXT    H N N 472 
# 
loop_
_chem_comp_bond.comp_id 
_chem_comp_bond.atom_id_1 
_chem_comp_bond.atom_id_2 
_chem_comp_bond.value_order 
_chem_comp_bond.pdbx_aromatic_flag 
_chem_comp_bond.pdbx_stereo_config 
_chem_comp_bond.pdbx_ordinal 
A   OP3   P      sing N N 1   
A   OP3   HOP3   sing N N 2   
A   P     OP1    doub N N 3   
A   P     OP2    sing N N 4   
A   P     "O5'"  sing N N 5   
A   OP2   HOP2   sing N N 6   
A   "O5'" "C5'"  sing N N 7   
A   "C5'" "C4'"  sing N N 8   
A   "C5'" "H5'"  sing N N 9   
A   "C5'" "H5''" sing N N 10  
A   "C4'" "O4'"  sing N N 11  
A   "C4'" "C3'"  sing N N 12  
A   "C4'" "H4'"  sing N N 13  
A   "O4'" "C1'"  sing N N 14  
A   "C3'" "O3'"  sing N N 15  
A   "C3'" "C2'"  sing N N 16  
A   "C3'" "H3'"  sing N N 17  
A   "O3'" "HO3'" sing N N 18  
A   "C2'" "O2'"  sing N N 19  
A   "C2'" "C1'"  sing N N 20  
A   "C2'" "H2'"  sing N N 21  
A   "O2'" "HO2'" sing N N 22  
A   "C1'" N9     sing N N 23  
A   "C1'" "H1'"  sing N N 24  
A   N9    C8     sing Y N 25  
A   N9    C4     sing Y N 26  
A   C8    N7     doub Y N 27  
A   C8    H8     sing N N 28  
A   N7    C5     sing Y N 29  
A   C5    C6     sing Y N 30  
A   C5    C4     doub Y N 31  
A   C6    N6     sing N N 32  
A   C6    N1     doub Y N 33  
A   N6    H61    sing N N 34  
A   N6    H62    sing N N 35  
A   N1    C2     sing Y N 36  
A   C2    N3     doub Y N 37  
A   C2    H2     sing N N 38  
A   N3    C4     sing Y N 39  
ALA N     CA     sing N N 40  
ALA N     H      sing N N 41  
ALA N     H2     sing N N 42  
ALA CA    C      sing N N 43  
ALA CA    CB     sing N N 44  
ALA CA    HA     sing N N 45  
ALA C     O      doub N N 46  
ALA C     OXT    sing N N 47  
ALA CB    HB1    sing N N 48  
ALA CB    HB2    sing N N 49  
ALA CB    HB3    sing N N 50  
ALA OXT   HXT    sing N N 51  
ARG N     CA     sing N N 52  
ARG N     H      sing N N 53  
ARG N     H2     sing N N 54  
ARG CA    C      sing N N 55  
ARG CA    CB     sing N N 56  
ARG CA    HA     sing N N 57  
ARG C     O      doub N N 58  
ARG C     OXT    sing N N 59  
ARG CB    CG     sing N N 60  
ARG CB    HB2    sing N N 61  
ARG CB    HB3    sing N N 62  
ARG CG    CD     sing N N 63  
ARG CG    HG2    sing N N 64  
ARG CG    HG3    sing N N 65  
ARG CD    NE     sing N N 66  
ARG CD    HD2    sing N N 67  
ARG CD    HD3    sing N N 68  
ARG NE    CZ     sing N N 69  
ARG NE    HE     sing N N 70  
ARG CZ    NH1    sing N N 71  
ARG CZ    NH2    doub N N 72  
ARG NH1   HH11   sing N N 73  
ARG NH1   HH12   sing N N 74  
ARG NH2   HH21   sing N N 75  
ARG NH2   HH22   sing N N 76  
ARG OXT   HXT    sing N N 77  
ASN N     CA     sing N N 78  
ASN N     H      sing N N 79  
ASN N     H2     sing N N 80  
ASN CA    C      sing N N 81  
ASN CA    CB     sing N N 82  
ASN CA    HA     sing N N 83  
ASN C     O      doub N N 84  
ASN C     OXT    sing N N 85  
ASN CB    CG     sing N N 86  
ASN CB    HB2    sing N N 87  
ASN CB    HB3    sing N N 88  
ASN CG    OD1    doub N N 89  
ASN CG    ND2    sing N N 90  
ASN ND2   HD21   sing N N 91  
ASN ND2   HD22   sing N N 92  
ASN OXT   HXT    sing N N 93  
ASP N     CA     sing N N 94  
ASP N     H      sing N N 95  
ASP N     H2     sing N N 96  
ASP CA    C      sing N N 97  
ASP CA    CB     sing N N 98  
ASP CA    HA     sing N N 99  
ASP C     O      doub N N 100 
ASP C     OXT    sing N N 101 
ASP CB    CG     sing N N 102 
ASP CB    HB2    sing N N 103 
ASP CB    HB3    sing N N 104 
ASP CG    OD1    doub N N 105 
ASP CG    OD2    sing N N 106 
ASP OD2   HD2    sing N N 107 
ASP OXT   HXT    sing N N 108 
CYS N     CA     sing N N 109 
CYS N     H      sing N N 110 
CYS N     H2     sing N N 111 
CYS CA    C      sing N N 112 
CYS CA    CB     sing N N 113 
CYS CA    HA     sing N N 114 
CYS C     O      doub N N 115 
CYS C     OXT    sing N N 116 
CYS CB    SG     sing N N 117 
CYS CB    HB2    sing N N 118 
CYS CB    HB3    sing N N 119 
CYS SG    HG     sing N N 120 
CYS OXT   HXT    sing N N 121 
G   OP3   P      sing N N 122 
G   OP3   HOP3   sing N N 123 
G   P     OP1    doub N N 124 
G   P     OP2    sing N N 125 
G   P     "O5'"  sing N N 126 
G   OP2   HOP2   sing N N 127 
G   "O5'" "C5'"  sing N N 128 
G   "C5'" "C4'"  sing N N 129 
G   "C5'" "H5'"  sing N N 130 
G   "C5'" "H5''" sing N N 131 
G   "C4'" "O4'"  sing N N 132 
G   "C4'" "C3'"  sing N N 133 
G   "C4'" "H4'"  sing N N 134 
G   "O4'" "C1'"  sing N N 135 
G   "C3'" "O3'"  sing N N 136 
G   "C3'" "C2'"  sing N N 137 
G   "C3'" "H3'"  sing N N 138 
G   "O3'" "HO3'" sing N N 139 
G   "C2'" "O2'"  sing N N 140 
G   "C2'" "C1'"  sing N N 141 
G   "C2'" "H2'"  sing N N 142 
G   "O2'" "HO2'" sing N N 143 
G   "C1'" N9     sing N N 144 
G   "C1'" "H1'"  sing N N 145 
G   N9    C8     sing Y N 146 
G   N9    C4     sing Y N 147 
G   C8    N7     doub Y N 148 
G   C8    H8     sing N N 149 
G   N7    C5     sing Y N 150 
G   C5    C6     sing N N 151 
G   C5    C4     doub Y N 152 
G   C6    O6     doub N N 153 
G   C6    N1     sing N N 154 
G   N1    C2     sing N N 155 
G   N1    H1     sing N N 156 
G   C2    N2     sing N N 157 
G   C2    N3     doub N N 158 
G   N2    H21    sing N N 159 
G   N2    H22    sing N N 160 
G   N3    C4     sing N N 161 
GLN N     CA     sing N N 162 
GLN N     H      sing N N 163 
GLN N     H2     sing N N 164 
GLN CA    C      sing N N 165 
GLN CA    CB     sing N N 166 
GLN CA    HA     sing N N 167 
GLN C     O      doub N N 168 
GLN C     OXT    sing N N 169 
GLN CB    CG     sing N N 170 
GLN CB    HB2    sing N N 171 
GLN CB    HB3    sing N N 172 
GLN CG    CD     sing N N 173 
GLN CG    HG2    sing N N 174 
GLN CG    HG3    sing N N 175 
GLN CD    OE1    doub N N 176 
GLN CD    NE2    sing N N 177 
GLN NE2   HE21   sing N N 178 
GLN NE2   HE22   sing N N 179 
GLN OXT   HXT    sing N N 180 
GLU N     CA     sing N N 181 
GLU N     H      sing N N 182 
GLU N     H2     sing N N 183 
GLU CA    C      sing N N 184 
GLU CA    CB     sing N N 185 
GLU CA    HA     sing N N 186 
GLU C     O      doub N N 187 
GLU C     OXT    sing N N 188 
GLU CB    CG     sing N N 189 
GLU CB    HB2    sing N N 190 
GLU CB    HB3    sing N N 191 
GLU CG    CD     sing N N 192 
GLU CG    HG2    sing N N 193 
GLU CG    HG3    sing N N 194 
GLU CD    OE1    doub N N 195 
GLU CD    OE2    sing N N 196 
GLU OE2   HE2    sing N N 197 
GLU OXT   HXT    sing N N 198 
GLY N     CA     sing N N 199 
GLY N     H      sing N N 200 
GLY N     H2     sing N N 201 
GLY CA    C      sing N N 202 
GLY CA    HA2    sing N N 203 
GLY CA    HA3    sing N N 204 
GLY C     O      doub N N 205 
GLY C     OXT    sing N N 206 
GLY OXT   HXT    sing N N 207 
HIS N     CA     sing N N 208 
HIS N     H      sing N N 209 
HIS N     H2     sing N N 210 
HIS CA    C      sing N N 211 
HIS CA    CB     sing N N 212 
HIS CA    HA     sing N N 213 
HIS C     O      doub N N 214 
HIS C     OXT    sing N N 215 
HIS CB    CG     sing N N 216 
HIS CB    HB2    sing N N 217 
HIS CB    HB3    sing N N 218 
HIS CG    ND1    sing Y N 219 
HIS CG    CD2    doub Y N 220 
HIS ND1   CE1    doub Y N 221 
HIS ND1   HD1    sing N N 222 
HIS CD2   NE2    sing Y N 223 
HIS CD2   HD2    sing N N 224 
HIS CE1   NE2    sing Y N 225 
HIS CE1   HE1    sing N N 226 
HIS NE2   HE2    sing N N 227 
HIS OXT   HXT    sing N N 228 
HOH O     H1     sing N N 229 
HOH O     H2     sing N N 230 
ILE N     CA     sing N N 231 
ILE N     H      sing N N 232 
ILE N     H2     sing N N 233 
ILE CA    C      sing N N 234 
ILE CA    CB     sing N N 235 
ILE CA    HA     sing N N 236 
ILE C     O      doub N N 237 
ILE C     OXT    sing N N 238 
ILE CB    CG1    sing N N 239 
ILE CB    CG2    sing N N 240 
ILE CB    HB     sing N N 241 
ILE CG1   CD1    sing N N 242 
ILE CG1   HG12   sing N N 243 
ILE CG1   HG13   sing N N 244 
ILE CG2   HG21   sing N N 245 
ILE CG2   HG22   sing N N 246 
ILE CG2   HG23   sing N N 247 
ILE CD1   HD11   sing N N 248 
ILE CD1   HD12   sing N N 249 
ILE CD1   HD13   sing N N 250 
ILE OXT   HXT    sing N N 251 
LEU N     CA     sing N N 252 
LEU N     H      sing N N 253 
LEU N     H2     sing N N 254 
LEU CA    C      sing N N 255 
LEU CA    CB     sing N N 256 
LEU CA    HA     sing N N 257 
LEU C     O      doub N N 258 
LEU C     OXT    sing N N 259 
LEU CB    CG     sing N N 260 
LEU CB    HB2    sing N N 261 
LEU CB    HB3    sing N N 262 
LEU CG    CD1    sing N N 263 
LEU CG    CD2    sing N N 264 
LEU CG    HG     sing N N 265 
LEU CD1   HD11   sing N N 266 
LEU CD1   HD12   sing N N 267 
LEU CD1   HD13   sing N N 268 
LEU CD2   HD21   sing N N 269 
LEU CD2   HD22   sing N N 270 
LEU CD2   HD23   sing N N 271 
LEU OXT   HXT    sing N N 272 
LYS N     CA     sing N N 273 
LYS N     H      sing N N 274 
LYS N     H2     sing N N 275 
LYS CA    C      sing N N 276 
LYS CA    CB     sing N N 277 
LYS CA    HA     sing N N 278 
LYS C     O      doub N N 279 
LYS C     OXT    sing N N 280 
LYS CB    CG     sing N N 281 
LYS CB    HB2    sing N N 282 
LYS CB    HB3    sing N N 283 
LYS CG    CD     sing N N 284 
LYS CG    HG2    sing N N 285 
LYS CG    HG3    sing N N 286 
LYS CD    CE     sing N N 287 
LYS CD    HD2    sing N N 288 
LYS CD    HD3    sing N N 289 
LYS CE    NZ     sing N N 290 
LYS CE    HE2    sing N N 291 
LYS CE    HE3    sing N N 292 
LYS NZ    HZ1    sing N N 293 
LYS NZ    HZ2    sing N N 294 
LYS NZ    HZ3    sing N N 295 
LYS OXT   HXT    sing N N 296 
MET N     CA     sing N N 297 
MET N     H      sing N N 298 
MET N     H2     sing N N 299 
MET CA    C      sing N N 300 
MET CA    CB     sing N N 301 
MET CA    HA     sing N N 302 
MET C     O      doub N N 303 
MET C     OXT    sing N N 304 
MET CB    CG     sing N N 305 
MET CB    HB2    sing N N 306 
MET CB    HB3    sing N N 307 
MET CG    SD     sing N N 308 
MET CG    HG2    sing N N 309 
MET CG    HG3    sing N N 310 
MET SD    CE     sing N N 311 
MET CE    HE1    sing N N 312 
MET CE    HE2    sing N N 313 
MET CE    HE3    sing N N 314 
MET OXT   HXT    sing N N 315 
PHE N     CA     sing N N 316 
PHE N     H      sing N N 317 
PHE N     H2     sing N N 318 
PHE CA    C      sing N N 319 
PHE CA    CB     sing N N 320 
PHE CA    HA     sing N N 321 
PHE C     O      doub N N 322 
PHE C     OXT    sing N N 323 
PHE CB    CG     sing N N 324 
PHE CB    HB2    sing N N 325 
PHE CB    HB3    sing N N 326 
PHE CG    CD1    doub Y N 327 
PHE CG    CD2    sing Y N 328 
PHE CD1   CE1    sing Y N 329 
PHE CD1   HD1    sing N N 330 
PHE CD2   CE2    doub Y N 331 
PHE CD2   HD2    sing N N 332 
PHE CE1   CZ     doub Y N 333 
PHE CE1   HE1    sing N N 334 
PHE CE2   CZ     sing Y N 335 
PHE CE2   HE2    sing N N 336 
PHE CZ    HZ     sing N N 337 
PHE OXT   HXT    sing N N 338 
PRO N     CA     sing N N 339 
PRO N     CD     sing N N 340 
PRO N     H      sing N N 341 
PRO CA    C      sing N N 342 
PRO CA    CB     sing N N 343 
PRO CA    HA     sing N N 344 
PRO C     O      doub N N 345 
PRO C     OXT    sing N N 346 
PRO CB    CG     sing N N 347 
PRO CB    HB2    sing N N 348 
PRO CB    HB3    sing N N 349 
PRO CG    CD     sing N N 350 
PRO CG    HG2    sing N N 351 
PRO CG    HG3    sing N N 352 
PRO CD    HD2    sing N N 353 
PRO CD    HD3    sing N N 354 
PRO OXT   HXT    sing N N 355 
SER N     CA     sing N N 356 
SER N     H      sing N N 357 
SER N     H2     sing N N 358 
SER CA    C      sing N N 359 
SER CA    CB     sing N N 360 
SER CA    HA     sing N N 361 
SER C     O      doub N N 362 
SER C     OXT    sing N N 363 
SER CB    OG     sing N N 364 
SER CB    HB2    sing N N 365 
SER CB    HB3    sing N N 366 
SER OG    HG     sing N N 367 
SER OXT   HXT    sing N N 368 
THR N     CA     sing N N 369 
THR N     H      sing N N 370 
THR N     H2     sing N N 371 
THR CA    C      sing N N 372 
THR CA    CB     sing N N 373 
THR CA    HA     sing N N 374 
THR C     O      doub N N 375 
THR C     OXT    sing N N 376 
THR CB    OG1    sing N N 377 
THR CB    CG2    sing N N 378 
THR CB    HB     sing N N 379 
THR OG1   HG1    sing N N 380 
THR CG2   HG21   sing N N 381 
THR CG2   HG22   sing N N 382 
THR CG2   HG23   sing N N 383 
THR OXT   HXT    sing N N 384 
TYR N     CA     sing N N 385 
TYR N     H      sing N N 386 
TYR N     H2     sing N N 387 
TYR CA    C      sing N N 388 
TYR CA    CB     sing N N 389 
TYR CA    HA     sing N N 390 
TYR C     O      doub N N 391 
TYR C     OXT    sing N N 392 
TYR CB    CG     sing N N 393 
TYR CB    HB2    sing N N 394 
TYR CB    HB3    sing N N 395 
TYR CG    CD1    doub Y N 396 
TYR CG    CD2    sing Y N 397 
TYR CD1   CE1    sing Y N 398 
TYR CD1   HD1    sing N N 399 
TYR CD2   CE2    doub Y N 400 
TYR CD2   HD2    sing N N 401 
TYR CE1   CZ     doub Y N 402 
TYR CE1   HE1    sing N N 403 
TYR CE2   CZ     sing Y N 404 
TYR CE2   HE2    sing N N 405 
TYR CZ    OH     sing N N 406 
TYR OH    HH     sing N N 407 
TYR OXT   HXT    sing N N 408 
U   OP3   P      sing N N 409 
U   OP3   HOP3   sing N N 410 
U   P     OP1    doub N N 411 
U   P     OP2    sing N N 412 
U   P     "O5'"  sing N N 413 
U   OP2   HOP2   sing N N 414 
U   "O5'" "C5'"  sing N N 415 
U   "C5'" "C4'"  sing N N 416 
U   "C5'" "H5'"  sing N N 417 
U   "C5'" "H5''" sing N N 418 
U   "C4'" "O4'"  sing N N 419 
U   "C4'" "C3'"  sing N N 420 
U   "C4'" "H4'"  sing N N 421 
U   "O4'" "C1'"  sing N N 422 
U   "C3'" "O3'"  sing N N 423 
U   "C3'" "C2'"  sing N N 424 
U   "C3'" "H3'"  sing N N 425 
U   "O3'" "HO3'" sing N N 426 
U   "C2'" "O2'"  sing N N 427 
U   "C2'" "C1'"  sing N N 428 
U   "C2'" "H2'"  sing N N 429 
U   "O2'" "HO2'" sing N N 430 
U   "C1'" N1     sing N N 431 
U   "C1'" "H1'"  sing N N 432 
U   N1    C2     sing N N 433 
U   N1    C6     sing N N 434 
U   C2    O2     doub N N 435 
U   C2    N3     sing N N 436 
U   N3    C4     sing N N 437 
U   N3    H3     sing N N 438 
U   C4    O4     doub N N 439 
U   C4    C5     sing N N 440 
U   C5    C6     doub N N 441 
U   C5    H5     sing N N 442 
U   C6    H6     sing N N 443 
VAL N     CA     sing N N 444 
VAL N     H      sing N N 445 
VAL N     H2     sing N N 446 
VAL CA    C      sing N N 447 
VAL CA    CB     sing N N 448 
VAL CA    HA     sing N N 449 
VAL C     O      doub N N 450 
VAL C     OXT    sing N N 451 
VAL CB    CG1    sing N N 452 
VAL CB    CG2    sing N N 453 
VAL CB    HB     sing N N 454 
VAL CG1   HG11   sing N N 455 
VAL CG1   HG12   sing N N 456 
VAL CG1   HG13   sing N N 457 
VAL CG2   HG21   sing N N 458 
VAL CG2   HG22   sing N N 459 
VAL CG2   HG23   sing N N 460 
VAL OXT   HXT    sing N N 461 
# 
_pdbx_entity_nonpoly.entity_id   3 
_pdbx_entity_nonpoly.name        water 
_pdbx_entity_nonpoly.comp_id     HOH 
# 
_pdbx_initial_refinement_model.id               1 
_pdbx_initial_refinement_model.entity_id_list   ? 
_pdbx_initial_refinement_model.type             'experimental model' 
_pdbx_initial_refinement_model.source_name      PDB 
_pdbx_initial_refinement_model.accession_code   2DGR 
_pdbx_initial_refinement_model.details          ? 
# 
